data_8PKS
#
_entry.id   8PKS
#
_cell.length_a   46.846
_cell.length_b   220.962
_cell.length_c   248.750
_cell.angle_alpha   90.000
_cell.angle_beta   90.000
_cell.angle_gamma   90.000
#
_symmetry.space_group_name_H-M   'P 21 21 21'
#
loop_
_entity.id
_entity.type
_entity.pdbx_description
1 polymer 'Kelch-like ECH-associated protein 1'
2 water water
#
_entity_poly.entity_id   1
_entity_poly.type   'polypeptide(L)'
_entity_poly.pdbx_seq_one_letter_code
;GSHMLLYAVGGFDGTNRLNSAECYYPERNEWRMITAMNTIRSGAGVCVLHNCIYAAGGYDGQDQLNSVERYDVETETWTF
VAPMKHRRSALGITVHQGRIYVLGGYDGHTFLDSVECYDPDTDTWSEVTRMTSGRSGVGVAVT
;
_entity_poly.pdbx_strand_id   A,B,C,D,E,F,G,H,I,J,K,L,M,N
#
# COMPACT_ATOMS: atom_id res chain seq x y z
N HIS A 3 -54.02 7.54 18.03
CA HIS A 3 -53.62 8.39 19.18
C HIS A 3 -52.82 9.58 18.64
N MET A 4 -53.47 10.73 18.45
CA MET A 4 -52.73 11.93 18.01
C MET A 4 -53.46 13.19 18.51
N LEU A 5 -54.79 13.19 18.48
CA LEU A 5 -55.52 14.44 18.85
C LEU A 5 -56.32 14.26 20.14
N LEU A 6 -56.42 15.33 20.94
CA LEU A 6 -57.16 15.29 22.22
C LEU A 6 -58.59 15.80 22.01
N TYR A 7 -59.56 15.05 22.51
CA TYR A 7 -60.96 15.40 22.35
C TYR A 7 -61.60 15.67 23.71
N ALA A 8 -62.44 16.72 23.77
CA ALA A 8 -63.23 17.06 24.95
C ALA A 8 -64.70 16.87 24.58
N VAL A 9 -65.36 15.92 25.22
CA VAL A 9 -66.65 15.41 24.77
C VAL A 9 -67.73 15.78 25.78
N GLY A 10 -68.69 16.62 25.36
CA GLY A 10 -69.85 16.90 26.19
C GLY A 10 -69.51 17.71 27.44
N GLY A 11 -70.32 17.50 28.48
CA GLY A 11 -70.09 18.14 29.77
C GLY A 11 -71.15 19.09 30.29
N PHE A 12 -70.78 19.90 31.28
CA PHE A 12 -71.72 20.82 31.92
C PHE A 12 -70.98 22.12 32.22
N ASP A 13 -71.52 23.25 31.76
CA ASP A 13 -70.88 24.54 31.95
C ASP A 13 -71.48 25.34 33.09
N GLY A 14 -72.32 24.73 33.91
CA GLY A 14 -72.97 25.41 35.01
C GLY A 14 -74.36 25.94 34.69
N THR A 15 -74.71 26.01 33.43
CA THR A 15 -76.03 26.45 32.99
C THR A 15 -76.68 25.46 32.04
N ASN A 16 -75.92 24.95 31.08
CA ASN A 16 -76.41 23.97 30.13
C ASN A 16 -75.51 22.75 30.14
N ARG A 17 -76.10 21.59 29.90
CA ARG A 17 -75.34 20.37 29.66
C ARG A 17 -75.12 20.22 28.16
N LEU A 18 -73.96 19.69 27.81
CA LEU A 18 -73.42 19.79 26.47
C LEU A 18 -73.59 18.49 25.69
N ASN A 19 -73.91 18.61 24.40
CA ASN A 19 -73.77 17.54 23.43
C ASN A 19 -72.65 17.84 22.44
N SER A 20 -71.96 18.95 22.60
CA SER A 20 -70.90 19.35 21.70
C SER A 20 -69.58 18.71 22.09
N ALA A 21 -68.66 18.70 21.13
CA ALA A 21 -67.35 18.10 21.30
C ALA A 21 -66.34 18.97 20.57
N GLU A 22 -65.20 19.20 21.21
CA GLU A 22 -64.13 19.94 20.57
C GLU A 22 -62.84 19.14 20.60
N CYS A 23 -61.96 19.46 19.66
CA CYS A 23 -60.68 18.74 19.53
C CYS A 23 -59.55 19.76 19.59
N TYR A 24 -58.44 19.39 20.22
CA TYR A 24 -57.28 20.31 20.33
C TYR A 24 -56.31 19.98 19.22
N TYR A 25 -55.71 21.02 18.65
CA TYR A 25 -54.75 20.81 17.55
C TYR A 25 -53.39 21.29 18.01
N ARG A 28 -51.48 24.74 15.74
CA ARG A 28 -52.22 26.03 15.72
C ARG A 28 -52.77 26.31 17.11
N ASN A 29 -52.36 25.54 18.12
CA ASN A 29 -53.01 25.64 19.45
C ASN A 29 -54.49 25.53 19.15
N GLU A 30 -55.33 26.32 19.82
CA GLU A 30 -56.76 26.38 19.44
C GLU A 30 -57.54 25.08 19.61
N TRP A 31 -58.68 25.18 20.27
CA TRP A 31 -59.60 24.04 20.36
C TRP A 31 -60.67 24.32 19.30
N ARG A 32 -60.88 23.40 18.38
CA ARG A 32 -61.88 23.56 17.34
C ARG A 32 -63.01 22.56 17.53
N MET A 33 -64.22 22.97 17.18
CA MET A 33 -65.39 22.12 17.34
C MET A 33 -65.39 21.04 16.27
N ILE A 34 -65.90 19.86 16.64
CA ILE A 34 -66.19 18.80 15.67
C ILE A 34 -67.70 18.60 15.62
N THR A 35 -68.13 17.55 14.95
CA THR A 35 -69.56 17.24 14.90
C THR A 35 -70.08 16.91 16.30
N ALA A 36 -71.18 17.54 16.69
CA ALA A 36 -71.74 17.33 18.00
C ALA A 36 -72.44 15.97 18.07
N MET A 37 -72.53 15.43 19.28
CA MET A 37 -73.19 14.16 19.52
C MET A 37 -74.69 14.30 19.25
N ASN A 38 -75.37 13.17 19.17
CA ASN A 38 -76.82 13.18 19.00
C ASN A 38 -77.57 13.38 20.32
N THR A 39 -76.87 13.29 21.46
CA THR A 39 -77.51 13.36 22.77
C THR A 39 -76.68 14.22 23.72
N ILE A 40 -77.37 15.06 24.48
CA ILE A 40 -76.76 15.86 25.54
C ILE A 40 -76.25 14.91 26.62
N ARG A 41 -74.95 14.97 26.91
CA ARG A 41 -74.32 14.04 27.85
C ARG A 41 -73.38 14.80 28.77
N SER A 42 -73.63 14.72 30.06
CA SER A 42 -72.69 15.16 31.09
C SER A 42 -72.34 13.97 31.96
N GLY A 43 -71.08 13.86 32.35
CA GLY A 43 -70.66 12.72 33.16
C GLY A 43 -70.81 11.39 32.45
N ALA A 44 -70.58 11.36 31.14
CA ALA A 44 -70.66 10.14 30.37
C ALA A 44 -69.35 9.35 30.45
N GLY A 45 -69.44 8.06 30.12
CA GLY A 45 -68.24 7.26 29.93
C GLY A 45 -67.74 7.41 28.51
N VAL A 46 -66.51 7.89 28.36
CA VAL A 46 -65.93 8.18 27.06
C VAL A 46 -64.61 7.43 26.94
N CYS A 47 -64.46 6.68 25.85
CA CYS A 47 -63.28 5.86 25.64
C CYS A 47 -63.02 5.72 24.14
N VAL A 48 -61.91 5.07 23.80
CA VAL A 48 -61.48 4.90 22.41
C VAL A 48 -61.30 3.42 22.14
N LEU A 49 -61.95 2.93 21.09
CA LEU A 49 -61.89 1.52 20.71
C LEU A 49 -61.91 1.42 19.20
N HIS A 50 -60.85 0.86 18.62
CA HIS A 50 -60.67 0.73 17.18
C HIS A 50 -60.82 2.09 16.48
N ASN A 51 -60.10 3.08 17.02
CA ASN A 51 -60.02 4.43 16.44
C ASN A 51 -61.38 5.11 16.39
N CYS A 52 -62.31 4.72 17.28
CA CYS A 52 -63.59 5.37 17.42
C CYS A 52 -63.75 5.87 18.85
N ILE A 53 -64.34 7.05 19.00
CA ILE A 53 -64.67 7.58 20.32
C ILE A 53 -66.05 7.10 20.70
N TYR A 54 -66.14 6.40 21.83
CA TYR A 54 -67.43 5.94 22.36
C TYR A 54 -67.87 6.87 23.48
N ALA A 55 -69.19 7.11 23.55
CA ALA A 55 -69.77 7.95 24.60
C ALA A 55 -70.98 7.22 25.18
N ALA A 56 -70.84 6.75 26.41
CA ALA A 56 -71.79 5.84 27.03
C ALA A 56 -72.48 6.52 28.22
N GLY A 57 -73.81 6.48 28.22
CA GLY A 57 -74.56 6.99 29.35
C GLY A 57 -74.41 8.49 29.54
N GLY A 58 -74.50 8.91 30.80
CA GLY A 58 -74.40 10.31 31.17
C GLY A 58 -75.73 10.85 31.66
N TYR A 59 -75.74 12.17 31.85
CA TYR A 59 -76.91 12.88 32.35
C TYR A 59 -77.20 14.06 31.41
N ASP A 60 -78.44 14.15 30.94
CA ASP A 60 -78.81 15.19 29.99
C ASP A 60 -79.51 16.38 30.64
N GLY A 61 -79.53 16.44 31.98
CA GLY A 61 -80.22 17.49 32.70
C GLY A 61 -81.59 17.10 33.22
N GLN A 62 -82.11 15.94 32.82
CA GLN A 62 -83.41 15.48 33.27
C GLN A 62 -83.39 13.98 33.55
N ASP A 63 -82.74 13.21 32.69
CA ASP A 63 -82.75 11.76 32.80
C ASP A 63 -81.33 11.21 32.73
N GLN A 64 -81.13 10.08 33.41
CA GLN A 64 -79.91 9.31 33.25
C GLN A 64 -79.99 8.50 31.95
N LEU A 65 -78.88 8.45 31.23
CA LEU A 65 -78.89 7.91 29.88
C LEU A 65 -78.31 6.50 29.83
N ASN A 66 -78.92 5.65 29.01
CA ASN A 66 -78.38 4.34 28.71
C ASN A 66 -77.89 4.24 27.27
N SER A 67 -78.15 5.24 26.44
CA SER A 67 -77.74 5.20 25.05
C SER A 67 -76.22 5.33 24.91
N VAL A 68 -75.69 4.69 23.88
CA VAL A 68 -74.27 4.74 23.55
C VAL A 68 -74.14 5.13 22.09
N GLU A 69 -73.26 6.08 21.79
CA GLU A 69 -72.96 6.46 20.42
C GLU A 69 -71.45 6.53 20.22
N ARG A 70 -71.01 6.28 18.99
CA ARG A 70 -69.59 6.28 18.67
C ARG A 70 -69.32 7.24 17.52
N TYR A 71 -68.19 7.93 17.63
CA TYR A 71 -67.75 8.90 16.63
C TYR A 71 -66.72 8.26 15.72
N ASP A 72 -66.97 8.30 14.42
CA ASP A 72 -66.03 7.83 13.42
C ASP A 72 -65.24 9.02 12.89
N VAL A 73 -63.93 9.02 13.13
CA VAL A 73 -63.10 10.17 12.74
C VAL A 73 -63.04 10.32 11.23
N GLU A 74 -63.10 9.22 10.49
CA GLU A 74 -63.03 9.31 9.02
C GLU A 74 -64.32 9.89 8.44
N THR A 75 -65.47 9.47 8.96
CA THR A 75 -66.76 9.99 8.52
C THR A 75 -67.23 11.22 9.29
N GLU A 76 -66.61 11.52 10.44
CA GLU A 76 -66.97 12.68 11.26
C GLU A 76 -68.45 12.64 11.64
N THR A 77 -68.94 11.45 11.96
CA THR A 77 -70.36 11.20 12.21
C THR A 77 -70.49 10.40 13.50
N TRP A 78 -71.43 10.81 14.35
CA TRP A 78 -71.78 10.06 15.55
C TRP A 78 -72.92 9.10 15.23
N THR A 79 -72.79 7.86 15.66
CA THR A 79 -73.81 6.84 15.41
C THR A 79 -74.13 6.10 16.70
N PHE A 80 -75.42 5.83 16.92
CA PHE A 80 -75.84 5.02 18.06
C PHE A 80 -75.45 3.57 17.84
N VAL A 81 -75.00 2.92 18.93
CA VAL A 81 -74.82 1.48 18.93
C VAL A 81 -75.80 0.90 19.95
N ALA A 82 -75.64 -0.37 20.29
CA ALA A 82 -76.54 -0.98 21.26
C ALA A 82 -76.48 -0.23 22.59
N PRO A 83 -77.62 0.00 23.23
CA PRO A 83 -77.62 0.69 24.53
C PRO A 83 -77.29 -0.27 25.66
N MET A 84 -76.81 0.32 26.76
CA MET A 84 -76.49 -0.44 27.96
C MET A 84 -77.77 -1.00 28.56
N LYS A 85 -77.61 -2.07 29.36
CA LYS A 85 -78.75 -2.62 30.09
C LYS A 85 -79.23 -1.66 31.17
N HIS A 86 -78.32 -0.85 31.72
CA HIS A 86 -78.64 0.06 32.80
C HIS A 86 -78.36 1.50 32.37
N ARG A 87 -79.31 2.39 32.63
CA ARG A 87 -79.02 3.82 32.59
C ARG A 87 -78.02 4.14 33.71
N ARG A 88 -77.04 4.98 33.39
CA ARG A 88 -76.07 5.32 34.43
C ARG A 88 -75.40 6.65 34.11
N SER A 89 -75.26 7.47 35.14
CA SER A 89 -74.43 8.66 35.14
C SER A 89 -73.35 8.50 36.20
N ALA A 90 -72.25 9.25 36.03
CA ALA A 90 -71.08 9.15 36.90
C ALA A 90 -70.54 7.72 36.94
N LEU A 91 -70.43 7.13 35.75
CA LEU A 91 -69.89 5.78 35.60
C LEU A 91 -68.40 5.83 35.33
N GLY A 92 -67.73 4.73 35.66
CA GLY A 92 -66.36 4.50 35.27
C GLY A 92 -66.33 3.69 33.99
N ILE A 93 -65.30 3.89 33.18
CA ILE A 93 -65.20 3.24 31.88
C ILE A 93 -63.75 2.94 31.58
N THR A 94 -63.50 1.78 30.97
CA THR A 94 -62.18 1.43 30.49
C THR A 94 -62.32 0.47 29.31
N VAL A 95 -61.25 0.39 28.52
CA VAL A 95 -61.18 -0.53 27.39
C VAL A 95 -60.08 -1.55 27.68
N HIS A 96 -60.43 -2.83 27.58
CA HIS A 96 -59.49 -3.91 27.84
C HIS A 96 -59.70 -5.00 26.80
N GLN A 97 -58.67 -5.29 26.03
CA GLN A 97 -58.68 -6.38 25.04
C GLN A 97 -59.82 -6.24 24.04
N GLY A 98 -59.98 -5.03 23.51
CA GLY A 98 -60.95 -4.79 22.46
C GLY A 98 -62.39 -4.70 22.90
N ARG A 99 -62.65 -4.62 24.21
CA ARG A 99 -64.00 -4.53 24.73
C ARG A 99 -64.11 -3.35 25.70
N ILE A 100 -65.29 -2.76 25.78
CA ILE A 100 -65.55 -1.65 26.70
C ILE A 100 -66.15 -2.20 27.99
N TYR A 101 -65.62 -1.75 29.12
CA TYR A 101 -66.14 -2.11 30.43
C TYR A 101 -66.64 -0.85 31.13
N VAL A 102 -67.90 -0.88 31.60
CA VAL A 102 -68.46 0.20 32.40
C VAL A 102 -68.74 -0.34 33.80
N LEU A 103 -68.44 0.49 34.81
CA LEU A 103 -68.52 0.07 36.20
C LEU A 103 -69.40 1.03 36.98
N GLY A 104 -70.46 0.50 37.58
CA GLY A 104 -71.25 1.28 38.52
C GLY A 104 -71.99 2.43 37.88
N GLY A 105 -72.18 3.48 38.66
CA GLY A 105 -72.95 4.63 38.23
C GLY A 105 -74.27 4.73 38.98
N TYR A 106 -75.07 5.70 38.56
CA TYR A 106 -76.33 6.02 39.20
C TYR A 106 -77.43 6.02 38.14
N ASP A 107 -78.47 5.22 38.34
CA ASP A 107 -79.52 5.02 37.35
C ASP A 107 -80.73 5.91 37.54
N GLY A 108 -80.72 6.78 38.56
CA GLY A 108 -81.88 7.58 38.90
C GLY A 108 -82.52 7.20 40.21
N HIS A 109 -82.36 5.95 40.65
CA HIS A 109 -82.81 5.52 41.98
C HIS A 109 -81.79 4.66 42.72
N THR A 110 -80.93 3.92 42.03
CA THR A 110 -80.00 2.99 42.66
C THR A 110 -78.58 3.32 42.27
N PHE A 111 -77.65 3.13 43.21
CA PHE A 111 -76.22 3.18 42.91
C PHE A 111 -75.80 1.80 42.44
N LEU A 112 -75.51 1.66 41.15
CA LEU A 112 -75.36 0.32 40.60
C LEU A 112 -74.03 -0.28 41.00
N ASP A 113 -74.03 -1.60 41.12
CA ASP A 113 -72.77 -2.33 41.16
C ASP A 113 -72.57 -3.17 39.92
N SER A 114 -73.49 -3.08 38.96
CA SER A 114 -73.37 -3.84 37.74
C SER A 114 -72.13 -3.42 36.96
N VAL A 115 -71.51 -4.40 36.29
CA VAL A 115 -70.42 -4.12 35.36
C VAL A 115 -70.82 -4.74 34.03
N GLU A 116 -70.99 -3.90 33.02
CA GLU A 116 -71.38 -4.36 31.69
C GLU A 116 -70.17 -4.35 30.76
N CYS A 117 -70.24 -5.22 29.75
CA CYS A 117 -69.15 -5.43 28.81
C CYS A 117 -69.69 -5.31 27.40
N TYR A 118 -69.07 -4.45 26.61
CA TYR A 118 -69.50 -4.22 25.23
C TYR A 118 -68.57 -4.94 24.28
N ASP A 119 -69.14 -5.80 23.44
CA ASP A 119 -68.41 -6.44 22.35
C ASP A 119 -68.69 -5.68 21.06
N PRO A 120 -67.71 -4.99 20.47
CA PRO A 120 -68.00 -4.25 19.23
C PRO A 120 -68.36 -5.15 18.06
N ASP A 121 -67.80 -6.37 17.99
CA ASP A 121 -68.03 -7.21 16.82
C ASP A 121 -69.48 -7.69 16.74
N THR A 122 -70.09 -8.00 17.88
CA THR A 122 -71.47 -8.43 17.91
C THR A 122 -72.43 -7.34 18.37
N ASP A 123 -71.93 -6.18 18.78
CA ASP A 123 -72.77 -5.06 19.21
C ASP A 123 -73.73 -5.46 20.31
N THR A 124 -73.20 -6.13 21.33
CA THR A 124 -74.00 -6.55 22.48
C THR A 124 -73.38 -5.98 23.75
N TRP A 125 -74.25 -5.66 24.70
CA TRP A 125 -73.86 -5.36 26.06
C TRP A 125 -74.24 -6.54 26.94
N SER A 126 -73.31 -6.97 27.79
CA SER A 126 -73.57 -8.12 28.65
C SER A 126 -72.93 -7.88 30.01
N GLU A 127 -73.68 -8.16 31.07
CA GLU A 127 -73.14 -8.08 32.41
C GLU A 127 -72.09 -9.17 32.61
N VAL A 128 -70.93 -8.79 33.11
CA VAL A 128 -69.81 -9.71 33.24
C VAL A 128 -69.47 -10.06 34.69
N THR A 129 -69.75 -9.16 35.64
CA THR A 129 -69.53 -9.38 37.07
C THR A 129 -70.16 -8.20 37.79
N ARG A 130 -70.08 -8.20 39.12
CA ARG A 130 -70.67 -7.12 39.89
C ARG A 130 -69.71 -6.75 41.01
N MET A 131 -69.54 -5.44 41.23
CA MET A 131 -68.69 -4.97 42.31
C MET A 131 -69.20 -5.51 43.65
N THR A 132 -68.33 -5.42 44.67
CA THR A 132 -68.72 -5.84 46.01
C THR A 132 -69.87 -4.99 46.55
N SER A 133 -70.05 -3.79 46.03
CA SER A 133 -71.13 -2.93 46.50
C SER A 133 -71.51 -1.97 45.40
N GLY A 134 -72.77 -1.53 45.41
CA GLY A 134 -73.21 -0.52 44.48
C GLY A 134 -72.58 0.83 44.81
N ARG A 135 -72.06 1.50 43.79
CA ARG A 135 -71.43 2.79 43.99
C ARG A 135 -71.22 3.47 42.65
N SER A 136 -71.03 4.79 42.71
CA SER A 136 -70.88 5.64 41.53
C SER A 136 -69.60 6.46 41.68
N GLY A 137 -69.29 7.23 40.65
CA GLY A 137 -68.09 8.06 40.65
C GLY A 137 -66.81 7.29 40.86
N VAL A 138 -66.73 6.06 40.38
CA VAL A 138 -65.56 5.24 40.60
C VAL A 138 -64.54 5.53 39.51
N GLY A 139 -63.26 5.44 39.89
CA GLY A 139 -62.20 5.43 38.92
C GLY A 139 -61.85 4.00 38.56
N VAL A 140 -61.60 3.78 37.28
CA VAL A 140 -61.28 2.46 36.76
C VAL A 140 -59.86 2.48 36.21
N ALA A 141 -59.13 1.40 36.45
CA ALA A 141 -57.78 1.28 35.94
C ALA A 141 -57.52 -0.19 35.60
N VAL A 142 -56.75 -0.41 34.54
CA VAL A 142 -56.33 -1.76 34.13
C VAL A 142 -54.81 -1.75 34.06
N THR A 143 -54.16 -2.51 34.94
CA THR A 143 -52.70 -2.64 34.94
C THR A 143 -52.25 -3.93 35.63
N MET B 4 -53.49 -6.34 33.31
CA MET B 4 -54.35 -7.54 33.13
C MET B 4 -55.37 -7.66 34.27
N LEU B 5 -55.28 -6.77 35.26
CA LEU B 5 -56.25 -6.80 36.39
C LEU B 5 -57.10 -5.53 36.38
N LEU B 6 -58.37 -5.65 36.78
CA LEU B 6 -59.28 -4.49 36.79
C LEU B 6 -59.33 -3.90 38.19
N TYR B 7 -59.22 -2.58 38.29
CA TYR B 7 -59.22 -1.90 39.58
C TYR B 7 -60.36 -0.90 39.65
N ALA B 8 -61.10 -0.92 40.76
CA ALA B 8 -62.15 0.06 41.02
C ALA B 8 -61.73 0.90 42.22
N VAL B 9 -61.47 2.19 41.99
CA VAL B 9 -60.86 3.08 42.96
C VAL B 9 -61.89 4.07 43.46
N GLY B 10 -62.02 4.17 44.79
CA GLY B 10 -62.88 5.17 45.39
C GLY B 10 -64.34 4.98 45.05
N GLY B 11 -65.07 6.08 44.99
CA GLY B 11 -66.46 6.08 44.60
C GLY B 11 -67.38 6.56 45.71
N PHE B 12 -68.67 6.34 45.48
CA PHE B 12 -69.73 6.79 46.40
C PHE B 12 -70.85 5.77 46.36
N ASP B 13 -71.09 5.10 47.49
CA ASP B 13 -72.08 4.03 47.55
C ASP B 13 -73.49 4.53 47.87
N GLY B 14 -73.71 5.84 47.89
CA GLY B 14 -75.00 6.41 48.19
C GLY B 14 -75.15 6.94 49.60
N THR B 15 -74.13 6.80 50.44
CA THR B 15 -74.16 7.32 51.80
C THR B 15 -72.82 7.91 52.17
N ASN B 16 -71.75 7.15 51.95
CA ASN B 16 -70.40 7.59 52.27
C ASN B 16 -69.56 7.66 51.00
N ARG B 17 -68.69 8.66 50.94
CA ARG B 17 -67.63 8.65 49.93
C ARG B 17 -66.54 7.68 50.37
N LEU B 18 -65.91 7.04 49.40
CA LEU B 18 -65.00 5.93 49.67
C LEU B 18 -63.56 6.29 49.32
N ASN B 19 -62.64 5.88 50.19
CA ASN B 19 -61.21 5.87 49.89
C ASN B 19 -60.71 4.46 49.62
N SER B 20 -61.60 3.48 49.55
CA SER B 20 -61.20 2.11 49.38
C SER B 20 -61.00 1.79 47.90
N ALA B 21 -60.31 0.68 47.65
CA ALA B 21 -60.06 0.21 46.31
C ALA B 21 -60.12 -1.31 46.32
N GLU B 22 -60.56 -1.89 45.21
CA GLU B 22 -60.61 -3.32 45.09
C GLU B 22 -60.18 -3.75 43.71
N CYS B 23 -59.68 -4.98 43.63
CA CYS B 23 -59.19 -5.52 42.33
C CYS B 23 -59.95 -6.80 42.02
N TYR B 24 -60.24 -7.04 40.75
CA TYR B 24 -60.97 -8.25 40.33
C TYR B 24 -59.96 -9.24 39.80
N TYR B 25 -59.98 -10.45 40.35
CA TYR B 25 -59.05 -11.50 39.89
C TYR B 25 -59.84 -12.40 38.97
N ARG B 28 -60.43 -16.33 39.00
CA ARG B 28 -61.10 -16.84 40.23
C ARG B 28 -62.39 -16.06 40.48
N ASN B 29 -62.91 -15.38 39.46
CA ASN B 29 -64.17 -14.59 39.56
C ASN B 29 -64.37 -14.09 40.99
N GLU B 30 -63.46 -13.23 41.45
CA GLU B 30 -63.54 -12.73 42.84
C GLU B 30 -63.03 -11.29 42.93
N TRP B 31 -63.85 -10.39 43.47
CA TRP B 31 -63.45 -9.02 43.74
C TRP B 31 -62.75 -8.99 45.09
N ARG B 32 -61.50 -8.55 45.10
CA ARG B 32 -60.68 -8.54 46.31
C ARG B 32 -60.23 -7.12 46.63
N MET B 33 -60.34 -6.76 47.91
CA MET B 33 -59.97 -5.44 48.37
C MET B 33 -58.45 -5.30 48.43
N ILE B 34 -57.96 -4.10 48.08
CA ILE B 34 -56.54 -3.81 48.18
C ILE B 34 -56.35 -2.63 49.13
N THR B 35 -55.11 -2.14 49.24
CA THR B 35 -54.81 -1.04 50.14
C THR B 35 -55.68 0.17 49.80
N ALA B 36 -56.31 0.74 50.82
CA ALA B 36 -57.17 1.90 50.64
C ALA B 36 -56.32 3.14 50.37
N MET B 37 -56.94 4.10 49.69
CA MET B 37 -56.29 5.36 49.36
C MET B 37 -56.06 6.19 50.61
N ASN B 38 -55.15 7.16 50.51
CA ASN B 38 -54.91 8.05 51.64
C ASN B 38 -56.03 9.05 51.81
N THR B 39 -56.68 9.45 50.72
CA THR B 39 -57.72 10.47 50.71
C THR B 39 -59.03 9.90 50.18
N ILE B 40 -60.12 10.25 50.85
CA ILE B 40 -61.46 9.92 50.38
C ILE B 40 -61.67 10.61 49.04
N ARG B 41 -61.94 9.83 47.99
CA ARG B 41 -62.09 10.37 46.64
C ARG B 41 -63.30 9.79 45.94
N SER B 42 -64.20 10.66 45.51
CA SER B 42 -65.34 10.28 44.67
C SER B 42 -65.30 11.12 43.40
N GLY B 43 -65.43 10.47 42.25
CA GLY B 43 -65.40 11.19 40.99
C GLY B 43 -64.03 11.78 40.71
N ALA B 44 -62.97 11.08 41.06
CA ALA B 44 -61.61 11.51 40.79
C ALA B 44 -61.18 11.05 39.41
N GLY B 45 -60.15 11.72 38.88
CA GLY B 45 -59.49 11.27 37.67
C GLY B 45 -58.56 10.11 37.98
N VAL B 46 -58.83 8.95 37.37
CA VAL B 46 -58.09 7.73 37.63
C VAL B 46 -57.59 7.18 36.32
N CYS B 47 -56.29 6.92 36.23
CA CYS B 47 -55.66 6.43 35.01
C CYS B 47 -54.46 5.58 35.38
N VAL B 48 -53.82 5.02 34.36
CA VAL B 48 -52.64 4.18 34.52
C VAL B 48 -51.52 4.83 33.73
N LEU B 49 -50.47 5.26 34.43
CA LEU B 49 -49.29 5.84 33.80
C LEU B 49 -48.12 4.91 34.07
N HIS B 50 -47.48 4.45 33.00
CA HIS B 50 -46.51 3.36 33.09
C HIS B 50 -47.19 2.15 33.72
N ASN B 51 -46.89 1.81 34.97
CA ASN B 51 -47.59 0.69 35.58
C ASN B 51 -48.20 1.04 36.93
N CYS B 52 -48.46 2.31 37.17
CA CYS B 52 -48.99 2.81 38.43
C CYS B 52 -50.39 3.39 38.22
N ILE B 53 -51.22 3.25 39.23
CA ILE B 53 -52.57 3.83 39.21
C ILE B 53 -52.47 5.22 39.84
N TYR B 54 -52.89 6.23 39.09
CA TYR B 54 -52.97 7.60 39.59
C TYR B 54 -54.42 7.94 39.90
N ALA B 55 -54.63 8.63 41.01
CA ALA B 55 -55.96 9.14 41.36
C ALA B 55 -55.79 10.63 41.64
N ALA B 56 -56.42 11.46 40.82
CA ALA B 56 -56.23 12.90 40.86
C ALA B 56 -57.55 13.57 41.18
N GLY B 57 -57.53 14.48 42.15
CA GLY B 57 -58.71 15.24 42.47
C GLY B 57 -59.82 14.39 43.07
N GLY B 58 -61.05 14.80 42.82
CA GLY B 58 -62.23 14.17 43.37
C GLY B 58 -62.86 15.01 44.46
N TYR B 59 -63.90 14.44 45.06
CA TYR B 59 -64.69 15.04 46.12
C TYR B 59 -64.67 14.13 47.32
N ASP B 60 -64.27 14.65 48.48
CA ASP B 60 -64.20 13.86 49.71
C ASP B 60 -65.45 13.96 50.56
N GLY B 61 -66.43 14.77 50.16
CA GLY B 61 -67.66 14.96 50.91
C GLY B 61 -67.85 16.39 51.40
N GLN B 62 -66.76 17.08 51.71
CA GLN B 62 -66.80 18.48 52.10
C GLN B 62 -66.09 19.39 51.10
N ASP B 63 -64.91 19.00 50.61
CA ASP B 63 -64.12 19.85 49.73
C ASP B 63 -63.77 19.12 48.44
N GLN B 64 -63.48 19.91 47.41
CA GLN B 64 -62.90 19.38 46.19
C GLN B 64 -61.40 19.22 46.37
N LEU B 65 -60.84 18.19 45.73
CA LEU B 65 -59.46 17.78 45.98
C LEU B 65 -58.53 18.22 44.84
N ASN B 66 -57.33 18.66 45.21
CA ASN B 66 -56.25 18.85 44.25
C ASN B 66 -55.12 17.84 44.42
N SER B 67 -55.15 17.04 45.48
CA SER B 67 -54.08 16.09 45.74
C SER B 67 -54.12 14.94 44.73
N VAL B 68 -52.95 14.33 44.52
CA VAL B 68 -52.77 13.23 43.58
C VAL B 68 -51.94 12.17 44.27
N GLU B 69 -52.49 10.96 44.38
CA GLU B 69 -51.74 9.85 44.92
C GLU B 69 -51.61 8.74 43.89
N ARG B 70 -50.56 7.95 44.04
CA ARG B 70 -50.18 6.95 43.05
C ARG B 70 -50.02 5.60 43.74
N TYR B 71 -50.68 4.59 43.21
CA TYR B 71 -50.61 3.24 43.76
C TYR B 71 -49.59 2.41 42.98
N ASP B 72 -48.64 1.84 43.70
CA ASP B 72 -47.62 0.98 43.13
C ASP B 72 -48.07 -0.47 43.34
N VAL B 73 -48.33 -1.17 42.24
CA VAL B 73 -48.79 -2.55 42.33
C VAL B 73 -47.75 -3.43 43.00
N GLU B 74 -46.46 -3.14 42.78
CA GLU B 74 -45.39 -3.91 43.40
C GLU B 74 -45.36 -3.71 44.91
N THR B 75 -45.24 -2.45 45.36
CA THR B 75 -45.13 -2.17 46.78
C THR B 75 -46.47 -2.11 47.51
N GLU B 76 -47.59 -2.15 46.77
CA GLU B 76 -48.93 -2.21 47.37
C GLU B 76 -49.23 -1.00 48.24
N THR B 77 -48.66 0.16 47.90
CA THR B 77 -48.81 1.36 48.71
C THR B 77 -49.21 2.54 47.83
N TRP B 78 -49.94 3.48 48.42
CA TRP B 78 -50.31 4.74 47.78
C TRP B 78 -49.35 5.83 48.23
N THR B 79 -48.90 6.65 47.28
CA THR B 79 -47.96 7.73 47.55
C THR B 79 -48.46 9.02 46.93
N PHE B 80 -48.43 10.10 47.70
CA PHE B 80 -48.75 11.42 47.17
C PHE B 80 -47.65 11.91 46.23
N VAL B 81 -48.05 12.46 45.08
CA VAL B 81 -47.13 13.14 44.18
C VAL B 81 -47.50 14.62 44.15
N ALA B 82 -47.01 15.35 43.16
CA ALA B 82 -47.26 16.79 43.14
C ALA B 82 -48.76 17.05 42.94
N PRO B 83 -49.36 18.03 43.67
CA PRO B 83 -50.78 18.31 43.51
C PRO B 83 -51.09 19.14 42.26
N MET B 84 -52.33 19.04 41.78
CA MET B 84 -52.74 19.85 40.61
C MET B 84 -52.86 21.31 41.06
N LYS B 85 -52.65 22.24 40.13
CA LYS B 85 -52.76 23.68 40.46
C LYS B 85 -54.20 24.01 40.86
N HIS B 86 -55.16 23.20 40.44
CA HIS B 86 -56.56 23.49 40.73
C HIS B 86 -57.22 22.29 41.38
N ARG B 87 -58.07 22.55 42.37
CA ARG B 87 -58.96 21.51 42.89
C ARG B 87 -60.02 21.18 41.85
N ARG B 88 -60.32 19.89 41.69
CA ARG B 88 -61.22 19.45 40.64
C ARG B 88 -62.01 18.24 41.09
N SER B 89 -63.33 18.33 40.99
CA SER B 89 -64.20 17.18 40.97
C SER B 89 -64.88 17.13 39.60
N ALA B 90 -65.29 15.92 39.20
CA ALA B 90 -65.94 15.68 37.90
C ALA B 90 -65.04 16.13 36.74
N LEU B 91 -63.76 15.76 36.83
CA LEU B 91 -62.78 16.09 35.82
C LEU B 91 -62.63 14.94 34.83
N GLY B 92 -62.19 15.28 33.62
CA GLY B 92 -61.80 14.28 32.65
C GLY B 92 -60.31 14.02 32.73
N ILE B 93 -59.91 12.82 32.30
CA ILE B 93 -58.51 12.44 32.45
C ILE B 93 -58.15 11.44 31.36
N THR B 94 -56.91 11.55 30.87
CA THR B 94 -56.38 10.61 29.89
C THR B 94 -54.86 10.61 30.02
N VAL B 95 -54.25 9.58 29.45
CA VAL B 95 -52.80 9.47 29.37
C VAL B 95 -52.40 9.52 27.90
N HIS B 96 -51.33 10.25 27.60
CA HIS B 96 -50.89 10.41 26.22
C HIS B 96 -49.40 10.75 26.19
N GLN B 97 -48.62 9.87 25.55
CA GLN B 97 -47.16 10.03 25.44
C GLN B 97 -46.53 10.24 26.81
N GLY B 98 -46.79 9.31 27.73
CA GLY B 98 -46.16 9.33 29.03
C GLY B 98 -46.52 10.49 29.91
N ARG B 99 -47.70 11.09 29.73
CA ARG B 99 -48.12 12.21 30.56
C ARG B 99 -49.61 12.10 30.84
N ILE B 100 -50.03 12.73 31.93
CA ILE B 100 -51.44 12.77 32.33
C ILE B 100 -52.01 14.13 31.95
N TYR B 101 -53.20 14.12 31.37
CA TYR B 101 -53.95 15.35 31.07
C TYR B 101 -55.25 15.33 31.86
N VAL B 102 -55.50 16.38 32.64
CA VAL B 102 -56.77 16.58 33.31
C VAL B 102 -57.47 17.78 32.68
N LEU B 103 -58.79 17.67 32.49
CA LEU B 103 -59.56 18.66 31.74
C LEU B 103 -60.78 19.08 32.55
N GLY B 104 -60.87 20.38 32.84
CA GLY B 104 -62.03 20.98 33.44
C GLY B 104 -62.34 20.45 34.83
N GLY B 105 -63.62 20.38 35.13
CA GLY B 105 -64.10 19.97 36.44
C GLY B 105 -64.67 21.14 37.21
N TYR B 106 -65.05 20.84 38.44
CA TYR B 106 -65.63 21.81 39.37
C TYR B 106 -64.69 21.99 40.54
N ASP B 107 -64.43 23.25 40.92
CA ASP B 107 -63.50 23.55 42.00
C ASP B 107 -64.21 24.07 43.26
N GLY B 108 -65.53 23.93 43.34
CA GLY B 108 -66.29 24.39 44.48
C GLY B 108 -66.98 25.72 44.28
N HIS B 109 -66.74 26.39 43.16
CA HIS B 109 -67.36 27.68 42.90
C HIS B 109 -67.40 27.96 41.41
N THR B 110 -66.40 27.47 40.68
CA THR B 110 -66.24 27.76 39.26
C THR B 110 -66.11 26.46 38.47
N PHE B 111 -66.78 26.41 37.33
CA PHE B 111 -66.56 25.34 36.37
C PHE B 111 -65.32 25.66 35.56
N LEU B 112 -64.34 24.75 35.58
CA LEU B 112 -63.00 25.07 35.11
C LEU B 112 -62.85 24.87 33.61
N ASP B 113 -62.07 25.76 32.97
CA ASP B 113 -61.62 25.56 31.61
C ASP B 113 -60.14 25.20 31.55
N SER B 114 -59.50 25.02 32.70
CA SER B 114 -58.08 24.75 32.76
C SER B 114 -57.78 23.31 32.33
N VAL B 115 -56.68 23.13 31.62
CA VAL B 115 -56.15 21.82 31.28
C VAL B 115 -54.73 21.75 31.81
N GLU B 116 -54.46 20.73 32.63
CA GLU B 116 -53.15 20.55 33.26
C GLU B 116 -52.50 19.27 32.75
N CYS B 117 -51.18 19.26 32.73
CA CYS B 117 -50.39 18.17 32.19
C CYS B 117 -49.35 17.76 33.21
N TYR B 118 -49.32 16.47 33.55
CA TYR B 118 -48.41 15.96 34.57
C TYR B 118 -47.27 15.20 33.92
N ASP B 119 -46.04 15.63 34.19
CA ASP B 119 -44.85 14.89 33.78
C ASP B 119 -44.38 14.06 34.95
N PRO B 120 -44.41 12.72 34.87
CA PRO B 120 -43.96 11.92 36.00
C PRO B 120 -42.45 11.99 36.24
N ASP B 121 -41.65 12.29 35.22
CA ASP B 121 -40.20 12.34 35.42
C ASP B 121 -39.79 13.54 36.26
N THR B 122 -40.37 14.71 35.98
CA THR B 122 -40.07 15.92 36.74
C THR B 122 -41.07 16.17 37.88
N ASP B 123 -42.08 15.30 38.04
CA ASP B 123 -43.10 15.44 39.08
C ASP B 123 -43.70 16.85 39.09
N THR B 124 -44.14 17.32 37.92
CA THR B 124 -44.64 18.68 37.78
C THR B 124 -45.93 18.70 36.98
N TRP B 125 -46.89 19.51 37.43
CA TRP B 125 -48.06 19.87 36.65
C TRP B 125 -47.82 21.20 35.96
N SER B 126 -48.31 21.33 34.72
CA SER B 126 -48.19 22.58 34.01
C SER B 126 -49.49 22.83 33.25
N GLU B 127 -49.95 24.08 33.25
CA GLU B 127 -51.15 24.45 32.52
C GLU B 127 -50.81 24.52 31.04
N VAL B 128 -51.33 23.60 30.25
CA VAL B 128 -50.98 23.55 28.83
C VAL B 128 -51.82 24.54 28.02
N THR B 129 -53.13 24.52 28.21
CA THR B 129 -54.02 25.37 27.43
C THR B 129 -55.32 25.52 28.20
N ARG B 130 -56.30 26.14 27.54
CA ARG B 130 -57.62 26.33 28.17
C ARG B 130 -58.68 25.91 27.16
N MET B 131 -59.74 25.26 27.64
CA MET B 131 -60.85 24.85 26.75
C MET B 131 -61.65 26.11 26.38
N THR B 132 -62.49 26.01 25.37
CA THR B 132 -63.23 27.20 24.89
C THR B 132 -64.11 27.76 26.01
N SER B 133 -64.40 26.97 27.03
CA SER B 133 -65.31 27.40 28.08
C SER B 133 -65.08 26.53 29.31
N GLY B 134 -65.33 27.11 30.48
CA GLY B 134 -65.27 26.34 31.71
C GLY B 134 -66.38 25.32 31.75
N ARG B 135 -66.04 24.09 32.12
CA ARG B 135 -67.02 23.01 32.07
C ARG B 135 -66.55 21.84 32.93
N SER B 136 -67.49 20.96 33.25
CA SER B 136 -67.28 19.82 34.12
C SER B 136 -68.01 18.62 33.56
N GLY B 137 -67.67 17.44 34.10
CA GLY B 137 -68.26 16.19 33.62
C GLY B 137 -67.97 15.88 32.17
N VAL B 138 -66.74 16.12 31.72
CA VAL B 138 -66.38 15.94 30.32
C VAL B 138 -65.72 14.59 30.12
N GLY B 139 -65.97 14.01 28.95
CA GLY B 139 -65.27 12.81 28.53
C GLY B 139 -64.06 13.20 27.70
N VAL B 140 -62.94 12.57 27.99
CA VAL B 140 -61.69 12.84 27.29
C VAL B 140 -61.32 11.61 26.48
N ALA B 141 -60.81 11.83 25.27
CA ALA B 141 -60.39 10.75 24.39
C ALA B 141 -59.18 11.20 23.57
N VAL B 142 -58.25 10.28 23.35
CA VAL B 142 -57.10 10.52 22.47
C VAL B 142 -57.12 9.48 21.36
N THR B 143 -57.15 9.94 20.12
CA THR B 143 -57.17 9.07 18.96
C THR B 143 -56.88 9.86 17.69
N LEU C 5 -27.65 14.94 39.87
CA LEU C 5 -26.33 14.39 40.20
C LEU C 5 -25.71 13.62 39.04
N LEU C 6 -24.38 13.61 38.97
CA LEU C 6 -23.66 12.94 37.90
C LEU C 6 -23.13 11.61 38.40
N TYR C 7 -23.39 10.55 37.63
CA TYR C 7 -22.96 9.19 37.99
C TYR C 7 -21.99 8.65 36.95
N ALA C 8 -20.94 7.99 37.43
CA ALA C 8 -20.04 7.22 36.58
C ALA C 8 -20.23 5.75 36.92
N VAL C 9 -20.57 4.94 35.92
CA VAL C 9 -20.98 3.55 36.11
C VAL C 9 -20.00 2.63 35.41
N GLY C 10 -19.42 1.69 36.17
CA GLY C 10 -18.64 0.61 35.59
C GLY C 10 -17.37 1.08 34.89
N GLY C 11 -16.92 0.28 33.92
CA GLY C 11 -15.74 0.64 33.18
C GLY C 11 -14.54 -0.29 33.34
N PHE C 12 -13.35 0.23 33.09
CA PHE C 12 -12.12 -0.55 33.07
C PHE C 12 -10.99 0.34 33.54
N ASP C 13 -10.22 -0.11 34.55
CA ASP C 13 -9.13 0.66 35.11
C ASP C 13 -7.77 0.22 34.61
N GLY C 14 -7.73 -0.58 33.54
CA GLY C 14 -6.49 -1.11 33.02
C GLY C 14 -6.11 -2.47 33.57
N THR C 15 -6.71 -2.89 34.67
CA THR C 15 -6.50 -4.21 35.23
C THR C 15 -7.81 -4.94 35.52
N ASN C 16 -8.79 -4.26 36.09
CA ASN C 16 -10.06 -4.87 36.46
C ASN C 16 -11.20 -4.18 35.72
N ARG C 17 -12.11 -4.97 35.15
CA ARG C 17 -13.39 -4.41 34.77
C ARG C 17 -14.20 -4.14 36.04
N LEU C 18 -15.06 -3.13 35.99
CA LEU C 18 -15.66 -2.59 37.20
C LEU C 18 -17.16 -2.85 37.21
N ASN C 19 -17.66 -3.34 38.34
CA ASN C 19 -19.08 -3.35 38.63
C ASN C 19 -19.49 -2.18 39.50
N SER C 20 -18.56 -1.30 39.83
CA SER C 20 -18.83 -0.24 40.79
C SER C 20 -19.32 1.02 40.08
N ALA C 21 -19.89 1.91 40.87
CA ALA C 21 -20.38 3.18 40.36
C ALA C 21 -20.19 4.23 41.45
N GLU C 22 -19.94 5.45 41.02
CA GLU C 22 -19.75 6.58 41.93
C GLU C 22 -20.56 7.77 41.47
N CYS C 23 -20.82 8.67 42.41
CA CYS C 23 -21.65 9.84 42.18
C CYS C 23 -20.91 11.10 42.62
N TYR C 24 -20.95 12.13 41.78
CA TYR C 24 -20.26 13.38 42.07
C TYR C 24 -21.19 14.29 42.86
N TYR C 25 -20.73 14.73 44.02
CA TYR C 25 -21.50 15.65 44.85
C TYR C 25 -20.86 17.04 44.76
N PRO C 26 -21.46 17.97 44.02
CA PRO C 26 -20.79 19.26 43.79
C PRO C 26 -20.77 20.15 45.03
N GLU C 27 -21.48 19.77 46.09
CA GLU C 27 -21.47 20.57 47.30
C GLU C 27 -20.13 20.58 48.00
N ARG C 28 -19.20 19.69 47.61
CA ARG C 28 -17.90 19.64 48.25
C ARG C 28 -16.82 19.09 47.34
N ASN C 29 -17.08 19.01 46.03
CA ASN C 29 -16.10 18.50 45.07
C ASN C 29 -15.62 17.11 45.49
N GLU C 30 -16.57 16.20 45.65
CA GLU C 30 -16.29 14.88 46.20
C GLU C 30 -17.03 13.83 45.39
N TRP C 31 -16.29 12.85 44.87
CA TRP C 31 -16.88 11.63 44.31
C TRP C 31 -17.00 10.60 45.42
N ARG C 32 -18.17 10.00 45.55
CA ARG C 32 -18.42 9.01 46.58
C ARG C 32 -19.08 7.77 45.97
N MET C 33 -18.79 6.62 46.56
CA MET C 33 -19.30 5.37 46.02
C MET C 33 -20.81 5.22 46.28
N ILE C 34 -21.47 4.49 45.39
CA ILE C 34 -22.85 4.06 45.61
C ILE C 34 -22.84 2.54 45.61
N THR C 35 -24.02 1.93 45.67
CA THR C 35 -24.09 0.48 45.60
C THR C 35 -23.61 0.00 44.24
N ALA C 36 -22.81 -1.07 44.26
CA ALA C 36 -22.29 -1.62 43.02
C ALA C 36 -23.38 -2.35 42.25
N MET C 37 -23.25 -2.38 40.94
CA MET C 37 -24.10 -3.22 40.12
C MET C 37 -23.89 -4.68 40.48
N ASN C 38 -24.89 -5.51 40.13
CA ASN C 38 -24.76 -6.94 40.35
C ASN C 38 -23.71 -7.55 39.44
N THR C 39 -23.47 -6.94 38.28
CA THR C 39 -22.61 -7.50 37.25
C THR C 39 -21.48 -6.54 36.93
N ILE C 40 -20.28 -7.09 36.76
CA ILE C 40 -19.15 -6.34 36.24
C ILE C 40 -19.46 -5.94 34.81
N ARG C 41 -19.33 -4.64 34.50
CA ARG C 41 -19.66 -4.15 33.16
C ARG C 41 -18.64 -3.12 32.71
N SER C 42 -17.96 -3.39 31.61
CA SER C 42 -17.12 -2.44 30.93
C SER C 42 -17.66 -2.23 29.52
N GLY C 43 -17.74 -0.98 29.10
CA GLY C 43 -18.28 -0.70 27.78
C GLY C 43 -19.75 -1.07 27.65
N ALA C 44 -20.55 -0.75 28.65
CA ALA C 44 -21.98 -0.98 28.56
C ALA C 44 -22.68 0.28 28.06
N GLY C 45 -23.94 0.10 27.65
CA GLY C 45 -24.77 1.24 27.37
C GLY C 45 -25.43 1.69 28.66
N VAL C 46 -25.14 2.92 29.09
CA VAL C 46 -25.70 3.47 30.31
C VAL C 46 -26.53 4.70 29.95
N CYS C 47 -27.76 4.75 30.47
CA CYS C 47 -28.65 5.86 30.21
C CYS C 47 -29.59 6.07 31.39
N VAL C 48 -30.39 7.12 31.29
CA VAL C 48 -31.40 7.48 32.27
C VAL C 48 -32.76 7.38 31.62
N LEU C 49 -33.66 6.63 32.24
CA LEU C 49 -35.04 6.51 31.77
C LEU C 49 -35.95 6.51 32.97
N HIS C 50 -36.84 7.51 33.04
CA HIS C 50 -37.77 7.69 34.17
C HIS C 50 -37.04 7.69 35.50
N ASN C 51 -36.03 8.56 35.61
CA ASN C 51 -35.26 8.76 36.84
C ASN C 51 -34.55 7.49 37.31
N CYS C 52 -34.30 6.57 36.39
CA CYS C 52 -33.59 5.34 36.70
C CYS C 52 -32.38 5.21 35.79
N ILE C 53 -31.28 4.73 36.35
CA ILE C 53 -30.06 4.50 35.58
C ILE C 53 -30.07 3.05 35.10
N TYR C 54 -30.08 2.87 33.78
CA TYR C 54 -30.00 1.54 33.18
C TYR C 54 -28.57 1.25 32.76
N ALA C 55 -28.17 0.00 32.90
CA ALA C 55 -26.88 -0.49 32.43
C ALA C 55 -27.13 -1.76 31.63
N ALA C 56 -26.89 -1.71 30.33
CA ALA C 56 -27.20 -2.80 29.42
C ALA C 56 -25.92 -3.34 28.80
N GLY C 57 -25.72 -4.65 28.88
CA GLY C 57 -24.61 -5.26 28.19
C GLY C 57 -23.27 -4.92 28.81
N GLY C 58 -22.26 -4.81 27.95
CA GLY C 58 -20.90 -4.58 28.37
C GLY C 58 -20.07 -5.84 28.30
N TYR C 59 -18.86 -5.72 28.84
CA TYR C 59 -17.88 -6.79 28.87
C TYR C 59 -17.37 -6.91 30.29
N ASP C 60 -17.34 -8.14 30.82
CA ASP C 60 -16.95 -8.37 32.21
C ASP C 60 -15.54 -8.96 32.31
N GLY C 61 -14.73 -8.80 31.28
CA GLY C 61 -13.40 -9.36 31.27
C GLY C 61 -13.30 -10.77 30.72
N GLN C 62 -14.42 -11.38 30.35
CA GLN C 62 -14.40 -12.74 29.83
C GLN C 62 -15.53 -12.99 28.85
N ASP C 63 -16.69 -12.37 29.09
CA ASP C 63 -17.86 -12.57 28.23
C ASP C 63 -18.57 -11.25 27.99
N GLN C 64 -18.98 -11.03 26.75
CA GLN C 64 -19.90 -9.95 26.44
C GLN C 64 -21.27 -10.26 27.04
N LEU C 65 -21.91 -9.25 27.61
CA LEU C 65 -23.12 -9.45 28.38
C LEU C 65 -24.35 -9.02 27.60
N ASN C 66 -25.47 -9.69 27.88
CA ASN C 66 -26.77 -9.28 27.39
C ASN C 66 -27.71 -8.85 28.51
N SER C 67 -27.34 -9.05 29.76
CA SER C 67 -28.20 -8.69 30.89
C SER C 67 -28.27 -7.17 31.05
N VAL C 68 -29.33 -6.72 31.71
CA VAL C 68 -29.63 -5.30 31.88
C VAL C 68 -30.06 -5.09 33.33
N GLU C 69 -29.45 -4.12 34.00
CA GLU C 69 -29.89 -3.76 35.35
C GLU C 69 -30.18 -2.26 35.42
N ARG C 70 -30.99 -1.90 36.41
CA ARG C 70 -31.41 -0.52 36.59
C ARG C 70 -31.24 -0.12 38.05
N TYR C 71 -30.77 1.11 38.25
CA TYR C 71 -30.54 1.66 39.58
C TYR C 71 -31.67 2.61 39.94
N ASP C 72 -32.31 2.36 41.07
CA ASP C 72 -33.38 3.20 41.59
C ASP C 72 -32.78 4.10 42.66
N VAL C 73 -32.72 5.40 42.38
CA VAL C 73 -31.99 6.32 43.25
C VAL C 73 -32.63 6.40 44.62
N GLU C 74 -33.94 6.23 44.72
CA GLU C 74 -34.59 6.32 46.01
C GLU C 74 -34.33 5.08 46.86
N THR C 75 -34.24 3.91 46.24
CA THR C 75 -34.04 2.68 46.98
C THR C 75 -32.58 2.24 47.01
N GLU C 76 -31.72 2.84 46.19
CA GLU C 76 -30.29 2.54 46.17
C GLU C 76 -30.03 1.07 45.90
N THR C 77 -30.81 0.49 44.99
CA THR C 77 -30.70 -0.93 44.65
C THR C 77 -30.62 -1.08 43.15
N TRP C 78 -29.85 -2.08 42.71
CA TRP C 78 -29.78 -2.45 41.31
C TRP C 78 -30.67 -3.67 41.09
N THR C 79 -31.48 -3.62 40.03
CA THR C 79 -32.46 -4.66 39.76
C THR C 79 -32.33 -5.11 38.32
N PHE C 80 -32.23 -6.41 38.11
CA PHE C 80 -32.19 -6.94 36.76
C PHE C 80 -33.55 -6.75 36.09
N VAL C 81 -33.51 -6.31 34.84
CA VAL C 81 -34.72 -6.26 34.03
C VAL C 81 -34.55 -7.27 32.89
N ALA C 82 -35.40 -7.18 31.88
CA ALA C 82 -35.33 -8.15 30.79
C ALA C 82 -34.01 -8.01 30.05
N PRO C 83 -33.39 -9.16 29.66
CA PRO C 83 -32.15 -9.12 28.91
C PRO C 83 -32.33 -8.74 27.44
N MET C 84 -31.27 -8.22 26.84
CA MET C 84 -31.31 -7.92 25.39
C MET C 84 -31.19 -9.26 24.65
N LYS C 85 -31.68 -9.31 23.43
CA LYS C 85 -31.59 -10.55 22.62
C LYS C 85 -30.12 -10.83 22.28
N HIS C 86 -29.33 -9.79 22.05
CA HIS C 86 -27.94 -10.02 21.67
C HIS C 86 -27.01 -9.49 22.75
N ARG C 87 -26.06 -10.32 23.18
CA ARG C 87 -24.94 -9.81 23.98
C ARG C 87 -24.17 -8.79 23.16
N ARG C 88 -23.65 -7.77 23.84
CA ARG C 88 -22.94 -6.73 23.12
C ARG C 88 -22.15 -5.88 24.10
N SER C 89 -20.91 -5.57 23.72
CA SER C 89 -20.12 -4.50 24.32
C SER C 89 -19.81 -3.47 23.24
N ALA C 90 -19.32 -2.31 23.66
CA ALA C 90 -19.06 -1.19 22.76
C ALA C 90 -20.31 -0.86 21.93
N LEU C 91 -21.44 -0.82 22.60
CA LEU C 91 -22.72 -0.52 21.98
C LEU C 91 -23.04 0.96 22.14
N GLY C 92 -23.82 1.49 21.20
CA GLY C 92 -24.40 2.81 21.37
C GLY C 92 -25.74 2.72 22.07
N ILE C 93 -26.09 3.78 22.80
CA ILE C 93 -27.34 3.80 23.55
C ILE C 93 -27.89 5.21 23.56
N THR C 94 -29.22 5.31 23.44
CA THR C 94 -29.92 6.57 23.62
C THR C 94 -31.32 6.27 24.15
N VAL C 95 -31.99 7.33 24.62
CA VAL C 95 -33.37 7.26 25.08
C VAL C 95 -34.20 8.21 24.24
N HIS C 96 -35.35 7.73 23.77
CA HIS C 96 -36.22 8.56 22.94
C HIS C 96 -37.66 8.14 23.18
N GLN C 97 -38.49 9.10 23.62
CA GLN C 97 -39.93 8.88 23.83
C GLN C 97 -40.19 7.68 24.76
N GLY C 98 -39.49 7.67 25.89
CA GLY C 98 -39.75 6.67 26.91
C GLY C 98 -39.27 5.28 26.59
N ARG C 99 -38.33 5.13 25.65
CA ARG C 99 -37.80 3.83 25.30
C ARG C 99 -36.29 3.94 25.11
N ILE C 100 -35.59 2.84 25.42
CA ILE C 100 -34.15 2.74 25.23
C ILE C 100 -33.88 2.12 23.86
N TYR C 101 -32.95 2.71 23.12
CA TYR C 101 -32.45 2.14 21.87
C TYR C 101 -30.98 1.80 22.04
N VAL C 102 -30.62 0.55 21.72
CA VAL C 102 -29.22 0.12 21.67
C VAL C 102 -28.87 -0.17 20.22
N LEU C 103 -27.68 0.26 19.80
CA LEU C 103 -27.25 0.17 18.41
C LEU C 103 -25.90 -0.53 18.33
N GLY C 104 -25.85 -1.64 17.60
CA GLY C 104 -24.57 -2.26 17.26
C GLY C 104 -23.86 -2.87 18.45
N GLY C 105 -22.54 -2.88 18.37
CA GLY C 105 -21.70 -3.49 19.38
C GLY C 105 -20.99 -4.71 18.83
N TYR C 106 -20.29 -5.39 19.76
CA TYR C 106 -19.55 -6.60 19.47
C TYR C 106 -19.98 -7.65 20.47
N ASP C 107 -20.22 -8.87 19.99
CA ASP C 107 -20.75 -9.94 20.84
C ASP C 107 -19.74 -11.03 21.12
N GLY C 108 -18.47 -10.81 20.80
CA GLY C 108 -17.46 -11.83 20.95
C GLY C 108 -17.25 -12.71 19.75
N HIS C 109 -17.92 -12.43 18.63
CA HIS C 109 -17.76 -13.23 17.42
C HIS C 109 -17.95 -12.36 16.18
N THR C 110 -19.03 -11.57 16.14
CA THR C 110 -19.33 -10.70 15.02
C THR C 110 -19.59 -9.28 15.52
N PHE C 111 -19.59 -8.34 14.57
CA PHE C 111 -19.95 -6.95 14.86
C PHE C 111 -21.41 -6.75 14.50
N LEU C 112 -22.21 -6.41 15.50
CA LEU C 112 -23.66 -6.45 15.35
C LEU C 112 -24.18 -5.28 14.53
N ASP C 113 -25.19 -5.57 13.71
CA ASP C 113 -25.99 -4.54 13.06
C ASP C 113 -27.34 -4.36 13.75
N SER C 114 -27.63 -5.15 14.77
CA SER C 114 -28.94 -5.15 15.40
C SER C 114 -29.16 -3.86 16.20
N VAL C 115 -30.38 -3.33 16.08
CA VAL C 115 -30.86 -2.23 16.90
C VAL C 115 -32.05 -2.75 17.70
N GLU C 116 -31.92 -2.73 19.02
CA GLU C 116 -32.98 -3.21 19.90
C GLU C 116 -33.58 -2.05 20.67
N CYS C 117 -34.84 -2.21 21.06
CA CYS C 117 -35.63 -1.16 21.70
C CYS C 117 -36.28 -1.73 22.95
N TYR C 118 -36.07 -1.08 24.09
CA TYR C 118 -36.60 -1.55 25.37
C TYR C 118 -37.80 -0.70 25.76
N ASP C 119 -38.94 -1.37 25.98
CA ASP C 119 -40.14 -0.73 26.50
C ASP C 119 -40.22 -0.99 28.00
N PRO C 120 -40.11 0.03 28.86
CA PRO C 120 -40.13 -0.25 30.31
C PRO C 120 -41.51 -0.62 30.84
N ASP C 121 -42.59 -0.15 30.19
CA ASP C 121 -43.92 -0.52 30.67
C ASP C 121 -44.17 -2.02 30.54
N THR C 122 -43.63 -2.66 29.50
CA THR C 122 -43.82 -4.08 29.28
C THR C 122 -42.61 -4.94 29.61
N ASP C 123 -41.48 -4.33 29.99
CA ASP C 123 -40.24 -5.05 30.26
C ASP C 123 -39.86 -5.99 29.11
N THR C 124 -39.88 -5.46 27.88
CA THR C 124 -39.57 -6.27 26.71
C THR C 124 -38.60 -5.53 25.79
N TRP C 125 -37.75 -6.31 25.13
CA TRP C 125 -36.88 -5.77 24.09
C TRP C 125 -37.40 -6.21 22.73
N SER C 126 -37.25 -5.35 21.74
CA SER C 126 -37.71 -5.66 20.38
C SER C 126 -36.69 -5.15 19.39
N GLU C 127 -36.45 -5.93 18.34
CA GLU C 127 -35.60 -5.48 17.25
C GLU C 127 -36.36 -4.44 16.42
N VAL C 128 -35.81 -3.23 16.31
CA VAL C 128 -36.47 -2.19 15.53
C VAL C 128 -36.01 -2.23 14.08
N THR C 129 -34.73 -2.48 13.85
CA THR C 129 -34.16 -2.45 12.51
C THR C 129 -32.75 -3.04 12.59
N ARG C 130 -32.02 -2.92 11.49
CA ARG C 130 -30.62 -3.30 11.41
C ARG C 130 -29.87 -2.18 10.71
N MET C 131 -28.65 -1.92 11.19
CA MET C 131 -27.84 -0.88 10.57
C MET C 131 -27.41 -1.32 9.17
N THR C 132 -26.92 -0.35 8.39
CA THR C 132 -26.47 -0.65 7.03
C THR C 132 -25.35 -1.68 7.04
N SER C 133 -24.46 -1.60 8.03
CA SER C 133 -23.43 -2.61 8.25
C SER C 133 -23.32 -2.88 9.74
N GLY C 134 -22.87 -4.08 10.09
CA GLY C 134 -22.57 -4.38 11.47
C GLY C 134 -21.37 -3.59 11.93
N ARG C 135 -21.44 -3.02 13.13
CA ARG C 135 -20.36 -2.19 13.62
C ARG C 135 -20.52 -1.94 15.11
N SER C 136 -19.43 -1.50 15.73
CA SER C 136 -19.34 -1.27 17.16
C SER C 136 -18.72 0.10 17.41
N GLY C 137 -18.73 0.52 18.68
CA GLY C 137 -18.20 1.84 19.03
C GLY C 137 -18.88 3.01 18.34
N VAL C 138 -20.19 2.89 18.06
CA VAL C 138 -20.92 3.92 17.33
C VAL C 138 -21.47 4.94 18.31
N GLY C 139 -21.39 6.22 17.93
CA GLY C 139 -22.05 7.27 18.67
C GLY C 139 -23.50 7.38 18.19
N VAL C 140 -24.40 7.57 19.15
CA VAL C 140 -25.82 7.59 18.88
C VAL C 140 -26.39 8.90 19.42
N ALA C 141 -27.29 9.51 18.65
CA ALA C 141 -27.89 10.77 19.04
C ALA C 141 -29.28 10.87 18.44
N VAL C 142 -30.14 11.62 19.11
CA VAL C 142 -31.50 11.90 18.65
C VAL C 142 -31.71 13.41 18.67
N THR C 143 -31.98 13.99 17.51
CA THR C 143 -32.19 15.43 17.39
C THR C 143 -33.16 15.72 16.25
N MET D 4 -38.07 14.16 15.20
CA MET D 4 -36.69 13.91 15.68
C MET D 4 -36.20 12.61 15.05
N LEU D 5 -34.93 12.54 14.67
CA LEU D 5 -34.44 11.33 13.95
C LEU D 5 -33.27 10.68 14.69
N LEU D 6 -33.05 9.39 14.44
CA LEU D 6 -31.95 8.65 15.11
C LEU D 6 -30.70 8.70 14.23
N TYR D 7 -29.57 9.03 14.82
CA TYR D 7 -28.31 9.16 14.11
C TYR D 7 -27.29 8.14 14.61
N ALA D 8 -26.62 7.47 13.68
CA ALA D 8 -25.52 6.55 13.98
C ALA D 8 -24.23 7.14 13.44
N VAL D 9 -23.31 7.48 14.34
CA VAL D 9 -22.11 8.24 14.02
C VAL D 9 -20.88 7.37 14.22
N GLY D 10 -20.01 7.34 13.21
CA GLY D 10 -18.72 6.68 13.32
C GLY D 10 -18.83 5.20 13.65
N GLY D 11 -17.72 4.64 14.14
CA GLY D 11 -17.71 3.30 14.65
C GLY D 11 -16.63 2.44 14.01
N PHE D 12 -16.74 1.13 14.24
CA PHE D 12 -15.75 0.16 13.81
C PHE D 12 -16.48 -1.07 13.29
N ASP D 13 -16.22 -1.45 12.03
CA ASP D 13 -16.85 -2.62 11.43
C ASP D 13 -16.01 -3.89 11.58
N GLY D 14 -14.92 -3.84 12.33
CA GLY D 14 -14.01 -4.96 12.47
C GLY D 14 -12.80 -4.89 11.57
N THR D 15 -12.86 -4.11 10.49
CA THR D 15 -11.74 -3.91 9.58
C THR D 15 -11.37 -2.44 9.49
N ASN D 16 -12.32 -1.58 9.19
CA ASN D 16 -12.09 -0.15 9.05
C ASN D 16 -12.82 0.60 10.14
N ARG D 17 -12.26 1.74 10.53
CA ARG D 17 -12.94 2.68 11.41
C ARG D 17 -13.59 3.76 10.56
N LEU D 18 -14.75 4.23 11.00
CA LEU D 18 -15.66 4.99 10.14
C LEU D 18 -15.71 6.46 10.54
N ASN D 19 -15.73 7.32 9.54
CA ASN D 19 -16.09 8.73 9.72
C ASN D 19 -17.48 9.03 9.20
N SER D 20 -18.17 8.04 8.64
CA SER D 20 -19.48 8.29 8.08
C SER D 20 -20.54 8.31 9.16
N ALA D 21 -21.69 8.85 8.81
CA ALA D 21 -22.85 8.91 9.70
C ALA D 21 -24.10 8.67 8.86
N GLU D 22 -25.07 7.98 9.43
CA GLU D 22 -26.33 7.71 8.73
C GLU D 22 -27.50 7.97 9.67
N CYS D 23 -28.64 8.35 9.07
CA CYS D 23 -29.85 8.70 9.85
C CYS D 23 -30.97 7.72 9.50
N TYR D 24 -31.84 7.42 10.46
CA TYR D 24 -32.94 6.43 10.25
C TYR D 24 -34.27 7.15 10.19
N TYR D 25 -35.23 6.56 9.46
CA TYR D 25 -36.59 7.15 9.34
C TYR D 25 -37.61 6.29 10.09
N ARG D 28 -40.02 4.12 9.17
CA ARG D 28 -40.33 3.90 7.73
C ARG D 28 -39.23 3.04 7.11
N ASN D 29 -38.60 2.14 7.89
CA ASN D 29 -37.61 1.15 7.39
C ASN D 29 -36.57 1.67 6.38
N GLU D 30 -35.83 2.73 6.70
CA GLU D 30 -34.73 3.17 5.78
C GLU D 30 -33.63 3.91 6.55
N TRP D 31 -32.39 3.47 6.39
CA TRP D 31 -31.24 4.18 7.00
C TRP D 31 -30.59 5.01 5.88
N ARG D 32 -30.64 6.33 5.99
CA ARG D 32 -30.12 7.18 4.89
C ARG D 32 -28.78 7.80 5.31
N MET D 33 -27.82 7.84 4.39
CA MET D 33 -26.50 8.36 4.70
C MET D 33 -26.51 9.89 4.70
N ILE D 34 -25.79 10.48 5.65
CA ILE D 34 -25.68 11.93 5.73
C ILE D 34 -24.24 12.33 5.50
N THR D 35 -23.93 13.62 5.67
CA THR D 35 -22.57 14.12 5.51
C THR D 35 -21.67 13.47 6.55
N ALA D 36 -20.54 12.93 6.10
CA ALA D 36 -19.62 12.24 6.99
C ALA D 36 -18.82 13.25 7.80
N MET D 37 -18.39 12.81 8.99
CA MET D 37 -17.52 13.66 9.79
C MET D 37 -16.20 13.92 9.08
N ASN D 38 -15.51 14.97 9.53
CA ASN D 38 -14.18 15.24 9.02
C ASN D 38 -13.18 14.17 9.48
N THR D 39 -13.29 13.74 10.73
CA THR D 39 -12.34 12.83 11.35
C THR D 39 -12.98 11.45 11.52
N ILE D 40 -12.17 10.42 11.30
CA ILE D 40 -12.55 9.04 11.60
C ILE D 40 -12.55 8.86 13.12
N ARG D 41 -13.67 8.39 13.66
CA ARG D 41 -13.84 8.29 15.12
C ARG D 41 -14.54 6.98 15.46
N SER D 42 -13.89 6.16 16.29
CA SER D 42 -14.50 4.99 16.89
C SER D 42 -14.51 5.15 18.40
N GLY D 43 -15.63 4.80 19.02
CA GLY D 43 -15.76 4.98 20.45
C GLY D 43 -15.64 6.41 20.90
N ALA D 44 -16.26 7.34 20.17
CA ALA D 44 -16.23 8.73 20.55
C ALA D 44 -17.41 9.07 21.45
N GLY D 45 -17.30 10.20 22.14
CA GLY D 45 -18.43 10.74 22.87
C GLY D 45 -19.35 11.46 21.92
N VAL D 46 -20.60 11.02 21.83
CA VAL D 46 -21.57 11.61 20.91
C VAL D 46 -22.83 11.98 21.70
N CYS D 47 -23.25 13.24 21.56
CA CYS D 47 -24.39 13.76 22.32
C CYS D 47 -25.06 14.85 21.50
N VAL D 48 -26.18 15.36 22.01
CA VAL D 48 -26.94 16.43 21.37
C VAL D 48 -26.99 17.60 22.33
N LEU D 49 -26.69 18.80 21.82
CA LEU D 49 -26.65 20.01 22.62
C LEU D 49 -27.12 21.15 21.74
N HIS D 50 -28.28 21.72 22.07
CA HIS D 50 -28.89 22.79 21.29
C HIS D 50 -29.16 22.35 19.85
N ASN D 51 -29.74 21.16 19.71
CA ASN D 51 -30.13 20.59 18.41
C ASN D 51 -28.93 20.47 17.47
N CYS D 52 -27.76 20.15 18.04
CA CYS D 52 -26.54 19.91 17.27
C CYS D 52 -25.94 18.60 17.73
N ILE D 53 -25.53 17.76 16.78
CA ILE D 53 -24.84 16.52 17.11
C ILE D 53 -23.37 16.85 17.35
N TYR D 54 -22.87 16.54 18.55
CA TYR D 54 -21.47 16.71 18.86
C TYR D 54 -20.77 15.35 18.81
N ALA D 55 -19.53 15.34 18.33
CA ALA D 55 -18.71 14.13 18.31
C ALA D 55 -17.32 14.48 18.84
N ALA D 56 -16.97 13.96 20.02
CA ALA D 56 -15.75 14.34 20.72
C ALA D 56 -14.87 13.12 20.96
N GLY D 57 -13.57 13.27 20.69
CA GLY D 57 -12.59 12.23 20.91
C GLY D 57 -12.81 11.00 20.03
N GLY D 58 -12.36 9.86 20.56
CA GLY D 58 -12.47 8.58 19.88
C GLY D 58 -11.11 8.08 19.39
N TYR D 59 -11.18 7.08 18.52
CA TYR D 59 -10.00 6.41 17.99
C TYR D 59 -10.15 6.28 16.48
N ASP D 60 -9.09 6.59 15.74
CA ASP D 60 -9.11 6.54 14.29
C ASP D 60 -8.38 5.33 13.71
N GLY D 61 -7.93 4.41 14.57
CA GLY D 61 -7.14 3.27 14.17
C GLY D 61 -5.68 3.40 14.50
N GLN D 62 -5.18 4.60 14.78
CA GLN D 62 -3.77 4.80 15.08
C GLN D 62 -3.59 5.63 16.34
N ASP D 63 -4.33 6.73 16.46
CA ASP D 63 -4.21 7.63 17.60
C ASP D 63 -5.56 7.92 18.22
N GLN D 64 -5.55 8.12 19.54
CA GLN D 64 -6.70 8.69 20.23
C GLN D 64 -6.81 10.18 19.91
N LEU D 65 -8.05 10.68 19.91
CA LEU D 65 -8.33 12.03 19.45
C LEU D 65 -8.76 12.92 20.60
N ASN D 66 -8.38 14.20 20.51
CA ASN D 66 -8.93 15.22 21.38
C ASN D 66 -9.83 16.20 20.63
N SER D 67 -9.87 16.14 19.30
CA SER D 67 -10.69 17.06 18.53
C SER D 67 -12.18 16.78 18.73
N VAL D 68 -12.98 17.83 18.55
CA VAL D 68 -14.43 17.78 18.69
C VAL D 68 -15.06 18.47 17.49
N GLU D 69 -16.00 17.80 16.83
CA GLU D 69 -16.78 18.42 15.76
C GLU D 69 -18.27 18.32 16.07
N ARG D 70 -19.05 19.21 15.47
CA ARG D 70 -20.48 19.23 15.68
C ARG D 70 -21.22 19.35 14.36
N TYR D 71 -22.33 18.61 14.25
CA TYR D 71 -23.11 18.54 13.03
C TYR D 71 -24.31 19.47 13.14
N ASP D 72 -24.35 20.49 12.28
CA ASP D 72 -25.50 21.37 12.17
C ASP D 72 -26.56 20.69 11.31
N VAL D 73 -27.73 20.46 11.88
CA VAL D 73 -28.75 19.66 11.18
C VAL D 73 -29.37 20.46 10.04
N GLU D 74 -29.47 21.78 10.17
CA GLU D 74 -30.09 22.58 9.13
C GLU D 74 -29.11 22.96 8.01
N THR D 75 -27.81 22.97 8.28
CA THR D 75 -26.81 23.19 7.24
C THR D 75 -26.12 21.91 6.79
N GLU D 76 -26.30 20.81 7.52
CA GLU D 76 -25.77 19.50 7.16
C GLU D 76 -24.24 19.53 7.03
N THR D 77 -23.60 20.20 7.99
CA THR D 77 -22.16 20.44 7.96
C THR D 77 -21.55 20.07 9.30
N TRP D 78 -20.40 19.41 9.25
CA TRP D 78 -19.61 19.13 10.45
C TRP D 78 -18.57 20.25 10.61
N THR D 79 -18.55 20.86 11.78
CA THR D 79 -17.67 21.97 12.07
C THR D 79 -16.87 21.69 13.33
N PHE D 80 -15.55 21.79 13.23
CA PHE D 80 -14.68 21.63 14.38
C PHE D 80 -14.93 22.74 15.40
N VAL D 81 -14.88 22.37 16.69
CA VAL D 81 -14.93 23.35 17.77
C VAL D 81 -13.66 23.19 18.60
N ALA D 82 -13.61 23.83 19.77
CA ALA D 82 -12.44 23.74 20.63
C ALA D 82 -12.19 22.28 21.03
N PRO D 83 -10.97 21.79 20.92
CA PRO D 83 -10.71 20.39 21.27
C PRO D 83 -10.57 20.23 22.79
N MET D 84 -10.67 18.97 23.22
CA MET D 84 -10.55 18.65 24.63
C MET D 84 -9.10 18.75 25.08
N LYS D 85 -8.91 18.87 26.39
CA LYS D 85 -7.56 18.97 26.94
C LYS D 85 -6.82 17.63 26.83
N HIS D 86 -7.53 16.53 27.07
CA HIS D 86 -6.93 15.20 27.00
C HIS D 86 -7.56 14.41 25.85
N ARG D 87 -6.71 13.83 25.01
CA ARG D 87 -7.16 12.82 24.07
C ARG D 87 -7.81 11.67 24.83
N ARG D 88 -8.89 11.12 24.27
CA ARG D 88 -9.57 10.03 24.95
C ARG D 88 -10.44 9.26 23.98
N SER D 89 -10.41 7.94 24.11
CA SER D 89 -11.35 7.05 23.45
C SER D 89 -12.00 6.17 24.51
N ALA D 90 -13.16 5.62 24.16
CA ALA D 90 -13.97 4.85 25.12
C ALA D 90 -14.31 5.72 26.33
N LEU D 91 -14.67 6.96 26.08
CA LEU D 91 -15.04 7.91 27.10
C LEU D 91 -16.55 7.91 27.32
N GLY D 92 -16.96 8.40 28.49
CA GLY D 92 -18.34 8.69 28.74
C GLY D 92 -18.68 10.12 28.39
N ILE D 93 -19.95 10.36 28.06
CA ILE D 93 -20.40 11.69 27.66
C ILE D 93 -21.83 11.88 28.15
N THR D 94 -22.16 13.12 28.51
CA THR D 94 -23.54 13.48 28.81
C THR D 94 -23.68 14.99 28.71
N VAL D 95 -24.93 15.43 28.61
CA VAL D 95 -25.27 16.85 28.53
C VAL D 95 -26.09 17.19 29.78
N HIS D 96 -25.64 18.18 30.52
CA HIS D 96 -26.33 18.61 31.73
C HIS D 96 -26.37 20.14 31.75
N GLN D 97 -27.58 20.70 31.75
CA GLN D 97 -27.79 22.14 31.91
C GLN D 97 -27.04 22.93 30.82
N GLY D 98 -27.18 22.48 29.58
CA GLY D 98 -26.57 23.18 28.47
C GLY D 98 -25.07 23.10 28.41
N ARG D 99 -24.47 22.03 28.95
CA ARG D 99 -23.04 21.87 28.91
C ARG D 99 -22.70 20.40 28.68
N ILE D 100 -21.61 20.16 27.96
CA ILE D 100 -21.15 18.82 27.65
C ILE D 100 -20.19 18.38 28.75
N TYR D 101 -20.36 17.15 29.22
CA TYR D 101 -19.44 16.55 30.19
C TYR D 101 -18.88 15.27 29.59
N VAL D 102 -17.56 15.14 29.59
CA VAL D 102 -16.87 13.91 29.18
C VAL D 102 -16.15 13.34 30.38
N LEU D 103 -16.16 12.02 30.50
CA LEU D 103 -15.63 11.33 31.68
C LEU D 103 -14.71 10.21 31.25
N GLY D 104 -13.50 10.18 31.83
CA GLY D 104 -12.61 9.05 31.67
C GLY D 104 -12.18 8.82 30.24
N GLY D 105 -12.00 7.54 29.91
CA GLY D 105 -11.54 7.13 28.59
C GLY D 105 -10.09 6.64 28.64
N TYR D 106 -9.51 6.52 27.45
CA TYR D 106 -8.15 6.04 27.27
C TYR D 106 -7.40 6.99 26.35
N ASP D 107 -6.20 7.41 26.75
CA ASP D 107 -5.40 8.34 25.98
C ASP D 107 -4.25 7.67 25.23
N GLY D 108 -4.25 6.34 25.16
CA GLY D 108 -3.18 5.60 24.53
C GLY D 108 -2.07 5.16 25.47
N HIS D 109 -2.12 5.56 26.74
CA HIS D 109 -1.10 5.16 27.69
C HIS D 109 -1.65 5.16 29.12
N THR D 110 -2.68 5.96 29.37
CA THR D 110 -3.25 6.11 30.69
C THR D 110 -4.77 6.01 30.63
N PHE D 111 -5.34 5.25 31.56
CA PHE D 111 -6.79 5.23 31.76
C PHE D 111 -7.15 6.44 32.61
N LEU D 112 -7.85 7.40 32.00
CA LEU D 112 -8.03 8.71 32.59
C LEU D 112 -9.12 8.72 33.66
N ASP D 113 -8.94 9.60 34.64
CA ASP D 113 -9.96 9.91 35.64
C ASP D 113 -10.47 11.33 35.50
N SER D 114 -9.94 12.11 34.56
CA SER D 114 -10.32 13.50 34.42
C SER D 114 -11.71 13.64 33.81
N VAL D 115 -12.43 14.68 34.25
CA VAL D 115 -13.75 15.02 33.74
C VAL D 115 -13.66 16.45 33.21
N GLU D 116 -13.96 16.62 31.92
CA GLU D 116 -13.94 17.92 31.29
C GLU D 116 -15.36 18.38 30.98
N CYS D 117 -15.54 19.70 30.97
CA CYS D 117 -16.83 20.31 30.69
C CYS D 117 -16.66 21.34 29.58
N TYR D 118 -17.59 21.31 28.62
CA TYR D 118 -17.56 22.22 27.47
C TYR D 118 -18.68 23.24 27.59
N ASP D 119 -18.35 24.51 27.35
CA ASP D 119 -19.32 25.59 27.34
C ASP D 119 -19.58 26.04 25.92
N PRO D 120 -20.78 25.83 25.36
CA PRO D 120 -21.01 26.24 23.97
C PRO D 120 -21.06 27.75 23.79
N ASP D 121 -21.37 28.51 24.83
CA ASP D 121 -21.40 29.97 24.72
C ASP D 121 -20.00 30.56 24.59
N THR D 122 -18.99 29.89 25.15
CA THR D 122 -17.63 30.39 25.16
C THR D 122 -16.66 29.53 24.34
N ASP D 123 -17.06 28.31 23.95
CA ASP D 123 -16.21 27.41 23.19
C ASP D 123 -14.94 27.06 23.97
N THR D 124 -15.12 26.61 25.20
CA THR D 124 -13.98 26.31 26.08
C THR D 124 -14.21 24.99 26.80
N TRP D 125 -13.13 24.25 27.02
CA TRP D 125 -13.12 23.04 27.83
C TRP D 125 -12.40 23.32 29.15
N SER D 126 -12.91 22.74 30.23
CA SER D 126 -12.31 22.96 31.53
C SER D 126 -12.40 21.69 32.37
N GLU D 127 -11.34 21.41 33.13
CA GLU D 127 -11.30 20.26 34.03
C GLU D 127 -12.12 20.58 35.28
N VAL D 128 -13.17 19.80 35.52
CA VAL D 128 -14.07 20.10 36.63
C VAL D 128 -13.65 19.40 37.92
N THR D 129 -13.07 18.20 37.82
CA THR D 129 -12.70 17.35 38.95
C THR D 129 -12.25 16.02 38.36
N ARG D 130 -11.63 15.20 39.21
CA ARG D 130 -11.15 13.89 38.81
C ARG D 130 -11.97 12.80 39.47
N MET D 131 -12.21 11.72 38.73
CA MET D 131 -12.84 10.56 39.34
C MET D 131 -11.89 9.91 40.35
N THR D 132 -12.46 9.07 41.22
CA THR D 132 -11.63 8.42 42.22
C THR D 132 -10.59 7.52 41.58
N SER D 133 -10.96 6.82 40.50
CA SER D 133 -10.03 5.97 39.79
C SER D 133 -10.20 6.16 38.28
N GLY D 134 -9.11 5.95 37.56
CA GLY D 134 -9.16 5.97 36.11
C GLY D 134 -10.08 4.90 35.54
N ARG D 135 -10.94 5.30 34.61
CA ARG D 135 -11.88 4.37 34.00
C ARG D 135 -11.98 4.65 32.51
N SER D 136 -12.08 3.58 31.73
CA SER D 136 -12.44 3.65 30.33
C SER D 136 -13.65 2.76 30.10
N GLY D 137 -14.34 2.97 28.99
CA GLY D 137 -15.60 2.28 28.78
C GLY D 137 -16.59 2.54 29.90
N VAL D 138 -16.65 3.79 30.38
CA VAL D 138 -17.51 4.21 31.47
C VAL D 138 -18.87 4.63 30.94
N GLY D 139 -19.89 4.38 31.73
CA GLY D 139 -21.21 4.95 31.50
C GLY D 139 -21.43 6.17 32.37
N VAL D 140 -22.15 7.15 31.82
CA VAL D 140 -22.43 8.41 32.48
C VAL D 140 -23.94 8.60 32.56
N ALA D 141 -24.42 9.05 33.71
CA ALA D 141 -25.84 9.29 33.92
C ALA D 141 -26.03 10.50 34.82
N VAL D 142 -26.95 11.38 34.43
CA VAL D 142 -27.31 12.55 35.21
C VAL D 142 -28.77 12.36 35.66
N THR D 143 -28.97 12.19 36.96
CA THR D 143 -30.30 12.01 37.51
C THR D 143 -30.28 12.32 39.00
N LEU E 5 -11.06 5.49 -30.07
CA LEU E 5 -10.19 4.35 -29.78
C LEU E 5 -9.81 4.27 -28.30
N LEU E 6 -9.76 3.04 -27.76
CA LEU E 6 -9.55 2.80 -26.34
C LEU E 6 -8.16 2.23 -26.08
N TYR E 7 -7.49 2.74 -25.05
CA TYR E 7 -6.10 2.40 -24.74
C TYR E 7 -5.97 1.84 -23.33
N ALA E 8 -5.15 0.81 -23.17
CA ALA E 8 -4.83 0.22 -21.86
C ALA E 8 -3.32 0.35 -21.66
N VAL E 9 -2.92 1.14 -20.66
CA VAL E 9 -1.55 1.60 -20.51
C VAL E 9 -0.95 0.99 -19.24
N GLY E 10 0.15 0.25 -19.41
CA GLY E 10 0.89 -0.30 -18.29
C GLY E 10 0.13 -1.38 -17.55
N GLY E 11 0.38 -1.46 -16.25
CA GLY E 11 -0.30 -2.38 -15.36
C GLY E 11 0.65 -3.37 -14.71
N PHE E 12 0.06 -4.35 -14.03
CA PHE E 12 0.78 -5.37 -13.29
C PHE E 12 0.08 -6.70 -13.53
N ASP E 13 0.80 -7.70 -14.04
CA ASP E 13 0.20 -8.98 -14.39
C ASP E 13 0.34 -10.03 -13.30
N GLY E 14 0.82 -9.65 -12.11
CA GLY E 14 1.07 -10.58 -11.03
C GLY E 14 2.53 -10.95 -10.85
N THR E 15 3.32 -10.87 -11.90
CA THR E 15 4.74 -11.12 -11.84
C THR E 15 5.57 -9.95 -12.33
N ASN E 16 5.14 -9.29 -13.40
CA ASN E 16 5.90 -8.22 -14.01
C ASN E 16 5.03 -6.97 -14.09
N ARG E 17 5.56 -5.86 -13.59
CA ARG E 17 4.95 -4.58 -13.89
C ARG E 17 5.31 -4.19 -15.33
N LEU E 18 4.37 -3.55 -16.02
CA LEU E 18 4.44 -3.42 -17.47
C LEU E 18 4.65 -1.98 -17.90
N ASN E 19 5.44 -1.81 -18.96
CA ASN E 19 5.51 -0.54 -19.69
C ASN E 19 4.79 -0.60 -21.02
N SER E 20 4.18 -1.74 -21.36
CA SER E 20 3.51 -1.89 -22.64
C SER E 20 2.14 -1.20 -22.61
N ALA E 21 1.63 -0.93 -23.80
CA ALA E 21 0.30 -0.38 -23.96
C ALA E 21 -0.30 -0.94 -25.24
N GLU E 22 -1.58 -1.25 -25.20
CA GLU E 22 -2.30 -1.71 -26.37
C GLU E 22 -3.58 -0.93 -26.54
N CYS E 23 -4.10 -0.97 -27.76
CA CYS E 23 -5.30 -0.25 -28.13
C CYS E 23 -6.31 -1.20 -28.74
N TYR E 24 -7.58 -1.01 -28.41
CA TYR E 24 -8.66 -1.82 -28.97
C TYR E 24 -9.18 -1.15 -30.24
N TYR E 25 -9.06 -1.85 -31.36
CA TYR E 25 -9.70 -1.45 -32.61
C TYR E 25 -10.91 -2.36 -32.84
N PRO E 26 -12.13 -1.90 -32.59
CA PRO E 26 -13.31 -2.75 -32.85
C PRO E 26 -13.48 -3.13 -34.31
N GLU E 27 -12.60 -2.62 -35.20
CA GLU E 27 -12.72 -2.92 -36.62
C GLU E 27 -12.52 -4.41 -36.92
N ARG E 28 -11.80 -5.11 -36.03
CA ARG E 28 -11.68 -6.57 -36.12
C ARG E 28 -11.90 -7.24 -34.77
N ASN E 29 -12.50 -6.52 -33.81
CA ASN E 29 -12.58 -7.00 -32.42
C ASN E 29 -11.19 -7.38 -31.92
N GLU E 30 -10.27 -6.42 -32.04
CA GLU E 30 -8.84 -6.69 -31.95
C GLU E 30 -8.20 -5.88 -30.84
N TRP E 31 -7.37 -6.53 -30.04
CA TRP E 31 -6.51 -5.86 -29.07
C TRP E 31 -5.09 -5.91 -29.62
N ARG E 32 -4.62 -4.77 -30.12
CA ARG E 32 -3.34 -4.69 -30.82
C ARG E 32 -2.37 -3.82 -30.04
N MET E 33 -1.10 -4.25 -30.00
CA MET E 33 -0.08 -3.56 -29.21
C MET E 33 0.41 -2.31 -29.93
N ILE E 34 0.70 -1.27 -29.16
CA ILE E 34 1.29 -0.05 -29.69
C ILE E 34 2.68 0.15 -29.12
N THR E 35 3.29 1.29 -29.40
CA THR E 35 4.61 1.59 -28.86
C THR E 35 4.57 1.62 -27.34
N ALA E 36 5.56 0.98 -26.72
CA ALA E 36 5.59 0.89 -25.27
C ALA E 36 6.07 2.20 -24.67
N MET E 37 5.68 2.44 -23.41
CA MET E 37 6.18 3.58 -22.66
C MET E 37 7.68 3.46 -22.42
N ASN E 38 8.28 4.59 -22.06
CA ASN E 38 9.68 4.61 -21.69
C ASN E 38 9.93 4.16 -20.26
N THR E 39 8.88 3.96 -19.47
CA THR E 39 9.02 3.62 -18.05
C THR E 39 7.97 2.59 -17.66
N ILE E 40 8.40 1.56 -16.94
CA ILE E 40 7.46 0.64 -16.31
C ILE E 40 6.59 1.43 -15.35
N ARG E 41 5.27 1.32 -15.51
CA ARG E 41 4.33 1.99 -14.58
C ARG E 41 3.11 1.10 -14.37
N SER E 42 2.89 0.69 -13.12
CA SER E 42 1.60 0.16 -12.71
C SER E 42 1.00 1.12 -11.69
N GLY E 43 -0.33 1.20 -11.67
CA GLY E 43 -0.98 2.16 -10.79
C GLY E 43 -0.61 3.59 -11.09
N ALA E 44 -0.41 3.92 -12.36
CA ALA E 44 -0.15 5.29 -12.75
C ALA E 44 -1.46 5.97 -13.13
N GLY E 45 -1.43 7.30 -13.13
CA GLY E 45 -2.56 8.07 -13.60
C GLY E 45 -2.49 8.29 -15.09
N VAL E 46 -3.52 7.87 -15.81
CA VAL E 46 -3.59 8.00 -17.25
C VAL E 46 -4.82 8.82 -17.62
N CYS E 47 -4.62 9.85 -18.45
CA CYS E 47 -5.71 10.73 -18.85
C CYS E 47 -5.45 11.20 -20.28
N VAL E 48 -6.33 12.07 -20.76
CA VAL E 48 -6.22 12.62 -22.11
C VAL E 48 -6.29 14.13 -22.01
N LEU E 49 -5.29 14.81 -22.57
CA LEU E 49 -5.30 16.26 -22.71
C LEU E 49 -5.14 16.56 -24.20
N HIS E 50 -6.15 17.20 -24.78
CA HIS E 50 -6.22 17.44 -26.21
C HIS E 50 -6.24 16.14 -26.98
N ASN E 51 -5.11 15.78 -27.61
CA ASN E 51 -5.02 14.55 -28.37
C ASN E 51 -3.79 13.75 -27.95
N CYS E 52 -3.56 13.66 -26.64
CA CYS E 52 -2.40 12.94 -26.14
C CYS E 52 -2.78 12.15 -24.90
N ILE E 53 -2.24 10.93 -24.82
CA ILE E 53 -2.40 10.08 -23.63
C ILE E 53 -1.24 10.37 -22.69
N TYR E 54 -1.55 10.88 -21.51
CA TYR E 54 -0.56 11.15 -20.48
C TYR E 54 -0.48 9.99 -19.50
N ALA E 55 0.73 9.68 -19.05
CA ALA E 55 0.93 8.70 -17.98
C ALA E 55 1.73 9.37 -16.88
N ALA E 56 1.15 9.44 -15.69
CA ALA E 56 1.74 10.17 -14.58
C ALA E 56 2.00 9.21 -13.43
N GLY E 57 3.22 9.24 -12.90
CA GLY E 57 3.56 8.46 -11.73
C GLY E 57 3.50 6.97 -11.97
N GLY E 58 3.24 6.23 -10.90
CA GLY E 58 3.14 4.79 -10.93
C GLY E 58 4.22 4.13 -10.12
N TYR E 59 4.28 2.81 -10.21
CA TYR E 59 5.23 1.98 -9.50
C TYR E 59 5.92 1.07 -10.50
N ASP E 60 7.26 1.09 -10.52
CA ASP E 60 8.03 0.27 -11.43
C ASP E 60 8.49 -1.05 -10.79
N GLY E 61 8.00 -1.35 -9.59
CA GLY E 61 8.40 -2.55 -8.87
C GLY E 61 9.50 -2.35 -7.86
N GLN E 62 10.00 -1.13 -7.70
CA GLN E 62 11.07 -0.85 -6.76
C GLN E 62 10.91 0.55 -6.18
N ASP E 63 10.67 1.53 -7.04
CA ASP E 63 10.52 2.93 -6.63
C ASP E 63 9.21 3.50 -7.15
N GLN E 64 8.68 4.45 -6.41
CA GLN E 64 7.54 5.24 -6.88
C GLN E 64 8.03 6.30 -7.86
N LEU E 65 7.16 6.65 -8.79
CA LEU E 65 7.55 7.52 -9.91
C LEU E 65 6.88 8.88 -9.80
N ASN E 66 7.65 9.93 -10.08
CA ASN E 66 7.11 11.26 -10.30
C ASN E 66 7.18 11.67 -11.76
N SER E 67 7.84 10.87 -12.61
CA SER E 67 7.99 11.21 -14.01
C SER E 67 6.66 11.13 -14.74
N VAL E 68 6.52 11.94 -15.79
CA VAL E 68 5.31 12.01 -16.59
C VAL E 68 5.71 11.98 -18.06
N GLU E 69 5.03 11.14 -18.84
CA GLU E 69 5.24 11.09 -20.28
C GLU E 69 3.89 11.04 -20.97
N ARG E 70 3.86 11.53 -22.20
CA ARG E 70 2.63 11.60 -22.98
C ARG E 70 2.83 10.98 -24.35
N TYR E 71 1.76 10.39 -24.88
CA TYR E 71 1.79 9.65 -26.12
C TYR E 71 1.15 10.47 -27.23
N ASP E 72 1.86 10.62 -28.34
CA ASP E 72 1.38 11.35 -29.50
C ASP E 72 0.88 10.33 -30.52
N VAL E 73 -0.44 10.26 -30.71
CA VAL E 73 -1.02 9.23 -31.55
C VAL E 73 -0.65 9.40 -33.00
N GLU E 74 -0.20 10.58 -33.41
CA GLU E 74 0.18 10.80 -34.81
C GLU E 74 1.60 10.32 -35.07
N THR E 75 2.54 10.68 -34.20
CA THR E 75 3.91 10.22 -34.34
C THR E 75 4.16 8.88 -33.67
N GLU E 76 3.22 8.40 -32.85
CA GLU E 76 3.33 7.11 -32.15
C GLU E 76 4.57 7.07 -31.27
N THR E 77 4.77 8.14 -30.50
CA THR E 77 5.94 8.30 -29.65
C THR E 77 5.53 8.76 -28.27
N TRP E 78 6.22 8.25 -27.25
CA TRP E 78 6.07 8.70 -25.88
C TRP E 78 7.16 9.71 -25.57
N THR E 79 6.78 10.84 -24.99
CA THR E 79 7.71 11.94 -24.71
C THR E 79 7.59 12.36 -23.27
N PHE E 80 8.72 12.50 -22.59
CA PHE E 80 8.74 12.95 -21.21
C PHE E 80 8.37 14.43 -21.12
N VAL E 81 7.60 14.79 -20.10
CA VAL E 81 7.31 16.19 -19.81
C VAL E 81 7.79 16.48 -18.39
N ALA E 82 7.48 17.66 -17.88
CA ALA E 82 7.91 18.01 -16.53
C ALA E 82 7.41 16.99 -15.53
N PRO E 83 8.26 16.55 -14.60
CA PRO E 83 7.81 15.61 -13.58
C PRO E 83 7.10 16.32 -12.44
N MET E 84 6.34 15.52 -11.69
CA MET E 84 5.61 16.04 -10.54
C MET E 84 6.56 16.31 -9.38
N LYS E 85 6.16 17.25 -8.52
CA LYS E 85 6.95 17.53 -7.32
C LYS E 85 6.93 16.38 -6.32
N HIS E 86 6.03 15.41 -6.47
CA HIS E 86 5.91 14.30 -5.54
C HIS E 86 5.79 12.99 -6.30
N ARG E 87 6.59 12.00 -5.90
CA ARG E 87 6.41 10.64 -6.39
C ARG E 87 5.12 10.07 -5.85
N ARG E 88 4.38 9.37 -6.71
CA ARG E 88 3.11 8.81 -6.27
C ARG E 88 2.69 7.66 -7.17
N SER E 89 2.14 6.62 -6.55
CA SER E 89 1.44 5.56 -7.26
C SER E 89 0.06 5.41 -6.64
N ALA E 90 -0.83 4.73 -7.38
CA ALA E 90 -2.23 4.57 -6.97
C ALA E 90 -2.88 5.94 -6.75
N LEU E 91 -2.52 6.90 -7.59
CA LEU E 91 -3.06 8.25 -7.55
C LEU E 91 -4.33 8.34 -8.38
N GLY E 92 -5.11 9.38 -8.10
CA GLY E 92 -6.24 9.75 -8.93
C GLY E 92 -5.82 10.78 -9.96
N ILE E 93 -6.53 10.80 -11.08
CA ILE E 93 -6.21 11.73 -12.16
C ILE E 93 -7.49 12.14 -12.88
N THR E 94 -7.50 13.39 -13.34
CA THR E 94 -8.62 13.92 -14.11
C THR E 94 -8.14 15.14 -14.88
N VAL E 95 -8.92 15.51 -15.91
CA VAL E 95 -8.66 16.72 -16.67
C VAL E 95 -9.81 17.69 -16.44
N HIS E 96 -9.48 18.95 -16.23
CA HIS E 96 -10.45 19.97 -15.85
C HIS E 96 -9.97 21.32 -16.36
N GLN E 97 -10.75 21.92 -17.26
CA GLN E 97 -10.40 23.22 -17.86
C GLN E 97 -9.03 23.16 -18.53
N GLY E 98 -8.83 22.12 -19.33
CA GLY E 98 -7.60 21.99 -20.09
C GLY E 98 -6.34 21.83 -19.26
N ARG E 99 -6.47 21.34 -18.02
CA ARG E 99 -5.31 21.10 -17.17
C ARG E 99 -5.45 19.73 -16.53
N ILE E 100 -4.33 19.17 -16.10
CA ILE E 100 -4.27 17.85 -15.50
C ILE E 100 -4.20 18.03 -13.99
N TYR E 101 -5.06 17.32 -13.26
CA TYR E 101 -5.03 17.31 -11.81
C TYR E 101 -4.70 15.89 -11.36
N VAL E 102 -3.70 15.76 -10.48
CA VAL E 102 -3.36 14.50 -9.84
C VAL E 102 -3.68 14.62 -8.36
N LEU E 103 -4.17 13.54 -7.77
CA LEU E 103 -4.65 13.55 -6.40
C LEU E 103 -4.19 12.31 -5.66
N GLY E 104 -3.67 12.51 -4.45
CA GLY E 104 -3.37 11.40 -3.57
C GLY E 104 -2.24 10.52 -4.07
N GLY E 105 -2.20 9.32 -3.52
CA GLY E 105 -1.21 8.31 -3.87
C GLY E 105 -0.32 7.96 -2.70
N TYR E 106 0.72 7.18 -3.00
CA TYR E 106 1.68 6.71 -2.01
C TYR E 106 3.08 6.91 -2.56
N ASP E 107 3.96 7.53 -1.77
CA ASP E 107 5.31 7.86 -2.22
C ASP E 107 6.38 6.90 -1.70
N GLY E 108 5.98 5.79 -1.09
CA GLY E 108 6.91 4.87 -0.49
C GLY E 108 7.11 5.05 1.00
N HIS E 109 6.61 6.15 1.58
CA HIS E 109 6.65 6.31 3.03
C HIS E 109 5.50 7.13 3.59
N THR E 110 4.54 7.60 2.79
CA THR E 110 3.50 8.51 3.26
C THR E 110 2.32 8.42 2.30
N PHE E 111 1.12 8.35 2.86
CA PHE E 111 -0.10 8.42 2.04
C PHE E 111 -0.42 9.90 1.80
N LEU E 112 -0.30 10.34 0.55
CA LEU E 112 -0.29 11.76 0.24
C LEU E 112 -1.69 12.36 0.23
N ASP E 113 -1.76 13.61 0.65
CA ASP E 113 -2.96 14.43 0.51
C ASP E 113 -2.80 15.52 -0.54
N SER E 114 -1.61 15.65 -1.12
CA SER E 114 -1.31 16.75 -2.02
C SER E 114 -1.99 16.57 -3.37
N VAL E 115 -2.37 17.70 -3.97
CA VAL E 115 -3.02 17.75 -5.27
C VAL E 115 -2.22 18.71 -6.13
N GLU E 116 -1.77 18.24 -7.30
CA GLU E 116 -0.96 19.05 -8.20
C GLU E 116 -1.72 19.30 -9.50
N CYS E 117 -1.38 20.42 -10.15
CA CYS E 117 -2.01 20.83 -11.40
C CYS E 117 -0.93 21.03 -12.47
N TYR E 118 -1.18 20.48 -13.66
CA TYR E 118 -0.25 20.57 -14.77
C TYR E 118 -0.82 21.48 -15.84
N ASP E 119 -0.04 22.50 -16.21
CA ASP E 119 -0.38 23.36 -17.35
C ASP E 119 0.37 22.87 -18.57
N PRO E 120 -0.31 22.39 -19.62
CA PRO E 120 0.41 21.94 -20.81
C PRO E 120 1.06 23.07 -21.59
N ASP E 121 0.63 24.30 -21.34
CA ASP E 121 1.19 25.45 -22.10
C ASP E 121 2.48 25.92 -21.44
N THR E 122 2.73 25.50 -20.20
CA THR E 122 3.94 25.95 -19.47
C THR E 122 4.78 24.76 -19.04
N ASP E 123 4.40 23.52 -19.38
CA ASP E 123 5.11 22.32 -18.90
C ASP E 123 5.54 22.57 -17.45
N THR E 124 4.58 22.98 -16.63
CA THR E 124 4.87 23.29 -15.22
C THR E 124 3.81 22.66 -14.30
N TRP E 125 4.25 22.10 -13.18
CA TRP E 125 3.30 21.53 -12.20
C TRP E 125 3.25 22.48 -11.01
N SER E 126 2.12 22.54 -10.31
CA SER E 126 1.95 23.45 -9.19
C SER E 126 0.98 22.82 -8.19
N GLU E 127 1.23 23.06 -6.91
CA GLU E 127 0.40 22.51 -5.85
C GLU E 127 -0.92 23.25 -5.79
N VAL E 128 -2.01 22.56 -6.16
CA VAL E 128 -3.34 23.16 -6.06
C VAL E 128 -3.68 23.46 -4.62
N THR E 129 -3.65 22.44 -3.78
CA THR E 129 -4.05 22.54 -2.38
C THR E 129 -3.71 21.23 -1.68
N ARG E 130 -4.54 20.82 -0.71
CA ARG E 130 -4.32 19.53 -0.02
C ARG E 130 -5.67 19.04 0.47
N MET E 131 -5.93 17.73 0.40
CA MET E 131 -7.27 17.23 0.77
C MET E 131 -7.32 17.00 2.29
N THR E 132 -8.52 16.85 2.83
CA THR E 132 -8.69 16.73 4.30
C THR E 132 -7.85 15.59 4.87
N SER E 133 -7.49 14.62 4.03
CA SER E 133 -6.74 13.47 4.55
C SER E 133 -5.92 12.88 3.41
N GLY E 134 -4.76 12.34 3.77
CA GLY E 134 -3.95 11.65 2.78
C GLY E 134 -4.56 10.29 2.45
N ARG E 135 -4.62 9.98 1.16
CA ARG E 135 -5.22 8.74 0.69
C ARG E 135 -4.62 8.29 -0.64
N SER E 136 -4.46 6.97 -0.77
CA SER E 136 -4.04 6.32 -2.01
C SER E 136 -5.20 5.50 -2.57
N GLY E 137 -5.07 5.13 -3.84
CA GLY E 137 -6.17 4.43 -4.50
C GLY E 137 -7.45 5.23 -4.52
N VAL E 138 -7.35 6.55 -4.65
CA VAL E 138 -8.50 7.43 -4.59
C VAL E 138 -9.13 7.56 -5.97
N GLY E 139 -10.44 7.71 -5.99
CA GLY E 139 -11.18 8.00 -7.20
C GLY E 139 -11.42 9.48 -7.33
N VAL E 140 -11.42 9.96 -8.57
CA VAL E 140 -11.51 11.39 -8.89
C VAL E 140 -12.56 11.59 -9.96
N ALA E 141 -13.37 12.64 -9.80
CA ALA E 141 -14.45 12.95 -10.72
C ALA E 141 -14.64 14.46 -10.76
N VAL E 142 -15.12 14.95 -11.91
CA VAL E 142 -15.45 16.35 -12.10
C VAL E 142 -16.87 16.42 -12.67
N THR E 143 -17.78 17.02 -11.92
CA THR E 143 -19.17 17.11 -12.36
C THR E 143 -19.93 18.20 -11.60
N MET F 4 -19.18 23.18 -12.22
CA MET F 4 -18.64 21.81 -12.05
C MET F 4 -17.53 21.84 -10.99
N LEU F 5 -17.48 20.84 -10.11
CA LEU F 5 -16.48 20.83 -9.03
C LEU F 5 -15.67 19.53 -9.06
N LEU F 6 -14.53 19.52 -8.39
CA LEU F 6 -13.68 18.31 -8.31
C LEU F 6 -14.04 17.51 -7.06
N TYR F 7 -14.06 16.19 -7.18
CA TYR F 7 -14.42 15.28 -6.11
C TYR F 7 -13.32 14.26 -5.88
N ALA F 8 -13.07 13.92 -4.62
CA ALA F 8 -12.12 12.87 -4.25
C ALA F 8 -12.87 11.78 -3.50
N VAL F 9 -12.91 10.58 -4.07
CA VAL F 9 -13.83 9.54 -3.65
C VAL F 9 -13.05 8.33 -3.15
N GLY F 10 -13.35 7.91 -1.93
CA GLY F 10 -12.81 6.65 -1.42
C GLY F 10 -11.32 6.76 -1.13
N GLY F 11 -10.68 5.60 -1.14
CA GLY F 11 -9.25 5.51 -0.99
C GLY F 11 -8.82 4.76 0.26
N PHE F 12 -7.58 5.02 0.67
CA PHE F 12 -6.95 4.34 1.78
C PHE F 12 -5.96 5.32 2.39
N ASP F 13 -6.12 5.60 3.68
CA ASP F 13 -5.27 6.56 4.38
C ASP F 13 -4.06 5.93 5.05
N GLY F 14 -3.88 4.62 4.91
CA GLY F 14 -2.81 3.89 5.57
C GLY F 14 -3.26 3.04 6.73
N THR F 15 -4.44 3.29 7.26
CA THR F 15 -5.03 2.52 8.34
C THR F 15 -6.44 2.05 8.02
N ASN F 16 -7.25 2.89 7.42
CA ASN F 16 -8.62 2.56 7.07
C ASN F 16 -8.82 2.77 5.58
N ARG F 17 -9.51 1.82 4.95
CA ARG F 17 -10.06 2.07 3.63
C ARG F 17 -11.32 2.91 3.78
N LEU F 18 -11.53 3.82 2.82
CA LEU F 18 -12.46 4.92 2.98
C LEU F 18 -13.73 4.70 2.17
N ASN F 19 -14.87 4.97 2.81
CA ASN F 19 -16.12 5.14 2.07
C ASN F 19 -16.48 6.61 1.88
N SER F 20 -15.69 7.53 2.44
CA SER F 20 -15.99 8.95 2.40
C SER F 20 -15.55 9.57 1.08
N ALA F 21 -16.18 10.70 0.76
CA ALA F 21 -15.82 11.50 -0.39
C ALA F 21 -15.81 12.97 0.03
N GLU F 22 -15.01 13.78 -0.67
CA GLU F 22 -14.99 15.21 -0.42
C GLU F 22 -15.03 15.98 -1.74
N CYS F 23 -15.19 17.28 -1.60
CA CYS F 23 -15.46 18.18 -2.70
C CYS F 23 -14.57 19.40 -2.57
N TYR F 24 -13.94 19.80 -3.68
CA TYR F 24 -13.03 20.94 -3.67
C TYR F 24 -13.76 22.19 -4.16
N TYR F 25 -13.76 23.22 -3.34
CA TYR F 25 -14.36 24.51 -3.71
C TYR F 25 -13.24 25.51 -4.01
N PRO F 26 -12.99 25.84 -5.28
CA PRO F 26 -11.77 26.60 -5.60
C PRO F 26 -11.74 27.99 -5.00
N GLU F 27 -12.86 28.73 -5.07
CA GLU F 27 -12.89 30.08 -4.54
C GLU F 27 -13.16 30.08 -3.03
N ARG F 28 -12.46 29.21 -2.31
CA ARG F 28 -12.61 29.11 -0.87
C ARG F 28 -11.41 28.39 -0.27
N ASN F 29 -10.64 27.70 -1.13
CA ASN F 29 -9.50 26.89 -0.71
C ASN F 29 -9.90 25.94 0.42
N GLU F 30 -10.93 25.16 0.16
CA GLU F 30 -11.53 24.30 1.16
C GLU F 30 -11.98 23.02 0.49
N TRP F 31 -11.59 21.89 1.08
CA TRP F 31 -12.22 20.61 0.75
C TRP F 31 -13.31 20.37 1.79
N ARG F 32 -14.50 20.03 1.31
CA ARG F 32 -15.66 19.80 2.18
C ARG F 32 -16.12 18.36 2.02
N MET F 33 -16.51 17.75 3.14
CA MET F 33 -17.05 16.40 3.10
C MET F 33 -18.43 16.41 2.46
N ILE F 34 -18.73 15.36 1.68
CA ILE F 34 -20.07 15.18 1.14
C ILE F 34 -20.64 13.88 1.72
N THR F 35 -21.82 13.48 1.25
CA THR F 35 -22.38 12.20 1.70
C THR F 35 -21.43 11.07 1.34
N ALA F 36 -21.14 10.22 2.32
CA ALA F 36 -20.22 9.10 2.09
C ALA F 36 -20.93 8.02 1.28
N MET F 37 -20.15 7.19 0.60
CA MET F 37 -20.75 6.08 -0.18
C MET F 37 -21.25 5.00 0.79
N ASN F 38 -22.09 4.12 0.29
CA ASN F 38 -22.65 3.05 1.14
C ASN F 38 -21.56 2.02 1.39
N THR F 39 -20.62 1.88 0.46
CA THR F 39 -19.58 0.86 0.56
C THR F 39 -18.21 1.51 0.70
N ILE F 40 -17.39 0.96 1.62
CA ILE F 40 -15.99 1.32 1.69
C ILE F 40 -15.28 0.81 0.43
N ARG F 41 -14.60 1.71 -0.26
CA ARG F 41 -14.00 1.39 -1.57
C ARG F 41 -12.62 2.00 -1.67
N SER F 42 -11.61 1.15 -1.78
CA SER F 42 -10.25 1.57 -2.12
C SER F 42 -9.89 1.00 -3.48
N GLY F 43 -9.26 1.81 -4.31
CA GLY F 43 -8.85 1.38 -5.63
C GLY F 43 -10.01 0.94 -6.50
N ALA F 44 -11.06 1.75 -6.55
CA ALA F 44 -12.24 1.48 -7.36
C ALA F 44 -12.17 2.28 -8.67
N GLY F 45 -13.05 1.92 -9.60
CA GLY F 45 -13.23 2.70 -10.80
C GLY F 45 -14.22 3.82 -10.57
N VAL F 46 -13.76 5.06 -10.70
CA VAL F 46 -14.60 6.24 -10.49
C VAL F 46 -14.59 7.07 -11.78
N CYS F 47 -15.79 7.32 -12.32
CA CYS F 47 -15.95 8.08 -13.55
C CYS F 47 -17.21 8.92 -13.44
N VAL F 48 -17.52 9.65 -14.51
CA VAL F 48 -18.70 10.51 -14.56
C VAL F 48 -19.51 10.12 -15.79
N LEU F 49 -20.79 9.79 -15.59
CA LEU F 49 -21.71 9.48 -16.66
C LEU F 49 -23.02 10.21 -16.43
N HIS F 50 -23.60 10.72 -17.51
CA HIS F 50 -24.70 11.67 -17.42
C HIS F 50 -24.23 12.85 -16.56
N ASN F 51 -24.78 12.98 -15.36
CA ASN F 51 -24.25 13.97 -14.42
C ASN F 51 -24.05 13.36 -13.05
N CYS F 52 -23.66 12.09 -13.02
CA CYS F 52 -23.52 11.32 -11.80
C CYS F 52 -22.11 10.76 -11.70
N ILE F 53 -21.66 10.57 -10.46
CA ILE F 53 -20.34 10.01 -10.17
C ILE F 53 -20.54 8.53 -9.89
N TYR F 54 -19.97 7.68 -10.75
CA TYR F 54 -20.06 6.23 -10.57
C TYR F 54 -18.82 5.72 -9.84
N ALA F 55 -19.02 4.74 -8.97
CA ALA F 55 -17.92 4.07 -8.29
C ALA F 55 -18.12 2.57 -8.43
N ALA F 56 -17.22 1.92 -9.15
CA ALA F 56 -17.34 0.50 -9.48
C ALA F 56 -16.23 -0.28 -8.80
N GLY F 57 -16.61 -1.30 -8.05
CA GLY F 57 -15.61 -2.22 -7.50
C GLY F 57 -14.79 -1.59 -6.39
N GLY F 58 -13.54 -2.02 -6.31
CA GLY F 58 -12.61 -1.60 -5.28
C GLY F 58 -12.42 -2.66 -4.22
N TYR F 59 -11.69 -2.27 -3.17
CA TYR F 59 -11.31 -3.15 -2.08
C TYR F 59 -11.70 -2.47 -0.78
N ASP F 60 -12.32 -3.22 0.14
CA ASP F 60 -12.80 -2.65 1.39
C ASP F 60 -11.99 -3.12 2.60
N GLY F 61 -10.85 -3.77 2.37
CA GLY F 61 -10.04 -4.32 3.43
C GLY F 61 -10.26 -5.80 3.68
N GLN F 62 -11.28 -6.40 3.08
CA GLN F 62 -11.56 -7.81 3.30
C GLN F 62 -11.79 -8.52 1.96
N ASP F 63 -12.66 -7.95 1.12
CA ASP F 63 -12.96 -8.56 -0.17
C ASP F 63 -12.94 -7.51 -1.27
N GLN F 64 -12.55 -7.96 -2.46
CA GLN F 64 -12.76 -7.18 -3.66
C GLN F 64 -14.24 -7.15 -4.01
N LEU F 65 -14.72 -6.01 -4.51
CA LEU F 65 -16.15 -5.77 -4.67
C LEU F 65 -16.55 -5.80 -6.13
N ASN F 66 -17.82 -6.16 -6.37
CA ASN F 66 -18.42 -6.00 -7.68
C ASN F 66 -19.57 -5.00 -7.70
N SER F 67 -20.05 -4.55 -6.55
CA SER F 67 -21.15 -3.60 -6.51
C SER F 67 -20.74 -2.29 -7.15
N VAL F 68 -21.73 -1.56 -7.67
CA VAL F 68 -21.53 -0.28 -8.33
C VAL F 68 -22.58 0.69 -7.80
N GLU F 69 -22.15 1.87 -7.36
CA GLU F 69 -23.08 2.88 -6.90
C GLU F 69 -22.75 4.21 -7.56
N ARG F 70 -23.75 5.08 -7.66
CA ARG F 70 -23.59 6.36 -8.32
C ARG F 70 -24.16 7.47 -7.47
N TYR F 71 -23.51 8.62 -7.55
CA TYR F 71 -23.84 9.80 -6.74
C TYR F 71 -24.56 10.81 -7.62
N ASP F 72 -25.84 11.05 -7.33
CA ASP F 72 -26.59 12.11 -7.99
C ASP F 72 -26.30 13.44 -7.31
N VAL F 73 -25.67 14.36 -8.05
CA VAL F 73 -25.21 15.60 -7.45
C VAL F 73 -26.38 16.46 -6.98
N GLU F 74 -27.55 16.31 -7.62
CA GLU F 74 -28.71 17.08 -7.20
C GLU F 74 -29.25 16.58 -5.86
N THR F 75 -29.60 15.30 -5.80
CA THR F 75 -30.15 14.74 -4.56
C THR F 75 -29.09 14.52 -3.49
N GLU F 76 -27.81 14.49 -3.86
CA GLU F 76 -26.71 14.27 -2.92
C GLU F 76 -26.84 12.92 -2.20
N THR F 77 -27.34 11.91 -2.88
CA THR F 77 -27.43 10.55 -2.32
C THR F 77 -26.77 9.56 -3.27
N TRP F 78 -26.14 8.55 -2.69
CA TRP F 78 -25.54 7.45 -3.44
C TRP F 78 -26.55 6.33 -3.62
N THR F 79 -26.60 5.76 -4.82
CA THR F 79 -27.57 4.73 -5.16
C THR F 79 -26.88 3.58 -5.87
N PHE F 80 -27.20 2.35 -5.49
CA PHE F 80 -26.61 1.18 -6.14
C PHE F 80 -27.24 0.96 -7.51
N VAL F 81 -26.41 0.58 -8.48
CA VAL F 81 -26.90 0.15 -9.79
C VAL F 81 -26.49 -1.31 -9.98
N ALA F 82 -26.57 -1.80 -11.21
CA ALA F 82 -26.26 -3.20 -11.46
C ALA F 82 -24.80 -3.48 -11.12
N PRO F 83 -24.51 -4.60 -10.41
CA PRO F 83 -23.14 -4.96 -10.10
C PRO F 83 -22.41 -5.54 -11.31
N MET F 84 -21.09 -5.60 -11.25
CA MET F 84 -20.29 -6.16 -12.36
C MET F 84 -20.24 -7.68 -12.20
N LYS F 85 -20.11 -8.39 -13.32
CA LYS F 85 -20.01 -9.87 -13.25
C LYS F 85 -18.81 -10.25 -12.37
N HIS F 86 -17.70 -9.56 -12.54
CA HIS F 86 -16.49 -9.93 -11.79
C HIS F 86 -16.16 -8.86 -10.76
N ARG F 87 -15.87 -9.31 -9.53
CA ARG F 87 -15.26 -8.43 -8.53
C ARG F 87 -13.87 -8.01 -8.99
N ARG F 88 -13.50 -6.77 -8.69
CA ARG F 88 -12.20 -6.27 -9.13
C ARG F 88 -11.85 -5.01 -8.37
N SER F 89 -10.58 -4.91 -7.97
CA SER F 89 -9.98 -3.69 -7.43
C SER F 89 -8.78 -3.33 -8.29
N ALA F 90 -8.36 -2.06 -8.19
CA ALA F 90 -7.27 -1.52 -9.02
C ALA F 90 -7.57 -1.72 -10.50
N LEU F 91 -8.79 -1.37 -10.89
CA LEU F 91 -9.27 -1.50 -12.26
C LEU F 91 -9.17 -0.18 -13.01
N GLY F 92 -9.07 -0.27 -14.33
CA GLY F 92 -9.15 0.89 -15.18
C GLY F 92 -10.58 1.16 -15.58
N ILE F 93 -10.89 2.44 -15.80
CA ILE F 93 -12.26 2.86 -16.08
C ILE F 93 -12.24 4.07 -17.02
N THR F 94 -13.24 4.12 -17.90
CA THR F 94 -13.41 5.24 -18.81
C THR F 94 -14.83 5.23 -19.34
N VAL F 95 -15.26 6.38 -19.86
CA VAL F 95 -16.58 6.55 -20.46
C VAL F 95 -16.39 6.79 -21.95
N HIS F 96 -17.16 6.07 -22.76
CA HIS F 96 -17.05 6.20 -24.20
C HIS F 96 -18.41 5.94 -24.83
N GLN F 97 -18.92 6.93 -25.57
CA GLN F 97 -20.20 6.83 -26.28
C GLN F 97 -21.33 6.43 -25.32
N GLY F 98 -21.44 7.17 -24.22
CA GLY F 98 -22.53 6.97 -23.29
C GLY F 98 -22.53 5.65 -22.56
N ARG F 99 -21.35 5.04 -22.37
CA ARG F 99 -21.23 3.79 -21.65
C ARG F 99 -19.98 3.81 -20.79
N ILE F 100 -19.97 2.96 -19.77
CA ILE F 100 -18.83 2.81 -18.87
C ILE F 100 -18.09 1.52 -19.22
N TYR F 101 -16.77 1.61 -19.38
CA TYR F 101 -15.91 0.46 -19.61
C TYR F 101 -15.00 0.26 -18.41
N VAL F 102 -14.97 -0.96 -17.87
CA VAL F 102 -14.05 -1.34 -16.81
C VAL F 102 -13.07 -2.37 -17.37
N LEU F 103 -11.79 -2.22 -17.01
CA LEU F 103 -10.71 -3.01 -17.59
C LEU F 103 -9.83 -3.59 -16.49
N GLY F 104 -9.63 -4.90 -16.55
CA GLY F 104 -8.66 -5.59 -15.70
C GLY F 104 -8.98 -5.51 -14.22
N GLY F 105 -7.92 -5.55 -13.43
CA GLY F 105 -8.04 -5.48 -11.98
C GLY F 105 -7.76 -6.83 -11.33
N TYR F 106 -7.80 -6.81 -10.00
CA TYR F 106 -7.53 -7.97 -9.17
C TYR F 106 -8.82 -8.38 -8.48
N ASP F 107 -9.16 -9.67 -8.57
CA ASP F 107 -10.39 -10.19 -8.00
C ASP F 107 -10.16 -10.96 -6.71
N GLY F 108 -8.95 -10.91 -6.16
CA GLY F 108 -8.60 -11.69 -4.98
C GLY F 108 -7.90 -13.00 -5.30
N HIS F 109 -7.74 -13.34 -6.57
CA HIS F 109 -7.06 -14.57 -6.97
C HIS F 109 -6.36 -14.37 -8.30
N THR F 110 -7.08 -13.89 -9.31
CA THR F 110 -6.58 -13.74 -10.67
C THR F 110 -6.46 -12.28 -11.04
N PHE F 111 -5.39 -11.94 -11.75
CA PHE F 111 -5.27 -10.63 -12.38
C PHE F 111 -6.07 -10.68 -13.69
N LEU F 112 -7.15 -9.92 -13.74
CA LEU F 112 -8.19 -10.14 -14.75
C LEU F 112 -7.80 -9.59 -16.11
N ASP F 113 -8.31 -10.25 -17.14
CA ASP F 113 -8.27 -9.75 -18.51
C ASP F 113 -9.64 -9.30 -18.99
N SER F 114 -10.67 -9.42 -18.14
CA SER F 114 -12.04 -9.11 -18.55
C SER F 114 -12.22 -7.61 -18.79
N VAL F 115 -13.12 -7.30 -19.72
CA VAL F 115 -13.54 -5.92 -19.97
C VAL F 115 -15.06 -5.92 -20.02
N GLU F 116 -15.69 -5.17 -19.12
CA GLU F 116 -17.14 -5.10 -19.04
C GLU F 116 -17.63 -3.72 -19.45
N CYS F 117 -18.80 -3.70 -20.08
CA CYS F 117 -19.41 -2.47 -20.57
C CYS F 117 -20.76 -2.30 -19.91
N TYR F 118 -20.97 -1.15 -19.27
CA TYR F 118 -22.21 -0.87 -18.57
C TYR F 118 -23.10 0.04 -19.42
N ASP F 119 -24.35 -0.39 -19.62
CA ASP F 119 -25.33 0.43 -20.32
C ASP F 119 -26.27 1.07 -19.31
N PRO F 120 -26.27 2.40 -19.15
CA PRO F 120 -27.17 3.01 -18.17
C PRO F 120 -28.63 2.95 -18.56
N ASP F 121 -28.94 2.84 -19.85
CA ASP F 121 -30.35 2.76 -20.25
C ASP F 121 -30.99 1.45 -19.80
N THR F 122 -30.23 0.36 -19.85
CA THR F 122 -30.74 -0.95 -19.47
C THR F 122 -30.29 -1.39 -18.09
N ASP F 123 -29.32 -0.69 -17.49
CA ASP F 123 -28.75 -1.07 -16.20
C ASP F 123 -28.23 -2.50 -16.22
N THR F 124 -27.38 -2.79 -17.20
CA THR F 124 -26.82 -4.12 -17.37
C THR F 124 -25.35 -4.01 -17.74
N TRP F 125 -24.53 -4.89 -17.20
CA TRP F 125 -23.14 -5.03 -17.60
C TRP F 125 -23.02 -6.15 -18.61
N SER F 126 -21.94 -6.14 -19.38
CA SER F 126 -21.69 -7.20 -20.35
C SER F 126 -20.21 -7.26 -20.66
N GLU F 127 -19.65 -8.47 -20.61
CA GLU F 127 -18.26 -8.69 -21.02
C GLU F 127 -18.14 -8.40 -22.50
N VAL F 128 -17.44 -7.34 -22.86
CA VAL F 128 -17.39 -6.92 -24.25
C VAL F 128 -16.23 -7.56 -25.02
N THR F 129 -15.13 -7.88 -24.34
CA THR F 129 -13.95 -8.50 -24.94
C THR F 129 -13.00 -8.85 -23.81
N ARG F 130 -11.79 -9.29 -24.15
CA ARG F 130 -10.76 -9.60 -23.18
C ARG F 130 -9.43 -9.05 -23.67
N MET F 131 -8.65 -8.47 -22.76
CA MET F 131 -7.33 -7.98 -23.10
C MET F 131 -6.40 -9.14 -23.41
N THR F 132 -5.24 -8.82 -24.00
CA THR F 132 -4.30 -9.88 -24.38
C THR F 132 -3.70 -10.54 -23.16
N SER F 133 -3.41 -9.76 -22.12
CA SER F 133 -2.86 -10.28 -20.88
C SER F 133 -3.65 -9.72 -19.70
N GLY F 134 -3.99 -10.59 -18.76
CA GLY F 134 -4.63 -10.15 -17.54
C GLY F 134 -3.68 -9.28 -16.73
N ARG F 135 -4.18 -8.16 -16.23
CA ARG F 135 -3.32 -7.24 -15.52
C ARG F 135 -4.18 -6.30 -14.67
N SER F 136 -3.55 -5.70 -13.68
CA SER F 136 -4.19 -4.79 -12.74
C SER F 136 -3.44 -3.47 -12.72
N GLY F 137 -4.04 -2.48 -12.06
CA GLY F 137 -3.43 -1.16 -12.01
C GLY F 137 -3.28 -0.53 -13.38
N VAL F 138 -4.29 -0.70 -14.24
CA VAL F 138 -4.17 -0.30 -15.64
C VAL F 138 -4.63 1.15 -15.78
N GLY F 139 -3.94 1.90 -16.63
CA GLY F 139 -4.43 3.19 -17.07
C GLY F 139 -5.23 3.04 -18.35
N VAL F 140 -6.34 3.75 -18.41
CA VAL F 140 -7.28 3.65 -19.52
C VAL F 140 -7.53 5.05 -20.07
N ALA F 141 -7.54 5.18 -21.39
CA ALA F 141 -7.75 6.47 -22.03
C ALA F 141 -8.46 6.25 -23.35
N VAL F 142 -9.18 7.26 -23.80
CA VAL F 142 -9.92 7.21 -25.06
C VAL F 142 -9.50 8.40 -25.91
N THR F 143 -9.05 8.14 -27.13
CA THR F 143 -8.65 9.17 -28.09
C THR F 143 -8.54 8.56 -29.48
N HIS G 3 -49.56 -7.29 72.87
CA HIS G 3 -48.82 -8.04 71.83
C HIS G 3 -47.74 -7.13 71.22
N MET G 4 -47.95 -6.61 70.01
CA MET G 4 -46.85 -5.84 69.39
C MET G 4 -47.35 -4.60 68.65
N LEU G 5 -48.47 -4.70 67.94
CA LEU G 5 -48.89 -3.53 67.14
C LEU G 5 -50.29 -3.06 67.53
N LEU G 6 -50.54 -1.77 67.43
CA LEU G 6 -51.82 -1.12 67.68
C LEU G 6 -52.50 -0.74 66.38
N TYR G 7 -53.79 -1.06 66.27
CA TYR G 7 -54.57 -0.84 65.06
C TYR G 7 -55.74 0.09 65.33
N ALA G 8 -56.08 0.90 64.33
CA ALA G 8 -57.21 1.83 64.38
C ALA G 8 -58.19 1.42 63.30
N VAL G 9 -59.34 0.85 63.70
CA VAL G 9 -60.29 0.22 62.80
C VAL G 9 -61.52 1.11 62.66
N GLY G 10 -61.92 1.37 61.42
CA GLY G 10 -63.07 2.18 61.09
C GLY G 10 -63.04 3.56 61.75
N GLY G 11 -64.23 4.15 61.86
CA GLY G 11 -64.39 5.41 62.54
C GLY G 11 -65.30 6.32 61.76
N PHE G 12 -65.27 7.61 62.13
CA PHE G 12 -66.14 8.61 61.53
C PHE G 12 -65.38 9.94 61.55
N ASP G 13 -64.97 10.43 60.38
CA ASP G 13 -64.13 11.62 60.33
C ASP G 13 -64.92 12.92 60.40
N GLY G 14 -66.24 12.85 60.53
CA GLY G 14 -67.11 14.02 60.53
C GLY G 14 -68.06 14.06 59.35
N THR G 15 -67.63 13.57 58.20
CA THR G 15 -68.46 13.54 57.00
C THR G 15 -68.75 12.13 56.52
N ASN G 16 -67.74 11.27 56.47
CA ASN G 16 -67.89 9.89 56.02
C ASN G 16 -67.51 8.93 57.14
N ARG G 17 -68.28 7.86 57.28
CA ARG G 17 -67.87 6.76 58.14
C ARG G 17 -66.91 5.87 57.36
N LEU G 18 -65.90 5.37 58.05
CA LEU G 18 -64.76 4.72 57.40
C LEU G 18 -64.90 3.20 57.46
N ASN G 19 -64.48 2.56 56.37
CA ASN G 19 -64.17 1.14 56.37
C ASN G 19 -62.66 0.90 56.37
N SER G 20 -61.88 1.98 56.35
CA SER G 20 -60.43 1.89 56.32
C SER G 20 -59.89 1.53 57.70
N ALA G 21 -58.63 1.09 57.72
CA ALA G 21 -57.95 0.72 58.95
C ALA G 21 -56.46 0.94 58.77
N GLU G 22 -55.81 1.43 59.81
CA GLU G 22 -54.38 1.71 59.77
C GLU G 22 -53.68 1.08 60.96
N CYS G 23 -52.38 0.86 60.80
CA CYS G 23 -51.55 0.30 61.91
C CYS G 23 -50.42 1.29 62.21
N TYR G 24 -49.94 1.32 63.44
CA TYR G 24 -48.82 2.21 63.82
C TYR G 24 -47.66 1.35 64.24
N TYR G 25 -46.45 1.72 63.82
CA TYR G 25 -45.24 0.91 64.15
C TYR G 25 -44.55 1.53 65.34
N ARG G 28 -40.46 2.93 64.92
CA ARG G 28 -40.48 3.56 63.57
C ARG G 28 -41.40 4.77 63.65
N ASN G 29 -42.40 4.72 64.55
CA ASN G 29 -43.32 5.87 64.77
C ASN G 29 -43.92 6.35 63.45
N GLU G 30 -44.76 5.52 62.84
CA GLU G 30 -45.45 5.93 61.58
C GLU G 30 -46.76 5.15 61.47
N TRP G 31 -47.78 5.80 60.89
CA TRP G 31 -49.10 5.15 60.77
C TRP G 31 -49.23 4.58 59.36
N ARG G 32 -49.30 3.25 59.25
CA ARG G 32 -49.36 2.62 57.91
C ARG G 32 -50.77 2.05 57.67
N MET G 33 -51.42 2.46 56.59
CA MET G 33 -52.76 2.01 56.26
C MET G 33 -52.71 0.58 55.73
N ILE G 34 -53.62 -0.26 56.21
CA ILE G 34 -53.64 -1.67 55.83
C ILE G 34 -54.84 -1.93 54.92
N THR G 35 -55.20 -3.21 54.76
CA THR G 35 -56.36 -3.56 53.95
C THR G 35 -57.65 -3.08 54.62
N ALA G 36 -58.49 -2.39 53.85
CA ALA G 36 -59.72 -1.84 54.40
C ALA G 36 -60.73 -2.95 54.68
N MET G 37 -61.61 -2.69 55.65
CA MET G 37 -62.64 -3.65 55.99
C MET G 37 -63.60 -3.86 54.81
N ASN G 38 -64.39 -4.93 54.91
CA ASN G 38 -65.42 -5.16 53.90
C ASN G 38 -66.58 -4.20 54.07
N THR G 39 -67.01 -3.98 55.32
CA THR G 39 -68.15 -3.13 55.61
C THR G 39 -67.68 -1.85 56.30
N ILE G 40 -68.30 -0.73 55.92
CA ILE G 40 -68.12 0.51 56.66
C ILE G 40 -68.67 0.32 58.06
N ARG G 41 -67.83 0.54 59.07
CA ARG G 41 -68.23 0.39 60.48
C ARG G 41 -67.73 1.58 61.28
N SER G 42 -68.65 2.31 61.90
CA SER G 42 -68.31 3.35 62.84
C SER G 42 -68.87 2.97 64.20
N GLY G 43 -68.04 3.10 65.23
CA GLY G 43 -68.48 2.75 66.58
C GLY G 43 -68.83 1.28 66.71
N ALA G 44 -67.99 0.40 66.18
CA ALA G 44 -68.17 -1.03 66.30
C ALA G 44 -67.37 -1.56 67.48
N GLY G 45 -67.73 -2.77 67.90
CA GLY G 45 -66.95 -3.45 68.91
C GLY G 45 -65.73 -4.10 68.28
N VAL G 46 -64.55 -3.68 68.70
CA VAL G 46 -63.29 -4.20 68.17
C VAL G 46 -62.48 -4.74 69.33
N CYS G 47 -62.04 -5.99 69.20
CA CYS G 47 -61.31 -6.68 70.24
C CYS G 47 -60.32 -7.62 69.58
N VAL G 48 -59.50 -8.28 70.39
CA VAL G 48 -58.52 -9.24 69.81
C VAL G 48 -58.75 -10.62 70.44
N LEU G 49 -58.88 -11.65 69.60
CA LEU G 49 -59.06 -13.03 70.11
C LEU G 49 -58.11 -13.96 69.36
N HIS G 50 -57.34 -14.75 70.11
CA HIS G 50 -56.39 -15.73 69.51
C HIS G 50 -55.30 -15.00 68.72
N ASN G 51 -55.65 -14.25 67.67
CA ASN G 51 -54.58 -13.65 66.85
C ASN G 51 -55.16 -12.58 65.95
N CYS G 52 -56.45 -12.68 65.62
CA CYS G 52 -57.02 -11.75 64.63
C CYS G 52 -57.78 -10.61 65.31
N ILE G 53 -58.04 -9.54 64.56
CA ILE G 53 -58.79 -8.38 65.11
C ILE G 53 -60.26 -8.54 64.70
N TYR G 54 -61.13 -8.72 65.68
CA TYR G 54 -62.56 -8.85 65.42
C TYR G 54 -63.22 -7.48 65.39
N ALA G 55 -64.21 -7.34 64.49
CA ALA G 55 -64.99 -6.10 64.39
C ALA G 55 -66.46 -6.50 64.28
N ALA G 56 -67.24 -6.17 65.31
CA ALA G 56 -68.63 -6.59 65.38
C ALA G 56 -69.55 -5.38 65.46
N GLY G 57 -70.63 -5.40 64.69
CA GLY G 57 -71.62 -4.35 64.74
C GLY G 57 -71.08 -3.04 64.17
N GLY G 58 -71.68 -1.95 64.62
CA GLY G 58 -71.34 -0.61 64.19
C GLY G 58 -72.44 0.02 63.39
N TYR G 59 -72.13 1.22 62.88
CA TYR G 59 -73.04 2.02 62.08
C TYR G 59 -72.34 2.40 60.78
N ASP G 60 -73.00 2.18 59.64
CA ASP G 60 -72.43 2.51 58.34
C ASP G 60 -73.02 3.78 57.74
N GLY G 61 -73.94 4.44 58.43
CA GLY G 61 -74.60 5.62 57.93
C GLY G 61 -76.04 5.40 57.48
N GLN G 62 -76.48 4.15 57.33
CA GLN G 62 -77.86 3.85 56.97
C GLN G 62 -78.53 2.90 57.95
N ASP G 63 -77.86 1.82 58.34
CA ASP G 63 -78.46 0.86 59.24
C ASP G 63 -77.39 0.37 60.21
N GLN G 64 -77.84 -0.01 61.41
CA GLN G 64 -76.93 -0.62 62.37
C GLN G 64 -76.57 -2.02 61.90
N LEU G 65 -75.33 -2.43 62.17
CA LEU G 65 -74.83 -3.68 61.64
C LEU G 65 -74.87 -4.78 62.70
N ASN G 66 -75.10 -6.01 62.23
CA ASN G 66 -74.98 -7.20 63.06
C ASN G 66 -73.87 -8.13 62.61
N SER G 67 -73.28 -7.90 61.44
CA SER G 67 -72.24 -8.76 60.93
C SER G 67 -70.95 -8.61 61.73
N VAL G 68 -70.12 -9.66 61.69
CA VAL G 68 -68.83 -9.67 62.35
C VAL G 68 -67.79 -10.17 61.35
N GLU G 69 -66.66 -9.46 61.27
CA GLU G 69 -65.54 -9.84 60.42
C GLU G 69 -64.25 -9.73 61.23
N ARG G 70 -63.24 -10.48 60.80
CA ARG G 70 -61.96 -10.52 61.52
C ARG G 70 -60.80 -10.45 60.54
N TYR G 71 -59.73 -9.79 60.97
CA TYR G 71 -58.54 -9.55 60.16
C TYR G 71 -57.41 -10.42 60.68
N ASP G 72 -57.00 -11.40 59.90
CA ASP G 72 -55.85 -12.23 60.26
C ASP G 72 -54.57 -11.50 59.85
N VAL G 73 -53.66 -11.33 60.81
CA VAL G 73 -52.47 -10.53 60.56
C VAL G 73 -51.53 -11.22 59.56
N GLU G 74 -51.56 -12.55 59.49
CA GLU G 74 -50.68 -13.26 58.57
C GLU G 74 -51.11 -13.05 57.13
N THR G 75 -52.35 -13.39 56.81
CA THR G 75 -52.84 -13.30 55.44
C THR G 75 -53.42 -11.93 55.09
N GLU G 76 -53.50 -11.02 56.07
CA GLU G 76 -53.90 -9.63 55.83
C GLU G 76 -55.25 -9.54 55.11
N THR G 77 -56.19 -10.39 55.51
CA THR G 77 -57.49 -10.46 54.85
C THR G 77 -58.60 -10.44 55.89
N TRP G 78 -59.59 -9.58 55.65
CA TRP G 78 -60.78 -9.55 56.50
C TRP G 78 -61.74 -10.66 56.07
N THR G 79 -62.28 -11.39 57.05
CA THR G 79 -63.13 -12.53 56.76
C THR G 79 -64.37 -12.48 57.65
N PHE G 80 -65.55 -12.61 57.03
CA PHE G 80 -66.79 -12.64 57.78
C PHE G 80 -66.91 -13.93 58.58
N VAL G 81 -67.37 -13.80 59.81
CA VAL G 81 -67.68 -14.96 60.66
C VAL G 81 -69.18 -14.95 60.93
N ALA G 82 -69.62 -15.72 61.92
CA ALA G 82 -71.03 -15.75 62.26
C ALA G 82 -71.47 -14.38 62.79
N PRO G 83 -72.59 -13.83 62.32
CA PRO G 83 -73.03 -12.53 62.81
C PRO G 83 -73.77 -12.64 64.12
N MET G 84 -73.89 -11.49 64.79
CA MET G 84 -74.64 -11.44 66.03
C MET G 84 -76.13 -11.61 65.77
N LYS G 85 -76.87 -11.92 66.83
CA LYS G 85 -78.32 -12.00 66.71
C LYS G 85 -78.94 -10.63 66.49
N HIS G 86 -78.46 -9.62 67.21
CA HIS G 86 -79.02 -8.27 67.16
C HIS G 86 -78.03 -7.32 66.50
N ARG G 87 -78.55 -6.42 65.67
CA ARG G 87 -77.72 -5.34 65.14
C ARG G 87 -77.40 -4.35 66.26
N ARG G 88 -76.13 -3.98 66.39
CA ARG G 88 -75.70 -3.14 67.50
C ARG G 88 -74.72 -2.10 67.00
N SER G 89 -75.06 -0.83 67.20
CA SER G 89 -74.11 0.26 67.15
C SER G 89 -73.94 0.81 68.56
N ALA G 90 -72.77 1.41 68.82
CA ALA G 90 -72.43 1.95 70.12
C ALA G 90 -72.52 0.87 71.21
N LEU G 91 -71.99 -0.29 70.89
CA LEU G 91 -72.01 -1.45 71.78
C LEU G 91 -70.73 -1.51 72.61
N GLY G 92 -70.77 -2.31 73.66
CA GLY G 92 -69.60 -2.64 74.44
C GLY G 92 -69.10 -4.03 74.07
N ILE G 93 -67.81 -4.26 74.27
CA ILE G 93 -67.20 -5.52 73.87
C ILE G 93 -66.02 -5.83 74.80
N THR G 94 -65.78 -7.11 74.99
CA THR G 94 -64.64 -7.56 75.79
C THR G 94 -64.35 -9.01 75.45
N VAL G 95 -63.14 -9.44 75.78
CA VAL G 95 -62.70 -10.81 75.61
C VAL G 95 -62.45 -11.40 76.99
N HIS G 96 -62.99 -12.57 77.24
CA HIS G 96 -62.90 -13.20 78.56
C HIS G 96 -62.83 -14.71 78.35
N GLN G 97 -61.68 -15.30 78.65
CA GLN G 97 -61.50 -16.75 78.56
C GLN G 97 -61.76 -17.27 77.15
N GLY G 98 -61.18 -16.58 76.17
CA GLY G 98 -61.28 -17.01 74.78
C GLY G 98 -62.63 -16.77 74.14
N ARG G 99 -63.51 -16.01 74.77
CA ARG G 99 -64.84 -15.75 74.22
C ARG G 99 -65.09 -14.26 74.18
N ILE G 100 -65.75 -13.80 73.12
CA ILE G 100 -66.12 -12.40 72.95
C ILE G 100 -67.47 -12.18 73.61
N TYR G 101 -67.61 -11.05 74.30
CA TYR G 101 -68.87 -10.65 74.91
C TYR G 101 -69.24 -9.27 74.41
N VAL G 102 -70.43 -9.16 73.80
CA VAL G 102 -70.97 -7.87 73.36
C VAL G 102 -72.11 -7.48 74.29
N LEU G 103 -72.19 -6.20 74.63
CA LEU G 103 -73.12 -5.71 75.63
C LEU G 103 -73.85 -4.48 75.10
N GLY G 104 -75.18 -4.53 75.13
CA GLY G 104 -76.00 -3.36 74.86
C GLY G 104 -75.91 -2.84 73.43
N GLY G 105 -76.04 -1.54 73.31
CA GLY G 105 -75.97 -0.87 72.03
C GLY G 105 -77.34 -0.39 71.57
N TYR G 106 -77.38 0.02 70.31
CA TYR G 106 -78.57 0.57 69.69
C TYR G 106 -78.81 -0.16 68.38
N ASP G 107 -80.04 -0.64 68.18
CA ASP G 107 -80.38 -1.43 67.01
C ASP G 107 -81.17 -0.64 65.97
N GLY G 108 -81.32 0.68 66.16
CA GLY G 108 -82.07 1.52 65.26
C GLY G 108 -83.48 1.86 65.73
N HIS G 109 -83.88 1.39 66.90
CA HIS G 109 -85.21 1.70 67.42
C HIS G 109 -85.26 1.43 68.92
N THR G 110 -84.40 0.53 69.38
CA THR G 110 -84.39 0.08 70.77
C THR G 110 -83.00 0.20 71.35
N PHE G 111 -82.91 0.71 72.57
CA PHE G 111 -81.67 0.63 73.33
C PHE G 111 -81.63 -0.73 74.00
N LEU G 112 -80.59 -1.51 73.69
CA LEU G 112 -80.57 -2.94 74.02
C LEU G 112 -80.01 -3.22 75.40
N ASP G 113 -80.57 -4.24 76.04
CA ASP G 113 -80.00 -4.81 77.25
C ASP G 113 -79.39 -6.18 77.00
N SER G 114 -79.42 -6.67 75.77
CA SER G 114 -78.94 -8.01 75.46
C SER G 114 -77.43 -8.10 75.59
N VAL G 115 -76.97 -9.29 75.99
CA VAL G 115 -75.55 -9.61 76.03
C VAL G 115 -75.38 -10.93 75.29
N GLU G 116 -74.50 -10.95 74.30
CA GLU G 116 -74.22 -12.15 73.52
C GLU G 116 -72.78 -12.60 73.76
N CYS G 117 -72.52 -13.86 73.41
CA CYS G 117 -71.21 -14.47 73.62
C CYS G 117 -70.84 -15.28 72.39
N TYR G 118 -69.63 -15.08 71.88
CA TYR G 118 -69.16 -15.73 70.67
C TYR G 118 -68.04 -16.71 71.01
N ASP G 119 -68.24 -17.97 70.65
CA ASP G 119 -67.18 -18.97 70.77
C ASP G 119 -66.50 -19.17 69.42
N PRO G 120 -65.18 -19.03 69.34
CA PRO G 120 -64.52 -19.12 68.03
C PRO G 120 -64.34 -20.53 67.53
N ASP G 121 -64.33 -21.53 68.41
CA ASP G 121 -64.14 -22.91 67.96
C ASP G 121 -65.36 -23.42 67.20
N THR G 122 -66.55 -22.94 67.55
CA THR G 122 -67.77 -23.36 66.90
C THR G 122 -68.43 -22.28 66.06
N ASP G 123 -67.94 -21.03 66.12
CA ASP G 123 -68.43 -19.95 65.27
C ASP G 123 -69.92 -19.72 65.44
N THR G 124 -70.34 -19.59 66.70
CA THR G 124 -71.74 -19.37 67.04
C THR G 124 -71.86 -18.34 68.15
N TRP G 125 -72.88 -17.50 68.05
CA TRP G 125 -73.23 -16.54 69.09
C TRP G 125 -74.38 -17.10 69.92
N SER G 126 -74.33 -16.87 71.23
CA SER G 126 -75.39 -17.32 72.13
C SER G 126 -75.69 -16.24 73.14
N GLU G 127 -76.97 -15.95 73.34
CA GLU G 127 -77.38 -14.96 74.34
C GLU G 127 -77.17 -15.53 75.73
N VAL G 128 -76.55 -14.76 76.61
CA VAL G 128 -76.16 -15.21 77.94
C VAL G 128 -77.05 -14.63 79.03
N THR G 129 -77.26 -13.31 79.02
CA THR G 129 -78.06 -12.64 80.04
C THR G 129 -78.39 -11.25 79.53
N ARG G 130 -79.42 -10.64 80.10
CA ARG G 130 -79.79 -9.26 79.79
C ARG G 130 -79.39 -8.36 80.95
N MET G 131 -78.92 -7.15 80.61
CA MET G 131 -78.61 -6.14 81.63
C MET G 131 -79.89 -5.69 82.34
N THR G 132 -79.71 -4.99 83.46
CA THR G 132 -80.87 -4.50 84.22
C THR G 132 -81.68 -3.51 83.41
N SER G 133 -81.04 -2.76 82.53
CA SER G 133 -81.74 -1.83 81.65
C SER G 133 -81.02 -1.78 80.32
N GLY G 134 -81.75 -1.41 79.28
CA GLY G 134 -81.14 -1.19 77.99
C GLY G 134 -80.29 0.07 78.04
N ARG G 135 -79.08 0.00 77.48
CA ARG G 135 -78.23 1.17 77.40
C ARG G 135 -77.21 0.99 76.29
N SER G 136 -76.90 2.10 75.62
CA SER G 136 -75.88 2.17 74.59
C SER G 136 -74.73 3.04 75.07
N GLY G 137 -73.60 2.92 74.37
CA GLY G 137 -72.39 3.58 74.84
C GLY G 137 -71.88 3.03 76.15
N VAL G 138 -72.11 1.74 76.42
CA VAL G 138 -71.69 1.15 77.68
C VAL G 138 -70.20 0.87 77.64
N GLY G 139 -69.55 1.05 78.78
CA GLY G 139 -68.18 0.59 78.97
C GLY G 139 -68.19 -0.80 79.59
N VAL G 140 -67.33 -1.67 79.08
CA VAL G 140 -67.24 -3.05 79.53
C VAL G 140 -65.85 -3.29 80.09
N ALA G 141 -65.79 -4.03 81.19
CA ALA G 141 -64.51 -4.33 81.85
C ALA G 141 -64.61 -5.68 82.55
N VAL G 142 -63.51 -6.42 82.55
CA VAL G 142 -63.43 -7.72 83.21
C VAL G 142 -62.28 -7.64 84.21
N THR G 143 -62.62 -7.69 85.50
CA THR G 143 -61.63 -7.63 86.57
C THR G 143 -62.17 -8.23 87.88
N MET H 4 -62.62 -11.66 87.11
CA MET H 4 -63.56 -12.81 87.21
C MET H 4 -65.00 -12.32 87.09
N LEU H 5 -65.21 -11.01 87.15
CA LEU H 5 -66.60 -10.46 87.12
C LEU H 5 -66.74 -9.45 85.97
N LEU H 6 -67.89 -9.44 85.30
CA LEU H 6 -68.11 -8.54 84.14
C LEU H 6 -68.77 -7.25 84.62
N TYR H 7 -68.27 -6.11 84.15
CA TYR H 7 -68.84 -4.84 84.58
C TYR H 7 -69.36 -4.05 83.37
N ALA H 8 -70.55 -3.50 83.51
CA ALA H 8 -71.13 -2.57 82.54
C ALA H 8 -71.19 -1.19 83.18
N VAL H 9 -70.50 -0.22 82.58
CA VAL H 9 -70.28 1.09 83.18
C VAL H 9 -70.96 2.16 82.34
N GLY H 10 -71.77 2.99 82.99
CA GLY H 10 -72.40 4.13 82.35
C GLY H 10 -73.30 3.74 81.19
N GLY H 11 -73.47 4.68 80.27
CA GLY H 11 -74.18 4.45 79.03
C GLY H 11 -75.27 5.48 78.80
N PHE H 12 -76.23 5.11 77.96
CA PHE H 12 -77.35 5.98 77.59
C PHE H 12 -78.57 5.09 77.40
N ASP H 13 -79.59 5.27 78.24
CA ASP H 13 -80.74 4.38 78.19
C ASP H 13 -81.79 4.80 77.18
N GLY H 14 -81.54 5.90 76.45
CA GLY H 14 -82.50 6.46 75.52
C GLY H 14 -83.08 7.79 75.98
N THR H 15 -83.23 7.96 77.28
CA THR H 15 -83.67 9.23 77.85
C THR H 15 -82.61 9.88 78.71
N ASN H 16 -81.90 9.10 79.51
CA ASN H 16 -80.90 9.62 80.43
C ASN H 16 -79.54 9.04 80.10
N ARG H 17 -78.52 9.87 80.24
CA ARG H 17 -77.15 9.38 80.28
C ARG H 17 -76.85 8.93 81.70
N LEU H 18 -76.12 7.82 81.81
CA LEU H 18 -76.01 7.10 83.08
C LEU H 18 -74.65 7.32 83.73
N ASN H 19 -74.66 7.46 85.05
CA ASN H 19 -73.45 7.33 85.85
C ASN H 19 -73.44 6.02 86.64
N SER H 20 -74.42 5.15 86.42
CA SER H 20 -74.54 3.92 87.17
C SER H 20 -73.64 2.85 86.57
N ALA H 21 -73.48 1.76 87.32
CA ALA H 21 -72.66 0.64 86.89
C ALA H 21 -73.21 -0.63 87.53
N GLU H 22 -73.12 -1.73 86.79
CA GLU H 22 -73.60 -3.01 87.28
C GLU H 22 -72.57 -4.08 86.99
N CYS H 23 -72.58 -5.12 87.83
CA CYS H 23 -71.66 -6.23 87.74
C CYS H 23 -72.45 -7.50 87.47
N TYR H 24 -71.99 -8.30 86.50
CA TYR H 24 -72.63 -9.59 86.24
C TYR H 24 -72.06 -10.63 87.19
N TYR H 25 -72.92 -11.16 88.07
CA TYR H 25 -72.50 -12.19 89.00
C TYR H 25 -73.00 -13.54 88.50
N PRO H 26 -72.12 -14.39 87.96
CA PRO H 26 -72.59 -15.66 87.38
C PRO H 26 -73.04 -16.68 88.40
N GLU H 27 -72.79 -16.45 89.69
CA GLU H 27 -73.18 -17.37 90.75
C GLU H 27 -74.68 -17.21 91.03
N ARG H 28 -75.40 -16.65 90.07
CA ARG H 28 -76.82 -16.35 90.25
C ARG H 28 -77.48 -15.96 88.92
N ASN H 29 -76.66 -15.79 87.89
CA ASN H 29 -77.12 -15.36 86.57
C ASN H 29 -78.02 -14.13 86.69
N GLU H 30 -77.56 -13.15 87.45
CA GLU H 30 -78.26 -11.88 87.59
C GLU H 30 -77.24 -10.75 87.65
N TRP H 31 -77.71 -9.55 87.37
CA TRP H 31 -76.90 -8.34 87.43
C TRP H 31 -77.23 -7.58 88.71
N ARG H 32 -76.18 -7.10 89.38
CA ARG H 32 -76.32 -6.33 90.60
C ARG H 32 -75.64 -4.98 90.44
N MET H 33 -76.30 -3.93 90.87
CA MET H 33 -75.76 -2.59 90.75
C MET H 33 -74.68 -2.34 91.80
N ILE H 34 -73.69 -1.53 91.42
CA ILE H 34 -72.56 -1.19 92.29
C ILE H 34 -72.52 0.32 92.45
N THR H 35 -71.55 0.82 93.23
CA THR H 35 -71.47 2.24 93.53
C THR H 35 -71.42 3.05 92.24
N ALA H 36 -72.32 4.00 92.08
CA ALA H 36 -72.36 4.80 90.84
C ALA H 36 -71.09 5.63 90.68
N MET H 37 -70.82 6.10 89.46
CA MET H 37 -69.63 6.94 89.19
C MET H 37 -69.91 8.36 89.68
N ASN H 38 -68.85 9.15 89.82
CA ASN H 38 -69.00 10.54 90.29
C ASN H 38 -69.41 11.42 89.11
N THR H 39 -69.40 10.86 87.91
CA THR H 39 -69.70 11.65 86.72
C THR H 39 -70.59 10.81 85.81
N ILE H 40 -71.57 11.47 85.19
CA ILE H 40 -72.42 10.82 84.19
C ILE H 40 -71.63 10.71 82.89
N ARG H 41 -71.51 9.49 82.37
CA ARG H 41 -70.67 9.24 81.19
C ARG H 41 -71.37 8.29 80.24
N SER H 42 -71.64 8.76 79.02
CA SER H 42 -72.06 7.88 77.93
C SER H 42 -70.96 7.83 76.89
N GLY H 43 -70.70 6.64 76.35
CA GLY H 43 -69.72 6.48 75.30
C GLY H 43 -68.34 6.92 75.74
N ALA H 44 -67.88 6.37 76.85
CA ALA H 44 -66.57 6.67 77.42
C ALA H 44 -65.62 5.51 77.17
N GLY H 45 -64.33 5.78 77.35
CA GLY H 45 -63.36 4.71 77.33
C GLY H 45 -63.31 4.02 78.67
N VAL H 46 -63.48 2.70 78.67
CA VAL H 46 -63.49 1.91 79.90
C VAL H 46 -62.54 0.75 79.73
N CYS H 47 -61.68 0.54 80.73
CA CYS H 47 -60.64 -0.48 80.65
C CYS H 47 -60.21 -0.85 82.07
N VAL H 48 -59.35 -1.86 82.15
CA VAL H 48 -58.84 -2.36 83.42
C VAL H 48 -57.32 -2.19 83.43
N LEU H 49 -56.82 -1.50 84.45
CA LEU H 49 -55.40 -1.38 84.72
C LEU H 49 -55.14 -1.84 86.14
N HIS H 50 -54.33 -2.89 86.29
CA HIS H 50 -54.05 -3.52 87.58
C HIS H 50 -55.32 -4.10 88.18
N ASN H 51 -55.88 -3.43 89.19
CA ASN H 51 -57.14 -3.85 89.81
C ASN H 51 -58.11 -2.68 89.87
N CYS H 52 -58.31 -2.01 88.74
CA CYS H 52 -59.15 -0.84 88.71
C CYS H 52 -59.85 -0.74 87.37
N ILE H 53 -61.10 -0.32 87.40
CA ILE H 53 -61.85 0.01 86.18
C ILE H 53 -61.69 1.50 85.93
N TYR H 54 -61.10 1.86 84.80
CA TYR H 54 -60.94 3.26 84.45
C TYR H 54 -62.09 3.69 83.55
N ALA H 55 -62.59 4.90 83.78
CA ALA H 55 -63.60 5.50 82.93
C ALA H 55 -63.10 6.89 82.52
N ALA H 56 -62.76 7.04 81.24
CA ALA H 56 -62.18 8.26 80.71
C ALA H 56 -63.12 8.88 79.69
N GLY H 57 -63.35 10.18 79.83
CA GLY H 57 -64.15 10.91 78.86
C GLY H 57 -65.61 10.53 78.89
N GLY H 58 -66.26 10.73 77.74
CA GLY H 58 -67.67 10.45 77.59
C GLY H 58 -68.47 11.72 77.37
N TYR H 59 -69.78 11.52 77.29
CA TYR H 59 -70.74 12.60 77.04
C TYR H 59 -71.84 12.50 78.09
N ASP H 60 -72.11 13.62 78.77
CA ASP H 60 -73.09 13.64 79.86
C ASP H 60 -74.43 14.23 79.43
N GLY H 61 -74.63 14.46 78.14
CA GLY H 61 -75.84 15.08 77.64
C GLY H 61 -75.73 16.57 77.39
N GLN H 62 -74.63 17.20 77.81
CA GLN H 62 -74.48 18.63 77.58
C GLN H 62 -73.07 18.95 77.09
N ASP H 63 -72.07 18.26 77.62
CA ASP H 63 -70.67 18.54 77.30
C ASP H 63 -69.91 17.24 77.13
N GLN H 64 -68.85 17.30 76.35
CA GLN H 64 -67.89 16.21 76.28
C GLN H 64 -66.92 16.32 77.44
N LEU H 65 -66.54 15.18 78.01
CA LEU H 65 -65.77 15.15 79.25
C LEU H 65 -64.32 14.80 78.99
N ASN H 66 -63.43 15.45 79.73
CA ASN H 66 -62.02 15.09 79.78
C ASN H 66 -61.61 14.46 81.09
N SER H 67 -62.48 14.45 82.09
CA SER H 67 -62.12 13.89 83.40
C SER H 67 -62.03 12.37 83.34
N VAL H 68 -61.21 11.81 84.23
CA VAL H 68 -60.99 10.38 84.33
C VAL H 68 -61.15 9.98 85.79
N GLU H 69 -61.87 8.88 86.03
CA GLU H 69 -61.97 8.31 87.35
C GLU H 69 -61.81 6.80 87.24
N ARG H 70 -61.38 6.17 88.33
CA ARG H 70 -61.17 4.74 88.35
C ARG H 70 -61.79 4.12 89.59
N TYR H 71 -62.26 2.89 89.43
CA TYR H 71 -63.00 2.18 90.48
C TYR H 71 -62.10 1.16 91.13
N ASP H 72 -61.91 1.29 92.44
CA ASP H 72 -61.17 0.31 93.21
C ASP H 72 -62.16 -0.77 93.65
N VAL H 73 -61.95 -2.00 93.18
CA VAL H 73 -62.89 -3.07 93.49
C VAL H 73 -62.88 -3.41 94.98
N GLU H 74 -61.73 -3.28 95.63
CA GLU H 74 -61.66 -3.59 97.06
C GLU H 74 -62.40 -2.55 97.89
N THR H 75 -62.06 -1.27 97.71
CA THR H 75 -62.67 -0.21 98.51
C THR H 75 -64.03 0.21 97.98
N GLU H 76 -64.43 -0.25 96.80
CA GLU H 76 -65.78 -0.03 96.27
C GLU H 76 -66.10 1.44 96.05
N THR H 77 -65.08 2.28 95.85
CA THR H 77 -65.29 3.70 95.61
C THR H 77 -64.61 4.13 94.32
N TRP H 78 -65.22 5.11 93.65
CA TRP H 78 -64.66 5.74 92.46
C TRP H 78 -63.78 6.93 92.85
N THR H 79 -62.64 7.05 92.20
CA THR H 79 -61.67 8.10 92.49
C THR H 79 -61.21 8.78 91.21
N PHE H 80 -61.24 10.11 91.20
CA PHE H 80 -60.75 10.86 90.05
C PHE H 80 -59.23 10.76 89.96
N VAL H 81 -58.71 10.66 88.73
CA VAL H 81 -57.28 10.76 88.51
C VAL H 81 -57.01 11.95 87.60
N ALA H 82 -55.78 12.05 87.09
CA ALA H 82 -55.43 13.18 86.24
C ALA H 82 -56.33 13.18 85.00
N PRO H 83 -56.81 14.36 84.56
CA PRO H 83 -57.67 14.44 83.40
C PRO H 83 -56.87 14.46 82.09
N MET H 84 -57.55 14.17 81.00
CA MET H 84 -56.88 14.17 79.68
C MET H 84 -56.84 15.62 79.19
N LYS H 85 -55.96 15.91 78.24
CA LYS H 85 -55.89 17.28 77.68
C LYS H 85 -57.14 17.52 76.86
N HIS H 86 -57.66 16.49 76.20
CA HIS H 86 -58.80 16.66 75.33
C HIS H 86 -60.05 16.02 75.93
N ARG H 87 -61.16 16.74 75.87
CA ARG H 87 -62.46 16.14 76.10
C ARG H 87 -62.81 15.23 74.93
N ARG H 88 -63.30 14.03 75.23
CA ARG H 88 -63.56 13.04 74.18
C ARG H 88 -64.84 12.28 74.47
N SER H 89 -65.69 12.18 73.46
CA SER H 89 -66.79 11.21 73.43
C SER H 89 -66.59 10.30 72.22
N ALA H 90 -67.02 9.04 72.37
CA ALA H 90 -66.88 8.03 71.32
C ALA H 90 -65.40 7.83 70.97
N LEU H 91 -64.59 7.59 71.99
CA LEU H 91 -63.16 7.40 71.87
C LEU H 91 -62.82 5.92 71.89
N GLY H 92 -61.71 5.57 71.24
CA GLY H 92 -61.14 4.26 71.40
C GLY H 92 -60.21 4.22 72.59
N ILE H 93 -60.09 3.04 73.20
CA ILE H 93 -59.26 2.87 74.39
C ILE H 93 -58.66 1.47 74.38
N THR H 94 -57.45 1.36 74.90
CA THR H 94 -56.78 0.08 75.03
C THR H 94 -55.68 0.20 76.08
N VAL H 95 -55.26 -0.95 76.61
CA VAL H 95 -54.21 -1.02 77.60
C VAL H 95 -53.06 -1.84 77.01
N HIS H 96 -51.87 -1.25 76.98
CA HIS H 96 -50.69 -1.90 76.42
C HIS H 96 -49.52 -1.68 77.37
N GLN H 97 -49.15 -2.75 78.10
CA GLN H 97 -48.00 -2.75 79.00
C GLN H 97 -48.14 -1.68 80.08
N GLY H 98 -49.17 -1.84 80.91
CA GLY H 98 -49.35 -1.02 82.08
C GLY H 98 -49.68 0.44 81.83
N ARG H 99 -50.19 0.77 80.64
CA ARG H 99 -50.57 2.14 80.33
C ARG H 99 -51.86 2.14 79.51
N ILE H 100 -52.66 3.18 79.68
CA ILE H 100 -53.89 3.36 78.91
C ILE H 100 -53.59 4.24 77.72
N TYR H 101 -54.18 3.91 76.57
CA TYR H 101 -54.11 4.72 75.36
C TYR H 101 -55.52 5.03 74.90
N VAL H 102 -55.80 6.31 74.67
CA VAL H 102 -57.08 6.75 74.14
C VAL H 102 -56.87 7.29 72.73
N LEU H 103 -57.81 7.01 71.84
CA LEU H 103 -57.63 7.28 70.42
C LEU H 103 -58.84 7.99 69.87
N GLY H 104 -58.62 9.20 69.32
CA GLY H 104 -59.68 9.90 68.62
C GLY H 104 -60.84 10.34 69.50
N GLY H 105 -62.00 10.45 68.89
CA GLY H 105 -63.20 10.89 69.55
C GLY H 105 -63.64 12.26 69.06
N TYR H 106 -64.72 12.74 69.67
CA TYR H 106 -65.30 14.05 69.39
C TYR H 106 -65.22 14.89 70.66
N ASP H 107 -64.70 16.12 70.53
CA ASP H 107 -64.54 17.00 71.67
C ASP H 107 -65.60 18.09 71.74
N GLY H 108 -66.63 18.00 70.90
CA GLY H 108 -67.65 19.04 70.81
C GLY H 108 -67.44 20.03 69.69
N HIS H 109 -66.26 20.04 69.06
CA HIS H 109 -66.01 20.93 67.94
C HIS H 109 -65.32 20.20 66.80
N THR H 110 -64.34 19.35 67.11
CA THR H 110 -63.54 18.69 66.10
C THR H 110 -63.42 17.20 66.39
N PHE H 111 -63.30 16.42 65.32
CA PHE H 111 -63.04 14.99 65.42
C PHE H 111 -61.54 14.81 65.63
N LEU H 112 -61.16 14.35 66.81
CA LEU H 112 -59.77 14.43 67.23
C LEU H 112 -58.91 13.36 66.55
N ASP H 113 -57.68 13.73 66.25
CA ASP H 113 -56.65 12.78 65.84
C ASP H 113 -55.69 12.47 66.97
N SER H 114 -55.89 13.09 68.13
CA SER H 114 -54.95 12.95 69.23
C SER H 114 -55.03 11.57 69.87
N VAL H 115 -53.88 11.05 70.25
CA VAL H 115 -53.76 9.80 70.99
C VAL H 115 -52.96 10.10 72.24
N GLU H 116 -53.58 9.92 73.39
CA GLU H 116 -52.93 10.19 74.67
C GLU H 116 -52.64 8.89 75.41
N CYS H 117 -51.62 8.93 76.26
CA CYS H 117 -51.18 7.78 77.03
C CYS H 117 -51.13 8.16 78.50
N TYR H 118 -51.72 7.32 79.35
CA TYR H 118 -51.78 7.60 80.78
C TYR H 118 -50.81 6.67 81.52
N ASP H 119 -49.93 7.27 82.33
CA ASP H 119 -49.03 6.50 83.17
C ASP H 119 -49.58 6.45 84.59
N PRO H 120 -50.01 5.29 85.08
CA PRO H 120 -50.57 5.24 86.44
C PRO H 120 -49.54 5.50 87.54
N ASP H 121 -48.24 5.35 87.27
CA ASP H 121 -47.24 5.58 88.30
C ASP H 121 -47.07 7.09 88.56
N THR H 122 -47.03 7.90 87.52
CA THR H 122 -46.87 9.35 87.65
C THR H 122 -48.18 10.11 87.60
N ASP H 123 -49.29 9.45 87.27
CA ASP H 123 -50.60 10.10 87.16
C ASP H 123 -50.53 11.28 86.20
N THR H 124 -50.06 11.01 84.99
CA THR H 124 -49.94 12.01 83.95
C THR H 124 -50.51 11.48 82.65
N TRP H 125 -51.15 12.36 81.89
CA TRP H 125 -51.58 12.07 80.53
C TRP H 125 -50.62 12.77 79.57
N SER H 126 -49.91 11.99 78.78
CA SER H 126 -48.96 12.52 77.80
C SER H 126 -49.43 12.16 76.41
N GLU H 127 -49.21 13.06 75.45
CA GLU H 127 -49.63 12.80 74.09
C GLU H 127 -48.48 12.15 73.35
N VAL H 128 -48.75 11.00 72.75
CA VAL H 128 -47.73 10.15 72.16
C VAL H 128 -47.68 10.33 70.65
N THR H 129 -48.78 10.04 69.97
CA THR H 129 -48.80 10.07 68.51
C THR H 129 -50.00 10.91 68.04
N ARG H 130 -50.39 10.64 66.79
CA ARG H 130 -51.56 11.33 66.23
C ARG H 130 -51.98 10.54 65.00
N MET H 131 -53.22 10.07 64.99
CA MET H 131 -53.73 9.29 63.83
C MET H 131 -53.61 10.17 62.60
N THR H 132 -53.45 9.55 61.45
CA THR H 132 -53.35 10.33 60.20
C THR H 132 -54.48 11.35 60.17
N SER H 133 -55.72 10.88 60.31
CA SER H 133 -56.90 11.74 60.17
C SER H 133 -57.69 11.66 61.46
N GLY H 134 -58.21 12.80 61.91
CA GLY H 134 -59.09 12.81 63.05
C GLY H 134 -60.38 12.06 62.77
N ARG H 135 -60.92 11.41 63.80
CA ARG H 135 -62.13 10.62 63.68
C ARG H 135 -62.56 10.16 65.06
N SER H 136 -63.79 9.66 65.13
CA SER H 136 -64.41 9.19 66.37
C SER H 136 -65.03 7.82 66.11
N GLY H 137 -65.42 7.15 67.19
CA GLY H 137 -66.01 5.83 67.07
C GLY H 137 -65.11 4.82 66.38
N VAL H 138 -63.81 4.84 66.71
CA VAL H 138 -62.85 3.91 66.12
C VAL H 138 -62.63 2.75 67.07
N GLY H 139 -62.36 1.59 66.50
CA GLY H 139 -62.03 0.40 67.27
C GLY H 139 -60.51 0.28 67.40
N VAL H 140 -60.07 -0.07 68.60
CA VAL H 140 -58.65 -0.19 68.91
C VAL H 140 -58.34 -1.65 69.23
N ALA H 141 -57.21 -2.13 68.71
CA ALA H 141 -56.80 -3.51 68.93
C ALA H 141 -55.30 -3.57 69.11
N VAL H 142 -54.85 -4.39 70.05
CA VAL H 142 -53.44 -4.58 70.33
C VAL H 142 -53.09 -6.04 70.08
N THR H 143 -52.44 -6.31 68.94
CA THR H 143 -51.98 -7.65 68.60
C THR H 143 -50.81 -7.65 67.61
N MET I 4 29.50 -23.65 -42.98
CA MET I 4 28.26 -24.44 -43.13
C MET I 4 28.20 -25.53 -42.05
N LEU I 5 29.10 -25.48 -41.07
CA LEU I 5 29.04 -26.45 -39.95
C LEU I 5 28.47 -25.76 -38.71
N LEU I 6 27.54 -26.41 -38.02
CA LEU I 6 26.92 -25.84 -36.78
C LEU I 6 27.86 -26.06 -35.60
N TYR I 7 28.04 -25.03 -34.78
CA TYR I 7 28.94 -25.10 -33.64
C TYR I 7 28.19 -24.76 -32.37
N ALA I 8 28.23 -25.66 -31.39
CA ALA I 8 27.66 -25.42 -30.07
C ALA I 8 28.81 -25.20 -29.09
N VAL I 9 28.82 -24.05 -28.43
CA VAL I 9 29.97 -23.57 -27.69
C VAL I 9 29.58 -23.33 -26.24
N GLY I 10 30.36 -23.88 -25.32
CA GLY I 10 30.18 -23.67 -23.90
C GLY I 10 28.82 -24.17 -23.42
N GLY I 11 28.35 -23.56 -22.34
CA GLY I 11 27.03 -23.84 -21.81
C GLY I 11 27.09 -24.22 -20.35
N PHE I 12 25.95 -24.70 -19.85
CA PHE I 12 25.81 -25.13 -18.47
C PHE I 12 24.93 -26.37 -18.46
N ASP I 13 25.43 -27.47 -17.91
CA ASP I 13 24.72 -28.74 -17.95
C ASP I 13 23.96 -29.05 -16.67
N GLY I 14 23.85 -28.08 -15.76
CA GLY I 14 23.17 -28.25 -14.49
C GLY I 14 24.10 -28.49 -13.33
N THR I 15 25.29 -29.03 -13.59
CA THR I 15 26.30 -29.25 -12.56
C THR I 15 27.57 -28.48 -12.84
N ASN I 16 28.06 -28.52 -14.07
CA ASN I 16 29.29 -27.86 -14.45
C ASN I 16 29.01 -26.85 -15.55
N ARG I 17 29.77 -25.77 -15.54
CA ARG I 17 29.82 -24.89 -16.70
C ARG I 17 30.94 -25.38 -17.60
N LEU I 18 30.71 -25.27 -18.91
CA LEU I 18 31.54 -25.93 -19.90
C LEU I 18 32.39 -24.94 -20.67
N ASN I 19 33.66 -25.32 -20.90
CA ASN I 19 34.51 -24.62 -21.84
C ASN I 19 34.70 -25.41 -23.13
N SER I 20 34.03 -26.55 -23.25
CA SER I 20 34.13 -27.38 -24.44
C SER I 20 33.21 -26.87 -25.53
N ALA I 21 33.52 -27.27 -26.77
CA ALA I 21 32.73 -26.90 -27.93
C ALA I 21 32.69 -28.10 -28.86
N GLU I 22 31.51 -28.39 -29.40
CA GLU I 22 31.34 -29.47 -30.35
C GLU I 22 30.75 -28.95 -31.65
N CYS I 23 30.99 -29.70 -32.73
CA CYS I 23 30.51 -29.28 -34.06
C CYS I 23 29.52 -30.33 -34.59
N TYR I 24 28.52 -29.90 -35.36
CA TYR I 24 27.56 -30.87 -35.96
C TYR I 24 28.02 -31.26 -37.37
N TYR I 25 28.70 -32.39 -37.51
CA TYR I 25 29.13 -32.90 -38.83
C TYR I 25 27.95 -33.66 -39.42
N PRO I 26 27.23 -33.11 -40.42
CA PRO I 26 26.01 -33.73 -40.94
C PRO I 26 26.24 -34.95 -41.84
N GLU I 27 27.50 -35.37 -42.00
CA GLU I 27 27.79 -36.62 -42.75
C GLU I 27 26.79 -37.65 -42.23
N ARG I 28 26.51 -37.61 -40.93
CA ARG I 28 25.44 -38.46 -40.34
C ARG I 28 24.89 -37.67 -39.16
N ASN I 29 24.13 -38.32 -38.29
CA ASN I 29 23.70 -37.60 -37.06
C ASN I 29 24.93 -37.58 -36.17
N GLU I 30 25.95 -36.79 -36.54
CA GLU I 30 27.23 -36.81 -35.82
C GLU I 30 27.60 -35.49 -35.15
N TRP I 31 27.60 -35.46 -33.83
CA TRP I 31 28.08 -34.26 -33.10
C TRP I 31 29.47 -34.61 -32.62
N ARG I 32 30.49 -33.89 -33.08
CA ARG I 32 31.88 -34.27 -32.71
C ARG I 32 32.54 -33.09 -32.00
N MET I 33 33.51 -33.37 -31.14
CA MET I 33 34.09 -32.30 -30.31
C MET I 33 35.26 -31.60 -30.99
N ILE I 34 35.54 -30.39 -30.56
CA ILE I 34 36.64 -29.60 -31.10
C ILE I 34 37.43 -29.02 -29.91
N THR I 35 38.49 -28.28 -30.22
CA THR I 35 39.38 -27.76 -29.19
C THR I 35 38.62 -26.83 -28.25
N ALA I 36 38.58 -27.18 -26.96
CA ALA I 36 37.87 -26.37 -25.98
C ALA I 36 38.46 -24.97 -25.89
N MET I 37 37.63 -24.02 -25.49
CA MET I 37 38.13 -22.66 -25.28
C MET I 37 39.07 -22.63 -24.10
N ASN I 38 39.74 -21.48 -23.91
CA ASN I 38 40.61 -21.32 -22.75
C ASN I 38 39.80 -21.10 -21.48
N THR I 39 38.65 -20.45 -21.60
CA THR I 39 37.85 -20.03 -20.46
C THR I 39 36.51 -20.74 -20.46
N ILE I 40 36.09 -21.19 -19.27
CA ILE I 40 34.74 -21.70 -19.07
C ILE I 40 33.76 -20.56 -19.25
N ARG I 41 32.76 -20.75 -20.13
CA ARG I 41 31.77 -19.73 -20.43
C ARG I 41 30.38 -20.35 -20.59
N SER I 42 29.42 -19.83 -19.84
CA SER I 42 28.02 -20.14 -20.08
C SER I 42 27.27 -18.83 -20.26
N GLY I 43 26.31 -18.81 -21.17
CA GLY I 43 25.60 -17.59 -21.49
C GLY I 43 26.51 -16.51 -22.02
N ALA I 44 27.45 -16.87 -22.90
CA ALA I 44 28.33 -15.91 -23.52
C ALA I 44 27.76 -15.42 -24.85
N GLY I 45 28.30 -14.31 -25.34
CA GLY I 45 28.02 -13.87 -26.68
C GLY I 45 28.88 -14.59 -27.70
N VAL I 46 28.27 -15.41 -28.54
CA VAL I 46 28.98 -16.16 -29.59
C VAL I 46 28.43 -15.71 -30.94
N CYS I 47 29.34 -15.38 -31.86
CA CYS I 47 28.96 -14.92 -33.18
C CYS I 47 30.06 -15.28 -34.18
N VAL I 48 29.81 -14.99 -35.44
CA VAL I 48 30.75 -15.28 -36.53
C VAL I 48 31.12 -13.97 -37.20
N LEU I 49 32.43 -13.70 -37.26
CA LEU I 49 32.96 -12.53 -37.95
C LEU I 49 34.14 -12.98 -38.78
N HIS I 50 34.06 -12.71 -40.09
CA HIS I 50 35.09 -13.20 -41.06
C HIS I 50 34.87 -14.71 -41.09
N ASN I 51 35.87 -15.51 -40.72
CA ASN I 51 35.59 -16.97 -40.64
C ASN I 51 36.04 -17.44 -39.26
N CYS I 52 35.96 -16.54 -38.28
CA CYS I 52 36.39 -16.89 -36.91
C CYS I 52 35.17 -16.83 -35.97
N ILE I 53 35.10 -17.75 -35.02
CA ILE I 53 34.01 -17.78 -34.04
C ILE I 53 34.46 -17.02 -32.81
N TYR I 54 33.74 -15.95 -32.47
CA TYR I 54 34.04 -15.16 -31.28
C TYR I 54 33.19 -15.62 -30.12
N ALA I 55 33.78 -15.66 -28.92
CA ALA I 55 33.04 -15.90 -27.69
C ALA I 55 33.41 -14.80 -26.70
N ALA I 56 32.42 -14.02 -26.30
CA ALA I 56 32.64 -12.82 -25.49
C ALA I 56 31.86 -12.94 -24.19
N GLY I 57 32.54 -12.68 -23.07
CA GLY I 57 31.86 -12.65 -21.79
C GLY I 57 31.34 -14.03 -21.39
N GLY I 58 30.27 -14.01 -20.61
CA GLY I 58 29.70 -15.22 -20.04
C GLY I 58 30.03 -15.35 -18.57
N TYR I 59 29.59 -16.47 -18.02
CA TYR I 59 29.72 -16.78 -16.60
C TYR I 59 30.43 -18.12 -16.44
N ASP I 60 31.36 -18.21 -15.50
CA ASP I 60 32.14 -19.42 -15.30
C ASP I 60 31.78 -20.17 -14.03
N GLY I 61 30.78 -19.71 -13.27
CA GLY I 61 30.41 -20.30 -12.01
C GLY I 61 30.88 -19.52 -10.80
N GLN I 62 31.87 -18.65 -10.98
CA GLN I 62 32.35 -17.80 -9.89
C GLN I 62 32.29 -16.31 -10.23
N ASP I 63 32.52 -15.95 -11.49
CA ASP I 63 32.63 -14.55 -11.86
C ASP I 63 32.07 -14.34 -13.25
N GLN I 64 31.51 -13.16 -13.47
CA GLN I 64 31.14 -12.74 -14.81
C GLN I 64 32.41 -12.31 -15.56
N LEU I 65 32.44 -12.62 -16.85
CA LEU I 65 33.65 -12.46 -17.64
C LEU I 65 33.60 -11.24 -18.55
N ASN I 66 34.76 -10.65 -18.78
CA ASN I 66 34.93 -9.66 -19.84
C ASN I 66 35.86 -10.12 -20.95
N SER I 67 36.55 -11.25 -20.77
CA SER I 67 37.48 -11.72 -21.79
C SER I 67 36.74 -12.17 -23.04
N VAL I 68 37.43 -12.07 -24.18
CA VAL I 68 36.91 -12.52 -25.46
C VAL I 68 37.98 -13.37 -26.13
N GLU I 69 37.58 -14.51 -26.66
CA GLU I 69 38.49 -15.36 -27.42
C GLU I 69 37.81 -15.78 -28.71
N ARG I 70 38.61 -16.03 -29.75
CA ARG I 70 38.09 -16.34 -31.07
C ARG I 70 38.73 -17.61 -31.61
N TYR I 71 37.96 -18.34 -32.39
CA TYR I 71 38.32 -19.68 -32.85
C TYR I 71 38.54 -19.63 -34.35
N ASP I 72 39.82 -19.58 -34.76
CA ASP I 72 40.18 -19.69 -36.16
C ASP I 72 39.98 -21.12 -36.61
N VAL I 73 39.00 -21.34 -37.51
CA VAL I 73 38.63 -22.68 -37.91
C VAL I 73 39.76 -23.39 -38.63
N GLU I 74 40.63 -22.64 -39.31
CA GLU I 74 41.75 -23.26 -40.01
C GLU I 74 42.76 -23.82 -39.03
N THR I 75 43.30 -22.98 -38.14
CA THR I 75 44.30 -23.45 -37.19
C THR I 75 43.68 -24.28 -36.06
N GLU I 76 42.36 -24.21 -35.88
CA GLU I 76 41.65 -25.00 -34.87
C GLU I 76 42.07 -24.64 -33.45
N THR I 77 42.53 -23.41 -33.24
CA THR I 77 42.94 -22.95 -31.93
C THR I 77 42.11 -21.75 -31.51
N TRP I 78 42.01 -21.55 -30.20
CA TRP I 78 41.35 -20.38 -29.62
C TRP I 78 42.41 -19.35 -29.21
N THR I 79 42.11 -18.08 -29.48
CA THR I 79 43.05 -17.00 -29.20
C THR I 79 42.31 -15.87 -28.50
N PHE I 80 42.93 -15.30 -27.47
CA PHE I 80 42.36 -14.18 -26.76
C PHE I 80 42.55 -12.89 -27.55
N VAL I 81 41.48 -12.09 -27.63
CA VAL I 81 41.58 -10.77 -28.24
C VAL I 81 41.36 -9.73 -27.16
N ALA I 82 41.09 -8.50 -27.57
CA ALA I 82 40.90 -7.43 -26.59
C ALA I 82 39.69 -7.73 -25.72
N PRO I 83 39.80 -7.57 -24.38
CA PRO I 83 38.65 -7.80 -23.51
C PRO I 83 37.65 -6.65 -23.58
N MET I 84 36.38 -6.95 -23.29
CA MET I 84 35.35 -5.89 -23.23
C MET I 84 35.65 -5.06 -21.98
N LYS I 85 35.23 -3.80 -21.98
CA LYS I 85 35.45 -2.94 -20.79
C LYS I 85 34.64 -3.52 -19.62
N HIS I 86 33.40 -3.92 -19.87
CA HIS I 86 32.54 -4.43 -18.81
C HIS I 86 32.47 -5.95 -18.84
N ARG I 87 32.58 -6.57 -17.68
CA ARG I 87 32.22 -7.98 -17.55
C ARG I 87 30.72 -8.12 -17.70
N ARG I 88 30.30 -9.14 -18.44
CA ARG I 88 28.87 -9.32 -18.65
C ARG I 88 28.57 -10.77 -19.02
N SER I 89 27.52 -11.30 -18.42
CA SER I 89 26.90 -12.54 -18.83
C SER I 89 25.45 -12.24 -19.23
N ALA I 90 24.85 -13.18 -19.96
CA ALA I 90 23.49 -13.01 -20.48
C ALA I 90 23.39 -11.75 -21.34
N LEU I 91 24.44 -11.50 -22.11
CA LEU I 91 24.51 -10.39 -23.04
C LEU I 91 23.91 -10.79 -24.38
N GLY I 92 23.60 -9.78 -25.18
CA GLY I 92 23.27 -9.97 -26.57
C GLY I 92 24.46 -9.62 -27.43
N ILE I 93 24.44 -10.13 -28.66
CA ILE I 93 25.56 -10.01 -29.56
C ILE I 93 25.06 -10.10 -30.99
N THR I 94 25.70 -9.36 -31.87
CA THR I 94 25.37 -9.36 -33.28
C THR I 94 26.54 -8.76 -34.04
N VAL I 95 26.60 -9.05 -35.33
CA VAL I 95 27.63 -8.52 -36.21
C VAL I 95 26.98 -7.55 -37.18
N HIS I 96 27.64 -6.42 -37.42
CA HIS I 96 27.11 -5.37 -38.29
C HIS I 96 28.27 -4.65 -38.94
N GLN I 97 28.31 -4.66 -40.27
CA GLN I 97 29.37 -4.00 -41.05
C GLN I 97 30.76 -4.43 -40.58
N GLY I 98 30.93 -5.73 -40.43
CA GLY I 98 32.21 -6.27 -40.00
C GLY I 98 32.63 -5.87 -38.60
N ARG I 99 31.69 -5.54 -37.72
CA ARG I 99 31.99 -5.21 -36.34
C ARG I 99 31.05 -5.97 -35.41
N ILE I 100 31.53 -6.22 -34.20
CA ILE I 100 30.75 -6.94 -33.20
C ILE I 100 30.13 -5.93 -32.25
N TYR I 101 28.85 -6.11 -31.94
CA TYR I 101 28.15 -5.30 -30.97
C TYR I 101 27.66 -6.20 -29.85
N VAL I 102 27.98 -5.84 -28.61
CA VAL I 102 27.48 -6.53 -27.43
C VAL I 102 26.54 -5.59 -26.70
N LEU I 103 25.42 -6.12 -26.21
CA LEU I 103 24.36 -5.31 -25.64
C LEU I 103 23.96 -5.88 -24.28
N GLY I 104 23.97 -5.02 -23.26
CA GLY I 104 23.41 -5.38 -21.97
C GLY I 104 24.19 -6.47 -21.25
N GLY I 105 23.47 -7.19 -20.39
CA GLY I 105 24.05 -8.28 -19.62
C GLY I 105 24.07 -7.96 -18.14
N TYR I 106 24.63 -8.90 -17.38
CA TYR I 106 24.77 -8.80 -15.94
C TYR I 106 26.25 -8.86 -15.60
N ASP I 107 26.71 -7.95 -14.73
CA ASP I 107 28.13 -7.87 -14.38
C ASP I 107 28.44 -8.43 -13.01
N GLY I 108 27.43 -8.93 -12.29
CA GLY I 108 27.58 -9.38 -10.94
C GLY I 108 26.88 -8.51 -9.92
N HIS I 109 26.50 -7.30 -10.30
CA HIS I 109 25.83 -6.38 -9.39
C HIS I 109 24.87 -5.48 -10.13
N THR I 110 25.17 -5.19 -11.41
CA THR I 110 24.39 -4.25 -12.21
C THR I 110 23.88 -4.94 -13.47
N PHE I 111 22.63 -4.64 -13.81
CA PHE I 111 22.06 -5.03 -15.10
C PHE I 111 22.38 -3.92 -16.09
N LEU I 112 23.35 -4.18 -16.96
CA LEU I 112 23.97 -3.12 -17.73
C LEU I 112 23.06 -2.61 -18.84
N ASP I 113 23.20 -1.32 -19.15
CA ASP I 113 22.66 -0.74 -20.37
C ASP I 113 23.75 -0.45 -21.40
N SER I 114 25.00 -0.76 -21.08
CA SER I 114 26.12 -0.44 -21.95
C SER I 114 26.07 -1.24 -23.25
N VAL I 115 26.45 -0.57 -24.35
CA VAL I 115 26.62 -1.19 -25.65
C VAL I 115 28.06 -0.94 -26.07
N GLU I 116 28.82 -2.01 -26.30
CA GLU I 116 30.21 -1.92 -26.73
C GLU I 116 30.33 -2.44 -28.16
N CYS I 117 31.23 -1.82 -28.92
CA CYS I 117 31.49 -2.19 -30.30
C CYS I 117 32.96 -2.57 -30.45
N TYR I 118 33.21 -3.61 -31.23
CA TYR I 118 34.56 -4.15 -31.40
C TYR I 118 35.01 -3.94 -32.84
N ASP I 119 36.19 -3.33 -33.02
CA ASP I 119 36.82 -3.21 -34.32
C ASP I 119 37.92 -4.25 -34.43
N PRO I 120 37.79 -5.27 -35.28
CA PRO I 120 38.86 -6.27 -35.37
C PRO I 120 40.13 -5.73 -35.99
N ASP I 121 40.05 -4.70 -36.83
CA ASP I 121 41.26 -4.18 -37.47
C ASP I 121 42.19 -3.50 -36.46
N THR I 122 41.65 -2.92 -35.40
CA THR I 122 42.46 -2.34 -34.35
C THR I 122 42.34 -3.09 -33.03
N ASP I 123 41.56 -4.17 -32.98
CA ASP I 123 41.36 -4.96 -31.77
C ASP I 123 40.97 -4.05 -30.60
N THR I 124 39.94 -3.25 -30.81
CA THR I 124 39.54 -2.24 -29.83
C THR I 124 38.05 -2.35 -29.57
N TRP I 125 37.69 -2.32 -28.28
CA TRP I 125 36.29 -2.23 -27.86
C TRP I 125 35.99 -0.76 -27.56
N SER I 126 35.02 -0.19 -28.26
CA SER I 126 34.56 1.15 -27.99
C SER I 126 33.13 1.11 -27.46
N GLU I 127 32.85 1.96 -26.49
CA GLU I 127 31.49 2.12 -25.98
C GLU I 127 30.77 3.11 -26.89
N VAL I 128 29.76 2.63 -27.61
CA VAL I 128 29.10 3.46 -28.61
C VAL I 128 27.96 4.27 -28.03
N THR I 129 27.04 3.62 -27.32
CA THR I 129 25.89 4.30 -26.76
C THR I 129 25.34 3.44 -25.62
N ARG I 130 24.27 3.93 -25.00
CA ARG I 130 23.64 3.23 -23.89
C ARG I 130 22.15 3.07 -24.18
N MET I 131 21.56 2.03 -23.60
CA MET I 131 20.17 1.67 -23.82
C MET I 131 19.26 2.48 -22.90
N THR I 132 17.98 2.57 -23.28
CA THR I 132 17.02 3.29 -22.46
C THR I 132 16.82 2.65 -21.09
N SER I 133 17.21 1.38 -20.93
CA SER I 133 17.19 0.73 -19.63
C SER I 133 18.24 -0.37 -19.63
N GLY I 134 18.81 -0.63 -18.45
CA GLY I 134 19.68 -1.77 -18.29
C GLY I 134 18.89 -3.06 -18.32
N ARG I 135 19.45 -4.07 -18.99
CA ARG I 135 18.75 -5.34 -19.06
C ARG I 135 19.73 -6.44 -19.41
N SER I 136 19.34 -7.67 -19.07
CA SER I 136 20.11 -8.87 -19.37
C SER I 136 19.16 -9.90 -19.98
N GLY I 137 19.74 -10.91 -20.62
CA GLY I 137 18.92 -11.85 -21.36
C GLY I 137 18.20 -11.16 -22.51
N VAL I 138 18.84 -10.18 -23.11
CA VAL I 138 18.25 -9.38 -24.19
C VAL I 138 18.61 -10.02 -25.52
N GLY I 139 17.66 -10.02 -26.44
CA GLY I 139 17.92 -10.46 -27.80
C GLY I 139 18.25 -9.30 -28.71
N VAL I 140 19.11 -9.57 -29.69
CA VAL I 140 19.63 -8.54 -30.59
C VAL I 140 19.40 -8.96 -32.03
N ALA I 141 19.07 -7.99 -32.88
CA ALA I 141 18.79 -8.26 -34.28
C ALA I 141 19.21 -7.07 -35.13
N VAL I 142 19.62 -7.35 -36.36
CA VAL I 142 19.94 -6.32 -37.34
C VAL I 142 19.11 -6.60 -38.58
N THR I 143 18.25 -5.66 -38.94
CA THR I 143 17.34 -5.84 -40.06
C THR I 143 16.77 -4.49 -40.47
N MET J 4 20.03 -2.83 -41.59
CA MET J 4 20.24 -1.36 -41.45
C MET J 4 20.11 -0.92 -39.99
N LEU J 5 19.08 -1.37 -39.27
CA LEU J 5 18.86 -0.87 -37.90
C LEU J 5 19.12 -1.95 -36.83
N LEU J 6 19.66 -1.56 -35.67
CA LEU J 6 19.94 -2.51 -34.57
C LEU J 6 18.74 -2.57 -33.62
N TYR J 7 18.36 -3.78 -33.23
CA TYR J 7 17.15 -3.93 -32.39
C TYR J 7 17.50 -4.66 -31.12
N ALA J 8 16.84 -4.28 -30.02
CA ALA J 8 17.05 -4.90 -28.72
C ALA J 8 15.71 -5.37 -28.19
N VAL J 9 15.59 -6.68 -27.97
CA VAL J 9 14.29 -7.32 -27.77
C VAL J 9 14.25 -7.93 -26.38
N GLY J 10 13.25 -7.55 -25.60
CA GLY J 10 13.00 -8.14 -24.30
C GLY J 10 14.16 -7.94 -23.34
N GLY J 11 14.27 -8.88 -22.38
CA GLY J 11 15.35 -8.90 -21.43
C GLY J 11 14.82 -8.93 -20.00
N PHE J 12 15.72 -8.61 -19.07
CA PHE J 12 15.37 -8.60 -17.66
C PHE J 12 16.16 -7.47 -17.02
N ASP J 13 15.46 -6.56 -16.33
CA ASP J 13 16.09 -5.39 -15.75
C ASP J 13 16.42 -5.55 -14.28
N GLY J 14 16.25 -6.75 -13.73
CA GLY J 14 16.46 -7.01 -12.32
C GLY J 14 15.20 -6.99 -11.47
N THR J 15 14.13 -6.38 -11.96
CA THR J 15 12.86 -6.38 -11.26
C THR J 15 11.75 -6.98 -12.11
N ASN J 16 11.60 -6.54 -13.35
CA ASN J 16 10.58 -7.06 -14.25
C ASN J 16 11.27 -7.68 -15.46
N ARG J 17 10.71 -8.78 -15.95
CA ARG J 17 11.07 -9.26 -17.27
C ARG J 17 10.31 -8.46 -18.30
N LEU J 18 10.96 -8.18 -19.42
CA LEU J 18 10.50 -7.18 -20.37
C LEU J 18 9.92 -7.83 -21.63
N ASN J 19 8.84 -7.24 -22.13
CA ASN J 19 8.32 -7.56 -23.45
C ASN J 19 8.56 -6.43 -24.43
N SER J 20 9.24 -5.36 -24.01
CA SER J 20 9.45 -4.20 -24.85
C SER J 20 10.65 -4.41 -25.76
N ALA J 21 10.77 -3.54 -26.76
CA ALA J 21 11.85 -3.60 -27.73
C ALA J 21 12.17 -2.19 -28.17
N GLU J 22 13.45 -1.88 -28.28
CA GLU J 22 13.88 -0.58 -28.77
C GLU J 22 14.75 -0.76 -29.99
N CYS J 23 14.87 0.33 -30.76
CA CYS J 23 15.67 0.31 -32.00
C CYS J 23 16.66 1.47 -31.96
N TYR J 24 17.90 1.22 -32.38
CA TYR J 24 18.93 2.28 -32.39
C TYR J 24 18.91 2.98 -33.72
N TYR J 25 18.53 4.26 -33.71
CA TYR J 25 18.53 5.09 -34.94
C TYR J 25 19.80 5.90 -34.90
N PRO J 26 20.88 5.46 -35.58
CA PRO J 26 22.18 6.13 -35.46
C PRO J 26 22.13 7.65 -35.71
N GLU J 27 21.41 8.08 -36.73
CA GLU J 27 21.38 9.53 -37.08
C GLU J 27 21.25 10.37 -35.81
N ARG J 28 20.20 10.17 -35.02
CA ARG J 28 19.96 11.04 -33.85
C ARG J 28 20.63 10.48 -32.59
N ASN J 29 21.61 9.59 -32.75
CA ASN J 29 22.26 8.94 -31.57
C ASN J 29 21.19 8.64 -30.53
N GLU J 30 20.11 7.96 -30.92
CA GLU J 30 19.01 7.76 -29.96
C GLU J 30 18.41 6.35 -30.04
N TRP J 31 18.09 5.78 -28.89
CA TRP J 31 17.38 4.48 -28.88
C TRP J 31 15.90 4.81 -28.76
N ARG J 32 15.07 4.28 -29.65
CA ARG J 32 13.65 4.59 -29.68
C ARG J 32 12.85 3.32 -29.49
N MET J 33 11.85 3.37 -28.61
CA MET J 33 10.99 2.23 -28.39
C MET J 33 10.14 1.95 -29.61
N ILE J 34 9.91 0.66 -29.87
CA ILE J 34 9.06 0.25 -30.98
C ILE J 34 7.88 -0.53 -30.40
N THR J 35 7.08 -1.14 -31.26
CA THR J 35 5.96 -1.95 -30.79
C THR J 35 6.49 -3.11 -29.95
N ALA J 36 5.91 -3.29 -28.76
CA ALA J 36 6.37 -4.32 -27.86
C ALA J 36 5.83 -5.68 -28.27
N MET J 37 6.56 -6.73 -27.89
CA MET J 37 6.12 -8.09 -28.16
C MET J 37 4.81 -8.39 -27.41
N ASN J 38 4.15 -9.48 -27.82
CA ASN J 38 2.97 -9.92 -27.12
C ASN J 38 3.32 -10.66 -25.84
N THR J 39 4.45 -11.35 -25.82
CA THR J 39 4.88 -12.14 -24.68
C THR J 39 6.09 -11.51 -24.02
N ILE J 40 6.09 -11.51 -22.69
CA ILE J 40 7.25 -11.10 -21.91
C ILE J 40 8.32 -12.18 -22.04
N ARG J 41 9.50 -11.80 -22.52
CA ARG J 41 10.55 -12.76 -22.86
C ARG J 41 11.90 -12.25 -22.41
N SER J 42 12.57 -13.00 -21.53
CA SER J 42 13.98 -12.80 -21.23
C SER J 42 14.72 -14.10 -21.49
N GLY J 43 15.94 -13.99 -22.02
CA GLY J 43 16.69 -15.18 -22.35
C GLY J 43 16.11 -15.94 -23.53
N ALA J 44 15.46 -15.24 -24.44
CA ALA J 44 14.85 -15.87 -25.61
C ALA J 44 15.88 -15.99 -26.72
N GLY J 45 15.52 -16.76 -27.76
CA GLY J 45 16.30 -16.82 -28.96
C GLY J 45 15.79 -15.79 -29.94
N VAL J 46 16.62 -14.81 -30.26
CA VAL J 46 16.25 -13.73 -31.17
C VAL J 46 17.19 -13.79 -32.38
N CYS J 47 16.60 -13.80 -33.57
CA CYS J 47 17.36 -13.88 -34.80
C CYS J 47 16.57 -13.17 -35.90
N VAL J 48 17.14 -13.17 -37.09
CA VAL J 48 16.55 -12.51 -38.25
C VAL J 48 16.49 -13.51 -39.39
N LEU J 49 15.30 -13.68 -39.96
CA LEU J 49 15.10 -14.50 -41.15
C LEU J 49 14.29 -13.70 -42.15
N HIS J 50 14.78 -13.63 -43.38
CA HIS J 50 14.18 -12.79 -44.41
C HIS J 50 14.10 -11.35 -43.93
N ASN J 51 12.89 -10.84 -43.73
CA ASN J 51 12.68 -9.45 -43.33
C ASN J 51 12.27 -9.29 -41.88
N CYS J 52 12.05 -10.38 -41.16
CA CYS J 52 11.41 -10.31 -39.85
C CYS J 52 12.37 -10.69 -38.73
N ILE J 53 12.07 -10.16 -37.54
CA ILE J 53 12.81 -10.47 -36.32
C ILE J 53 12.02 -11.55 -35.59
N TYR J 54 12.68 -12.68 -35.33
CA TYR J 54 12.05 -13.79 -34.63
C TYR J 54 12.44 -13.77 -33.16
N ALA J 55 11.48 -14.09 -32.30
CA ALA J 55 11.73 -14.22 -30.86
C ALA J 55 11.13 -15.55 -30.42
N ALA J 56 11.98 -16.47 -29.97
CA ALA J 56 11.59 -17.82 -29.63
C ALA J 56 11.91 -18.13 -28.18
N GLY J 57 10.92 -18.67 -27.45
CA GLY J 57 11.18 -19.11 -26.10
C GLY J 57 11.37 -17.96 -25.13
N GLY J 58 12.05 -18.23 -24.03
CA GLY J 58 12.36 -17.25 -23.02
C GLY J 58 11.72 -17.58 -21.70
N TYR J 59 11.84 -16.63 -20.77
CA TYR J 59 11.30 -16.78 -19.42
C TYR J 59 10.51 -15.52 -19.09
N ASP J 60 9.26 -15.70 -18.65
CA ASP J 60 8.40 -14.57 -18.32
C ASP J 60 8.31 -14.31 -16.83
N GLY J 61 9.16 -14.94 -16.02
CA GLY J 61 9.11 -14.83 -14.59
C GLY J 61 8.32 -15.92 -13.90
N GLN J 62 7.47 -16.64 -14.61
CA GLN J 62 6.73 -17.76 -14.06
C GLN J 62 7.10 -19.09 -14.69
N ASP J 63 7.09 -19.18 -16.01
CA ASP J 63 7.36 -20.44 -16.70
C ASP J 63 8.24 -20.18 -17.93
N GLN J 64 8.91 -21.23 -18.37
CA GLN J 64 9.64 -21.19 -19.62
C GLN J 64 8.67 -21.25 -20.80
N LEU J 65 9.03 -20.56 -21.87
CA LEU J 65 8.13 -20.39 -23.01
C LEU J 65 8.51 -21.30 -24.17
N ASN J 66 7.49 -21.71 -24.93
CA ASN J 66 7.69 -22.38 -26.20
C ASN J 66 7.10 -21.61 -27.37
N SER J 67 6.32 -20.56 -27.11
CA SER J 67 5.76 -19.77 -28.19
C SER J 67 6.85 -18.98 -28.91
N VAL J 68 6.58 -18.66 -30.17
CA VAL J 68 7.47 -17.90 -31.03
C VAL J 68 6.65 -16.82 -31.72
N GLU J 69 7.14 -15.58 -31.69
CA GLU J 69 6.52 -14.49 -32.44
C GLU J 69 7.58 -13.79 -33.27
N ARG J 70 7.13 -13.15 -34.35
CA ARG J 70 8.04 -12.49 -35.27
C ARG J 70 7.53 -11.09 -35.60
N TYR J 71 8.49 -10.18 -35.78
CA TYR J 71 8.22 -8.77 -36.00
C TYR J 71 8.54 -8.43 -37.45
N ASP J 72 7.50 -8.10 -38.22
CA ASP J 72 7.69 -7.66 -39.59
C ASP J 72 7.90 -6.15 -39.58
N VAL J 73 9.07 -5.71 -40.05
CA VAL J 73 9.44 -4.30 -39.95
C VAL J 73 8.59 -3.40 -40.84
N GLU J 74 7.79 -3.98 -41.74
CA GLU J 74 6.96 -3.16 -42.61
C GLU J 74 5.67 -2.73 -41.90
N THR J 75 4.87 -3.71 -41.45
CA THR J 75 3.68 -3.41 -40.67
C THR J 75 3.99 -3.03 -39.22
N GLU J 76 5.20 -3.29 -38.73
CA GLU J 76 5.58 -2.98 -37.35
C GLU J 76 4.66 -3.68 -36.35
N THR J 77 4.39 -4.96 -36.61
CA THR J 77 3.55 -5.77 -35.74
C THR J 77 4.23 -7.10 -35.43
N TRP J 78 4.04 -7.57 -34.20
CA TRP J 78 4.52 -8.88 -33.78
C TRP J 78 3.42 -9.90 -33.98
N THR J 79 3.73 -10.98 -34.70
CA THR J 79 2.76 -12.02 -35.00
C THR J 79 3.30 -13.37 -34.57
N PHE J 80 2.44 -14.20 -33.97
CA PHE J 80 2.85 -15.52 -33.52
C PHE J 80 3.00 -16.46 -34.71
N VAL J 81 3.84 -17.48 -34.52
CA VAL J 81 4.04 -18.51 -35.54
C VAL J 81 3.93 -19.88 -34.86
N ALA J 82 4.53 -20.90 -35.47
CA ALA J 82 4.50 -22.24 -34.90
C ALA J 82 5.26 -22.25 -33.58
N PRO J 83 4.64 -22.68 -32.48
CA PRO J 83 5.39 -22.81 -31.22
C PRO J 83 6.43 -23.89 -31.31
N MET J 84 7.48 -23.75 -30.50
CA MET J 84 8.52 -24.78 -30.44
C MET J 84 7.97 -26.04 -29.78
N LYS J 85 8.60 -27.17 -30.10
CA LYS J 85 8.18 -28.44 -29.51
C LYS J 85 8.34 -28.41 -27.99
N HIS J 86 9.51 -28.00 -27.53
CA HIS J 86 9.82 -27.94 -26.10
C HIS J 86 9.98 -26.49 -25.67
N ARG J 87 9.43 -26.18 -24.50
CA ARG J 87 9.72 -24.91 -23.86
C ARG J 87 11.20 -24.82 -23.51
N ARG J 88 11.76 -23.62 -23.64
CA ARG J 88 13.19 -23.46 -23.36
C ARG J 88 13.52 -21.99 -23.13
N SER J 89 14.26 -21.73 -22.06
CA SER J 89 14.92 -20.44 -21.84
C SER J 89 16.43 -20.68 -21.83
N ALA J 90 17.18 -19.59 -22.00
CA ALA J 90 18.63 -19.65 -22.10
C ALA J 90 19.04 -20.64 -23.19
N LEU J 91 18.45 -20.44 -24.37
CA LEU J 91 18.67 -21.28 -25.53
C LEU J 91 19.62 -20.58 -26.51
N GLY J 92 20.28 -21.39 -27.33
CA GLY J 92 21.10 -20.89 -28.41
C GLY J 92 20.29 -20.89 -29.69
N ILE J 93 20.53 -19.90 -30.54
CA ILE J 93 19.77 -19.73 -31.77
C ILE J 93 20.71 -19.30 -32.88
N THR J 94 20.35 -19.68 -34.12
CA THR J 94 21.15 -19.32 -35.28
C THR J 94 20.32 -19.56 -36.53
N VAL J 95 20.75 -18.93 -37.62
CA VAL J 95 20.12 -19.07 -38.93
C VAL J 95 21.15 -19.69 -39.87
N HIS J 96 20.73 -20.72 -40.61
CA HIS J 96 21.62 -21.41 -41.53
C HIS J 96 20.81 -21.83 -42.74
N GLN J 97 21.10 -21.22 -43.89
CA GLN J 97 20.41 -21.51 -45.15
C GLN J 97 18.90 -21.29 -45.02
N GLY J 98 18.52 -20.11 -44.51
CA GLY J 98 17.12 -19.77 -44.40
C GLY J 98 16.32 -20.64 -43.46
N ARG J 99 16.96 -21.25 -42.47
CA ARG J 99 16.28 -22.04 -41.46
C ARG J 99 16.78 -21.63 -40.09
N ILE J 100 15.86 -21.60 -39.11
CA ILE J 100 16.20 -21.25 -37.74
C ILE J 100 16.50 -22.52 -36.96
N TYR J 101 17.61 -22.51 -36.23
CA TYR J 101 18.00 -23.59 -35.34
C TYR J 101 17.97 -23.08 -33.90
N VAL J 102 17.34 -23.84 -33.01
CA VAL J 102 17.44 -23.61 -31.57
C VAL J 102 18.16 -24.80 -30.93
N LEU J 103 19.02 -24.51 -29.97
CA LEU J 103 19.88 -25.54 -29.37
C LEU J 103 19.73 -25.49 -27.85
N GLY J 104 19.31 -26.60 -27.26
CA GLY J 104 19.31 -26.79 -25.83
C GLY J 104 18.44 -25.79 -25.07
N GLY J 105 18.93 -25.37 -23.92
CA GLY J 105 18.23 -24.46 -23.04
C GLY J 105 17.74 -25.17 -21.79
N TYR J 106 16.86 -24.49 -21.07
CA TYR J 106 16.31 -24.99 -19.81
C TYR J 106 14.78 -24.87 -19.86
N ASP J 107 14.09 -25.94 -19.47
CA ASP J 107 12.63 -26.00 -19.58
C ASP J 107 11.91 -25.96 -18.24
N GLY J 108 12.62 -25.68 -17.14
CA GLY J 108 12.05 -25.62 -15.81
C GLY J 108 12.43 -26.79 -14.93
N HIS J 109 12.65 -27.96 -15.53
CA HIS J 109 13.06 -29.15 -14.79
C HIS J 109 14.29 -29.82 -15.36
N THR J 110 14.46 -29.80 -16.68
CA THR J 110 15.57 -30.48 -17.34
C THR J 110 16.42 -29.51 -18.13
N PHE J 111 17.70 -29.87 -18.33
CA PHE J 111 18.59 -29.12 -19.20
C PHE J 111 18.55 -29.79 -20.57
N LEU J 112 18.03 -29.06 -21.57
CA LEU J 112 17.65 -29.66 -22.83
C LEU J 112 18.85 -30.00 -23.70
N ASP J 113 18.76 -31.14 -24.39
CA ASP J 113 19.66 -31.46 -25.48
C ASP J 113 18.98 -31.38 -26.84
N SER J 114 17.70 -31.00 -26.86
CA SER J 114 16.94 -31.00 -28.10
C SER J 114 17.36 -29.85 -29.00
N VAL J 115 17.48 -30.14 -30.29
CA VAL J 115 17.79 -29.15 -31.31
C VAL J 115 16.61 -29.16 -32.28
N GLU J 116 16.03 -27.99 -32.52
CA GLU J 116 14.87 -27.87 -33.39
C GLU J 116 15.18 -26.94 -34.56
N CYS J 117 14.73 -27.32 -35.75
CA CYS J 117 14.95 -26.52 -36.97
C CYS J 117 13.60 -26.06 -37.52
N TYR J 118 13.47 -24.77 -37.81
CA TYR J 118 12.19 -24.21 -38.32
C TYR J 118 12.38 -23.70 -39.73
N ASP J 119 11.61 -24.25 -40.66
CA ASP J 119 11.65 -23.72 -42.05
C ASP J 119 10.49 -22.74 -42.14
N PRO J 120 10.72 -21.46 -42.47
CA PRO J 120 9.67 -20.47 -42.49
C PRO J 120 8.55 -20.86 -43.45
N ASP J 121 8.91 -21.39 -44.63
CA ASP J 121 7.89 -21.73 -45.67
C ASP J 121 6.97 -22.82 -45.14
N THR J 122 7.46 -23.68 -44.27
CA THR J 122 6.64 -24.82 -43.79
C THR J 122 5.95 -24.49 -42.47
N ASP J 123 6.41 -23.47 -41.74
CA ASP J 123 5.85 -23.18 -40.38
C ASP J 123 5.87 -24.48 -39.57
N THR J 124 7.00 -25.19 -39.62
CA THR J 124 7.11 -26.48 -38.91
C THR J 124 8.39 -26.53 -38.09
N TRP J 125 8.28 -27.00 -36.84
CA TRP J 125 9.50 -27.22 -36.02
C TRP J 125 9.74 -28.72 -36.02
N SER J 126 11.00 -29.15 -36.06
CA SER J 126 11.33 -30.57 -36.11
C SER J 126 12.64 -30.79 -35.38
N GLU J 127 12.68 -31.82 -34.53
CA GLU J 127 13.89 -32.17 -33.80
C GLU J 127 14.86 -32.81 -34.78
N VAL J 128 15.76 -31.99 -35.33
CA VAL J 128 16.65 -32.49 -36.38
C VAL J 128 17.76 -33.36 -35.80
N THR J 129 18.17 -33.13 -34.56
CA THR J 129 19.20 -33.95 -33.94
C THR J 129 19.14 -33.71 -32.43
N ARG J 130 20.22 -34.06 -31.73
CA ARG J 130 20.33 -33.83 -30.30
C ARG J 130 21.80 -33.71 -29.95
N MET J 131 22.12 -32.79 -29.04
CA MET J 131 23.50 -32.59 -28.65
C MET J 131 23.98 -33.74 -27.76
N THR J 132 25.30 -33.87 -27.66
CA THR J 132 25.89 -34.95 -26.87
C THR J 132 25.61 -34.82 -25.38
N SER J 133 25.14 -33.66 -24.93
CA SER J 133 24.76 -33.47 -23.53
C SER J 133 23.76 -32.32 -23.46
N GLY J 134 22.72 -32.51 -22.67
CA GLY J 134 21.79 -31.42 -22.44
C GLY J 134 22.48 -30.26 -21.73
N ARG J 135 22.20 -29.05 -22.19
CA ARG J 135 22.86 -27.88 -21.64
C ARG J 135 22.08 -26.62 -21.99
N SER J 136 22.24 -25.61 -21.13
CA SER J 136 21.64 -24.29 -21.30
C SER J 136 22.74 -23.24 -21.38
N GLY J 137 22.36 -22.06 -21.83
CA GLY J 137 23.33 -20.98 -22.03
C GLY J 137 24.38 -21.27 -23.07
N VAL J 138 23.99 -21.87 -24.20
CA VAL J 138 24.91 -22.31 -25.25
C VAL J 138 24.98 -21.27 -26.35
N GLY J 139 26.19 -21.02 -26.84
CA GLY J 139 26.38 -20.17 -28.00
C GLY J 139 26.42 -21.01 -29.26
N VAL J 140 25.72 -20.55 -30.29
CA VAL J 140 25.63 -21.26 -31.56
C VAL J 140 26.29 -20.41 -32.63
N ALA J 141 26.98 -21.07 -33.55
CA ALA J 141 27.68 -20.38 -34.63
C ALA J 141 27.69 -21.27 -35.86
N VAL J 142 27.67 -20.63 -37.03
CA VAL J 142 27.69 -21.30 -38.32
C VAL J 142 28.82 -20.69 -39.14
N THR J 143 29.84 -21.49 -39.44
CA THR J 143 30.96 -21.04 -40.27
C THR J 143 31.79 -22.22 -40.75
N MET K 4 48.56 -11.28 -32.10
CA MET K 4 48.65 -10.05 -32.94
C MET K 4 49.88 -9.26 -32.47
N LEU K 5 50.79 -8.93 -33.38
CA LEU K 5 52.07 -8.31 -32.93
C LEU K 5 52.36 -7.00 -33.68
N LEU K 6 53.17 -6.13 -33.07
CA LEU K 6 53.50 -4.81 -33.70
C LEU K 6 54.63 -4.98 -34.71
N TYR K 7 54.45 -4.42 -35.89
CA TYR K 7 55.44 -4.60 -36.95
C TYR K 7 55.92 -3.24 -37.44
N ALA K 8 57.24 -3.14 -37.65
CA ALA K 8 57.88 -1.91 -38.12
C ALA K 8 58.54 -2.20 -39.46
N VAL K 9 57.99 -1.62 -40.52
CA VAL K 9 58.33 -1.97 -41.90
C VAL K 9 59.06 -0.81 -42.55
N GLY K 10 60.23 -1.10 -43.13
CA GLY K 10 60.93 -0.11 -43.91
C GLY K 10 61.51 1.01 -43.07
N GLY K 11 61.65 2.18 -43.70
CA GLY K 11 62.09 3.38 -43.04
C GLY K 11 63.40 3.89 -43.59
N PHE K 12 63.92 4.91 -42.91
CA PHE K 12 65.16 5.58 -43.31
C PHE K 12 65.92 5.93 -42.04
N ASP K 13 67.14 5.41 -41.90
CA ASP K 13 67.90 5.58 -40.67
C ASP K 13 68.75 6.84 -40.69
N GLY K 14 68.64 7.66 -41.73
CA GLY K 14 69.51 8.79 -41.95
C GLY K 14 70.63 8.52 -42.93
N THR K 15 71.07 7.27 -43.04
CA THR K 15 72.13 6.91 -43.97
C THR K 15 71.66 5.94 -45.05
N ASN K 16 70.85 4.95 -44.70
CA ASN K 16 70.31 3.99 -45.65
C ASN K 16 68.80 3.95 -45.55
N ARG K 17 68.14 3.84 -46.69
CA ARG K 17 66.73 3.50 -46.71
C ARG K 17 66.60 1.98 -46.64
N LEU K 18 65.57 1.51 -45.93
CA LEU K 18 65.53 0.14 -45.45
C LEU K 18 64.45 -0.69 -46.15
N ASN K 19 64.82 -1.90 -46.54
CA ASN K 19 63.86 -2.94 -46.90
C ASN K 19 63.62 -3.90 -45.74
N SER K 20 64.27 -3.69 -44.60
CA SER K 20 64.16 -4.58 -43.47
C SER K 20 62.86 -4.33 -42.71
N ALA K 21 62.55 -5.24 -41.79
CA ALA K 21 61.33 -5.15 -41.01
C ALA K 21 61.55 -5.92 -39.71
N GLU K 22 60.90 -5.47 -38.64
CA GLU K 22 61.10 -6.14 -37.32
C GLU K 22 59.78 -6.21 -36.54
N CYS K 23 59.74 -7.02 -35.47
CA CYS K 23 58.52 -7.17 -34.63
C CYS K 23 58.85 -6.98 -33.16
N TYR K 24 57.91 -6.45 -32.38
CA TYR K 24 58.11 -6.32 -30.92
C TYR K 24 57.49 -7.53 -30.25
N TYR K 25 58.13 -8.02 -29.20
CA TYR K 25 57.60 -9.19 -28.46
C TYR K 25 57.45 -8.79 -27.02
N PRO K 26 56.26 -8.34 -26.57
CA PRO K 26 56.10 -7.82 -25.22
C PRO K 26 56.49 -8.85 -24.15
N GLU K 27 56.48 -10.13 -24.51
CA GLU K 27 56.92 -11.18 -23.56
C GLU K 27 58.42 -11.02 -23.33
N ARG K 28 59.21 -11.23 -24.38
CA ARG K 28 60.68 -11.06 -24.27
C ARG K 28 61.01 -9.57 -24.23
N ASN K 29 60.00 -8.71 -24.32
CA ASN K 29 60.22 -7.25 -24.26
C ASN K 29 61.36 -6.90 -25.21
N GLU K 30 61.34 -7.44 -26.43
CA GLU K 30 62.47 -7.21 -27.34
C GLU K 30 61.98 -7.10 -28.78
N TRP K 31 62.74 -6.42 -29.64
CA TRP K 31 62.38 -6.39 -31.07
C TRP K 31 63.29 -7.41 -31.75
N ARG K 32 62.74 -8.12 -32.72
CA ARG K 32 63.56 -9.11 -33.47
C ARG K 32 63.25 -8.91 -34.95
N MET K 33 64.27 -9.07 -35.76
CA MET K 33 64.07 -8.81 -37.20
C MET K 33 63.30 -9.97 -37.81
N ILE K 34 62.62 -9.71 -38.90
CA ILE K 34 61.91 -10.75 -39.64
C ILE K 34 62.49 -10.82 -41.04
N THR K 35 61.88 -11.62 -41.90
CA THR K 35 62.29 -11.67 -43.31
C THR K 35 62.14 -10.29 -43.94
N ALA K 36 63.24 -9.76 -44.49
CA ALA K 36 63.21 -8.46 -45.11
C ALA K 36 62.34 -8.48 -46.38
N MET K 37 62.15 -7.30 -46.96
CA MET K 37 61.34 -7.12 -48.14
C MET K 37 62.21 -7.17 -49.40
N ASN K 38 61.53 -7.37 -50.54
CA ASN K 38 62.24 -7.45 -51.81
C ASN K 38 62.75 -6.08 -52.25
N THR K 39 62.06 -5.00 -51.89
CA THR K 39 62.40 -3.67 -52.36
C THR K 39 62.65 -2.74 -51.18
N ILE K 40 63.69 -1.91 -51.31
CA ILE K 40 63.90 -0.81 -50.38
C ILE K 40 62.73 0.16 -50.49
N ARG K 41 62.04 0.40 -49.38
CA ARG K 41 61.00 1.43 -49.35
C ARG K 41 61.04 2.19 -48.03
N SER K 42 61.26 3.50 -48.12
CA SER K 42 61.01 4.41 -47.00
C SER K 42 59.84 5.31 -47.35
N GLY K 43 59.03 5.63 -46.35
CA GLY K 43 57.86 6.45 -46.60
C GLY K 43 56.85 5.78 -47.50
N ALA K 44 56.60 4.50 -47.30
CA ALA K 44 55.62 3.75 -48.08
C ALA K 44 54.34 3.58 -47.27
N GLY K 45 53.24 3.33 -47.99
CA GLY K 45 51.99 3.02 -47.34
C GLY K 45 51.97 1.59 -46.83
N VAL K 46 51.75 1.42 -45.53
CA VAL K 46 51.73 0.09 -44.92
C VAL K 46 50.40 -0.07 -44.20
N CYS K 47 49.66 -1.10 -44.57
CA CYS K 47 48.37 -1.40 -43.98
C CYS K 47 48.21 -2.92 -43.91
N VAL K 48 47.06 -3.37 -43.38
CA VAL K 48 46.82 -4.83 -43.25
C VAL K 48 45.47 -5.20 -43.91
N LEU K 49 45.51 -5.72 -45.13
CA LEU K 49 44.27 -6.24 -45.77
C LEU K 49 44.24 -7.74 -45.52
N HIS K 50 43.10 -8.26 -45.07
CA HIS K 50 43.02 -9.70 -44.70
C HIS K 50 44.05 -9.92 -43.58
N ASN K 51 44.92 -10.92 -43.70
CA ASN K 51 45.97 -11.05 -42.65
C ASN K 51 47.34 -10.88 -43.29
N CYS K 52 47.42 -10.09 -44.36
CA CYS K 52 48.70 -9.86 -45.06
C CYS K 52 49.12 -8.39 -44.92
N ILE K 53 50.37 -8.14 -44.49
CA ILE K 53 50.90 -6.74 -44.40
C ILE K 53 51.22 -6.28 -45.82
N TYR K 54 50.81 -5.06 -46.16
CA TYR K 54 51.02 -4.56 -47.53
C TYR K 54 52.00 -3.38 -47.54
N ALA K 55 53.07 -3.48 -48.32
CA ALA K 55 54.04 -2.40 -48.51
C ALA K 55 53.77 -1.78 -49.87
N ALA K 56 53.25 -0.57 -49.88
CA ALA K 56 52.77 0.06 -51.11
C ALA K 56 53.57 1.33 -51.36
N GLY K 57 54.17 1.42 -52.56
CA GLY K 57 54.94 2.58 -52.92
C GLY K 57 56.20 2.73 -52.09
N GLY K 58 56.67 3.96 -51.99
CA GLY K 58 57.84 4.30 -51.22
C GLY K 58 58.92 4.92 -52.09
N TYR K 59 60.09 5.10 -51.48
CA TYR K 59 61.26 5.69 -52.14
C TYR K 59 62.47 4.84 -51.77
N ASP K 60 63.20 4.35 -52.77
CA ASP K 60 64.31 3.44 -52.52
C ASP K 60 65.66 4.15 -52.40
N GLY K 61 65.71 5.44 -52.69
CA GLY K 61 66.93 6.23 -52.63
C GLY K 61 67.28 6.89 -53.95
N GLN K 62 66.68 6.42 -55.04
CA GLN K 62 66.85 7.01 -56.36
C GLN K 62 65.53 7.34 -57.04
N ASP K 63 64.57 6.40 -57.05
CA ASP K 63 63.32 6.59 -57.76
C ASP K 63 62.14 6.37 -56.82
N GLN K 64 61.03 7.05 -57.11
CA GLN K 64 59.78 6.77 -56.41
C GLN K 64 59.19 5.49 -56.96
N LEU K 65 58.59 4.70 -56.07
CA LEU K 65 58.15 3.35 -56.40
C LEU K 65 56.65 3.30 -56.69
N ASN K 66 56.28 2.54 -57.71
CA ASN K 66 54.89 2.18 -57.95
C ASN K 66 54.61 0.71 -57.65
N SER K 67 55.63 -0.04 -57.24
CA SER K 67 55.47 -1.47 -56.98
C SER K 67 54.82 -1.69 -55.62
N VAL K 68 54.06 -2.77 -55.54
CA VAL K 68 53.37 -3.19 -54.31
C VAL K 68 53.73 -4.65 -54.03
N GLU K 69 54.15 -4.92 -52.80
CA GLU K 69 54.38 -6.29 -52.35
C GLU K 69 53.68 -6.48 -51.01
N ARG K 70 53.37 -7.75 -50.71
CA ARG K 70 52.66 -8.08 -49.48
C ARG K 70 53.32 -9.25 -48.77
N TYR K 71 53.21 -9.24 -47.44
CA TYR K 71 53.84 -10.21 -46.57
C TYR K 71 52.79 -11.16 -46.02
N ASP K 72 52.90 -12.44 -46.35
CA ASP K 72 52.06 -13.45 -45.76
C ASP K 72 52.68 -13.89 -44.43
N VAL K 73 51.93 -13.71 -43.34
CA VAL K 73 52.50 -13.98 -42.02
C VAL K 73 52.75 -15.46 -41.83
N GLU K 74 51.96 -16.32 -42.50
CA GLU K 74 52.10 -17.76 -42.32
C GLU K 74 53.28 -18.32 -43.10
N THR K 75 53.44 -17.89 -44.36
CA THR K 75 54.57 -18.34 -45.16
C THR K 75 55.84 -17.54 -44.90
N GLU K 76 55.72 -16.35 -44.31
CA GLU K 76 56.87 -15.51 -43.96
C GLU K 76 57.64 -15.06 -45.20
N THR K 77 56.96 -14.86 -46.32
CA THR K 77 57.59 -14.36 -47.54
C THR K 77 56.84 -13.14 -48.04
N TRP K 78 57.55 -12.31 -48.81
CA TRP K 78 56.99 -11.12 -49.42
C TRP K 78 56.79 -11.38 -50.91
N THR K 79 55.55 -11.21 -51.38
CA THR K 79 55.20 -11.52 -52.76
C THR K 79 54.77 -10.26 -53.47
N PHE K 80 55.28 -10.07 -54.68
CA PHE K 80 54.91 -8.92 -55.50
C PHE K 80 53.44 -9.01 -55.91
N VAL K 81 52.85 -7.84 -56.14
CA VAL K 81 51.44 -7.69 -56.46
C VAL K 81 51.32 -6.51 -57.41
N ALA K 82 50.24 -6.50 -58.21
CA ALA K 82 49.91 -5.47 -59.19
C ALA K 82 50.40 -4.08 -58.80
N PRO K 83 51.15 -3.41 -59.67
CA PRO K 83 51.71 -2.10 -59.32
C PRO K 83 50.72 -0.98 -59.57
N MET K 84 50.99 0.15 -58.93
CA MET K 84 50.11 1.30 -59.05
C MET K 84 50.27 1.96 -60.42
N LYS K 85 49.22 2.67 -60.83
CA LYS K 85 49.29 3.48 -62.04
C LYS K 85 50.20 4.69 -61.89
N HIS K 86 50.56 5.04 -60.65
CA HIS K 86 51.43 6.18 -60.38
C HIS K 86 52.43 5.81 -59.30
N ARG K 87 53.71 6.10 -59.53
CA ARG K 87 54.71 5.96 -58.49
C ARG K 87 54.52 7.05 -57.43
N ARG K 88 54.57 6.66 -56.16
CA ARG K 88 54.30 7.62 -55.10
C ARG K 88 55.11 7.30 -53.86
N SER K 89 55.56 8.35 -53.18
CA SER K 89 56.17 8.26 -51.86
C SER K 89 55.53 9.31 -50.97
N ALA K 90 55.66 9.13 -49.66
CA ALA K 90 55.00 9.98 -48.66
C ALA K 90 53.50 9.99 -48.90
N LEU K 91 52.94 8.81 -49.08
CA LEU K 91 51.54 8.65 -49.42
C LEU K 91 50.74 8.27 -48.18
N GLY K 92 49.44 8.41 -48.28
CA GLY K 92 48.52 8.05 -47.21
C GLY K 92 47.80 6.79 -47.60
N ILE K 93 47.48 5.98 -46.61
CA ILE K 93 46.91 4.66 -46.87
C ILE K 93 45.91 4.31 -45.79
N THR K 94 44.87 3.58 -46.19
CA THR K 94 43.85 3.10 -45.24
C THR K 94 43.20 1.84 -45.81
N VAL K 95 42.62 1.01 -44.95
CA VAL K 95 41.86 -0.17 -45.45
C VAL K 95 40.37 0.09 -45.17
N HIS K 96 39.55 0.05 -46.22
CA HIS K 96 38.09 0.23 -46.05
C HIS K 96 37.32 -0.84 -46.83
N GLN K 97 36.51 -1.64 -46.14
CA GLN K 97 35.64 -2.63 -46.81
C GLN K 97 36.47 -3.56 -47.68
N GLY K 98 37.56 -4.14 -47.14
CA GLY K 98 38.36 -5.11 -47.90
C GLY K 98 38.98 -4.52 -49.15
N ARG K 99 38.98 -3.20 -49.29
CA ARG K 99 39.72 -2.57 -50.40
C ARG K 99 40.88 -1.79 -49.79
N ILE K 100 41.85 -1.39 -50.61
CA ILE K 100 42.98 -0.57 -50.10
C ILE K 100 42.93 0.76 -50.85
N TYR K 101 43.09 1.85 -50.11
CA TYR K 101 43.03 3.18 -50.75
C TYR K 101 44.34 3.89 -50.50
N VAL K 102 44.97 4.35 -51.57
CA VAL K 102 46.20 5.13 -51.45
C VAL K 102 45.91 6.57 -51.86
N LEU K 103 46.42 7.51 -51.08
CA LEU K 103 46.03 8.92 -51.16
C LEU K 103 47.27 9.77 -51.41
N GLY K 104 47.31 10.45 -52.56
CA GLY K 104 48.36 11.41 -52.85
C GLY K 104 49.76 10.82 -52.82
N GLY K 105 50.72 11.68 -52.57
CA GLY K 105 52.13 11.32 -52.55
C GLY K 105 52.92 12.17 -53.52
N TYR K 106 54.15 11.73 -53.76
CA TYR K 106 55.09 12.42 -54.63
C TYR K 106 55.70 11.43 -55.59
N ASP K 107 55.74 11.79 -56.88
CA ASP K 107 56.23 10.91 -57.93
C ASP K 107 57.60 11.31 -58.46
N GLY K 108 58.28 12.25 -57.80
CA GLY K 108 59.56 12.74 -58.28
C GLY K 108 59.47 13.99 -59.13
N HIS K 109 58.27 14.43 -59.49
CA HIS K 109 58.12 15.62 -60.32
C HIS K 109 56.87 16.41 -59.93
N THR K 110 55.79 15.71 -59.59
CA THR K 110 54.52 16.35 -59.26
C THR K 110 53.98 15.82 -57.94
N PHE K 111 53.18 16.64 -57.28
CA PHE K 111 52.49 16.25 -56.06
C PHE K 111 51.12 15.71 -56.46
N LEU K 112 50.90 14.42 -56.25
CA LEU K 112 49.75 13.73 -56.82
C LEU K 112 48.48 13.99 -56.02
N ASP K 113 47.36 14.09 -56.74
CA ASP K 113 46.04 14.05 -56.15
C ASP K 113 45.31 12.74 -56.44
N SER K 114 46.00 11.79 -57.08
CA SER K 114 45.36 10.54 -57.49
C SER K 114 45.00 9.70 -56.27
N VAL K 115 43.88 9.00 -56.38
CA VAL K 115 43.40 8.09 -55.33
C VAL K 115 43.12 6.77 -56.03
N GLU K 116 43.99 5.79 -55.84
CA GLU K 116 43.80 4.49 -56.45
C GLU K 116 43.24 3.52 -55.42
N CYS K 117 42.56 2.50 -55.92
CA CYS K 117 41.89 1.50 -55.08
C CYS K 117 42.32 0.13 -55.54
N TYR K 118 42.88 -0.66 -54.62
CA TYR K 118 43.34 -2.01 -54.91
C TYR K 118 42.31 -3.01 -54.42
N ASP K 119 41.69 -3.73 -55.35
CA ASP K 119 40.82 -4.84 -55.00
C ASP K 119 41.66 -6.10 -54.85
N PRO K 120 41.64 -6.76 -53.69
CA PRO K 120 42.50 -7.94 -53.51
C PRO K 120 42.03 -9.19 -54.24
N ASP K 121 40.74 -9.29 -54.57
CA ASP K 121 40.27 -10.47 -55.28
C ASP K 121 40.71 -10.45 -56.74
N THR K 122 40.47 -9.34 -57.44
CA THR K 122 40.81 -9.24 -58.85
C THR K 122 42.22 -8.70 -59.10
N ASP K 123 42.92 -8.26 -58.04
CA ASP K 123 44.30 -7.79 -58.14
C ASP K 123 44.44 -6.73 -59.23
N THR K 124 43.90 -5.56 -58.93
CA THR K 124 43.91 -4.46 -59.90
C THR K 124 43.79 -3.14 -59.15
N TRP K 125 44.41 -2.11 -59.70
CA TRP K 125 44.39 -0.77 -59.15
C TRP K 125 43.47 0.11 -59.99
N SER K 126 42.53 0.78 -59.33
CA SER K 126 41.56 1.62 -60.02
C SER K 126 41.57 3.01 -59.42
N GLU K 127 41.70 4.02 -60.28
CA GLU K 127 41.65 5.42 -59.86
C GLU K 127 40.21 5.76 -59.47
N VAL K 128 39.92 5.75 -58.18
CA VAL K 128 38.53 5.89 -57.73
C VAL K 128 38.07 7.34 -57.84
N THR K 129 38.96 8.31 -57.63
CA THR K 129 38.62 9.71 -57.63
C THR K 129 39.88 10.56 -57.50
N ARG K 130 39.73 11.88 -57.41
CA ARG K 130 40.87 12.78 -57.29
C ARG K 130 40.61 13.77 -56.16
N MET K 131 41.64 14.04 -55.36
CA MET K 131 41.54 15.04 -54.31
C MET K 131 41.42 16.43 -54.92
N THR K 132 41.01 17.39 -54.08
CA THR K 132 40.80 18.76 -54.54
C THR K 132 42.09 19.45 -54.98
N SER K 133 43.26 18.84 -54.72
CA SER K 133 44.57 19.28 -55.20
C SER K 133 45.59 18.24 -54.75
N GLY K 134 46.70 18.15 -55.50
CA GLY K 134 47.76 17.23 -55.14
C GLY K 134 48.39 17.59 -53.80
N ARG K 135 48.78 16.56 -53.06
CA ARG K 135 49.42 16.75 -51.77
C ARG K 135 50.12 15.47 -51.38
N SER K 136 51.16 15.62 -50.55
CA SER K 136 51.92 14.51 -50.01
C SER K 136 51.99 14.66 -48.50
N GLY K 137 52.31 13.56 -47.82
CA GLY K 137 52.34 13.56 -46.38
C GLY K 137 50.97 13.68 -45.76
N VAL K 138 49.95 13.14 -46.41
CA VAL K 138 48.58 13.20 -45.95
C VAL K 138 48.31 12.08 -44.97
N GLY K 139 47.37 12.34 -44.06
CA GLY K 139 46.86 11.33 -43.16
C GLY K 139 45.47 10.91 -43.60
N VAL K 140 45.19 9.62 -43.54
CA VAL K 140 43.91 9.07 -43.94
C VAL K 140 43.19 8.52 -42.73
N ALA K 141 41.86 8.59 -42.76
CA ALA K 141 41.04 8.08 -41.68
C ALA K 141 39.69 7.66 -42.24
N VAL K 142 39.18 6.55 -41.74
CA VAL K 142 37.86 6.04 -42.12
C VAL K 142 37.02 5.97 -40.85
N THR K 143 35.97 6.77 -40.79
CA THR K 143 35.12 6.85 -39.61
C THR K 143 33.80 7.54 -39.92
N HIS L 3 33.09 3.57 -39.38
CA HIS L 3 33.51 3.62 -40.80
C HIS L 3 32.35 4.14 -41.65
N MET L 4 32.64 4.97 -42.65
CA MET L 4 31.60 5.44 -43.58
C MET L 4 32.25 6.41 -44.57
N LEU L 5 33.01 7.37 -44.07
CA LEU L 5 33.57 8.41 -44.98
C LEU L 5 35.09 8.43 -44.93
N LEU L 6 35.72 8.71 -46.07
CA LEU L 6 37.20 8.79 -46.16
C LEU L 6 37.64 10.21 -45.86
N TYR L 7 38.69 10.34 -45.04
CA TYR L 7 39.21 11.63 -44.61
C TYR L 7 40.65 11.79 -45.09
N ALA L 8 40.97 12.96 -45.63
CA ALA L 8 42.33 13.34 -46.04
C ALA L 8 42.75 14.54 -45.22
N VAL L 9 43.68 14.33 -44.29
CA VAL L 9 44.04 15.30 -43.26
C VAL L 9 45.43 15.86 -43.56
N GLY L 10 45.54 17.18 -43.60
CA GLY L 10 46.84 17.83 -43.74
C GLY L 10 47.50 17.57 -45.08
N GLY L 11 48.83 17.64 -45.09
CA GLY L 11 49.63 17.32 -46.25
C GLY L 11 50.49 18.49 -46.68
N PHE L 12 51.03 18.37 -47.90
CA PHE L 12 51.94 19.36 -48.47
C PHE L 12 51.71 19.39 -49.97
N ASP L 13 51.30 20.54 -50.49
CA ASP L 13 50.95 20.66 -51.91
C ASP L 13 52.13 21.08 -52.78
N GLY L 14 53.35 21.08 -52.23
CA GLY L 14 54.51 21.57 -52.92
C GLY L 14 54.82 23.03 -52.67
N THR L 15 53.84 23.81 -52.23
CA THR L 15 54.04 25.21 -51.91
C THR L 15 53.74 25.50 -50.44
N ASN L 16 52.62 25.02 -49.94
CA ASN L 16 52.23 25.23 -48.55
C ASN L 16 51.94 23.90 -47.87
N ARG L 17 52.21 23.84 -46.58
CA ARG L 17 51.74 22.73 -45.78
C ARG L 17 50.37 23.07 -45.22
N LEU L 18 49.55 22.05 -45.06
CA LEU L 18 48.11 22.22 -44.91
C LEU L 18 47.67 21.92 -43.48
N ASN L 19 46.72 22.72 -43.00
CA ASN L 19 45.94 22.37 -41.82
C ASN L 19 44.53 21.96 -42.19
N SER L 20 44.20 21.96 -43.48
CA SER L 20 42.86 21.64 -43.94
C SER L 20 42.65 20.13 -44.00
N ALA L 21 41.39 19.73 -44.04
CA ALA L 21 41.01 18.33 -44.09
C ALA L 21 39.75 18.21 -44.93
N GLU L 22 39.72 17.24 -45.83
CA GLU L 22 38.54 17.03 -46.66
C GLU L 22 38.02 15.61 -46.49
N CYS L 23 36.74 15.45 -46.79
CA CYS L 23 36.03 14.19 -46.63
C CYS L 23 35.46 13.80 -47.97
N TYR L 24 35.67 12.54 -48.36
CA TYR L 24 35.16 12.06 -49.64
C TYR L 24 33.69 11.65 -49.47
N TYR L 25 32.80 12.27 -50.24
CA TYR L 25 31.37 11.95 -50.22
C TYR L 25 31.04 11.20 -51.50
N PRO L 26 31.14 9.87 -51.52
CA PRO L 26 30.98 9.13 -52.78
C PRO L 26 29.59 9.22 -53.37
N GLU L 27 28.57 9.56 -52.58
CA GLU L 27 27.21 9.64 -53.09
C GLU L 27 27.11 10.77 -54.11
N ARG L 28 28.00 11.76 -53.98
CA ARG L 28 28.04 12.89 -54.94
C ARG L 28 29.37 12.87 -55.69
N ASN L 29 30.17 11.82 -55.47
CA ASN L 29 31.48 11.70 -56.10
C ASN L 29 32.22 13.03 -55.98
N GLU L 30 32.25 13.55 -54.75
CA GLU L 30 32.80 14.87 -54.49
C GLU L 30 33.63 14.85 -53.21
N TRP L 31 34.68 15.66 -53.19
CA TRP L 31 35.51 15.87 -52.01
C TRP L 31 35.09 17.19 -51.38
N ARG L 32 34.66 17.14 -50.11
CA ARG L 32 34.12 18.30 -49.41
C ARG L 32 35.01 18.64 -48.22
N MET L 33 35.26 19.93 -48.03
CA MET L 33 36.10 20.37 -46.94
C MET L 33 35.36 20.26 -45.61
N ILE L 34 36.13 19.99 -44.55
CA ILE L 34 35.63 19.99 -43.18
C ILE L 34 36.39 21.06 -42.39
N THR L 35 36.09 21.17 -41.10
CA THR L 35 36.82 22.10 -40.24
C THR L 35 38.30 21.79 -40.27
N ALA L 36 39.11 22.83 -40.41
CA ALA L 36 40.58 22.66 -40.47
C ALA L 36 41.15 22.42 -39.06
N MET L 37 42.28 21.73 -39.00
CA MET L 37 42.94 21.49 -37.71
C MET L 37 43.48 22.82 -37.18
N ASN L 38 43.83 22.85 -35.89
CA ASN L 38 44.36 24.08 -35.28
C ASN L 38 45.84 24.23 -35.64
N THR L 39 46.45 23.21 -36.24
CA THR L 39 47.88 23.26 -36.53
C THR L 39 48.14 22.77 -37.94
N ILE L 40 48.97 23.50 -38.67
CA ILE L 40 49.49 23.01 -39.95
C ILE L 40 50.31 21.76 -39.69
N ARG L 41 49.97 20.66 -40.37
CA ARG L 41 50.62 19.37 -40.15
C ARG L 41 50.86 18.68 -41.48
N SER L 42 52.13 18.44 -41.79
CA SER L 42 52.53 17.59 -42.90
C SER L 42 53.25 16.37 -42.33
N GLY L 43 52.99 15.21 -42.93
CA GLY L 43 53.63 13.99 -42.47
C GLY L 43 53.35 13.68 -41.01
N ALA L 44 52.12 13.91 -40.56
CA ALA L 44 51.74 13.58 -39.20
C ALA L 44 51.25 12.14 -39.10
N GLY L 45 51.03 11.70 -37.86
CA GLY L 45 50.39 10.43 -37.62
C GLY L 45 48.89 10.64 -37.50
N VAL L 46 48.12 10.03 -38.39
CA VAL L 46 46.67 10.18 -38.42
C VAL L 46 46.02 8.81 -38.34
N CYS L 47 45.09 8.65 -37.41
CA CYS L 47 44.39 7.39 -37.18
C CYS L 47 43.03 7.67 -36.56
N VAL L 48 42.28 6.59 -36.33
CA VAL L 48 40.94 6.65 -35.74
C VAL L 48 40.93 5.83 -34.46
N LEU L 49 40.46 6.44 -33.38
CA LEU L 49 40.31 5.76 -32.09
C LEU L 49 38.94 6.09 -31.52
N HIS L 50 38.13 5.10 -31.16
CA HIS L 50 36.84 5.42 -30.50
C HIS L 50 36.14 6.62 -31.12
N ASN L 51 35.86 6.62 -32.41
CA ASN L 51 35.05 7.68 -33.08
C ASN L 51 35.82 8.97 -33.39
N CYS L 52 37.08 9.09 -32.97
CA CYS L 52 37.76 10.40 -33.18
C CYS L 52 38.96 10.25 -34.12
N ILE L 53 39.24 11.28 -34.93
CA ILE L 53 40.37 11.28 -35.83
C ILE L 53 41.50 12.00 -35.10
N TYR L 54 42.58 11.27 -34.80
CA TYR L 54 43.75 11.84 -34.13
C TYR L 54 44.81 12.24 -35.16
N ALA L 55 45.38 13.42 -34.98
CA ALA L 55 46.53 13.85 -35.77
C ALA L 55 47.68 14.18 -34.82
N ALA L 56 48.79 13.44 -34.94
CA ALA L 56 49.90 13.52 -34.01
C ALA L 56 51.17 13.97 -34.74
N GLY L 57 51.84 14.97 -34.18
CA GLY L 57 53.09 15.46 -34.73
C GLY L 57 52.92 16.02 -36.13
N GLY L 58 53.96 15.86 -36.93
CA GLY L 58 54.01 16.40 -38.26
C GLY L 58 55.06 17.49 -38.39
N TYR L 59 55.05 18.13 -39.55
CA TYR L 59 55.98 19.21 -39.87
C TYR L 59 55.18 20.38 -40.42
N ASP L 60 55.42 21.58 -39.89
CA ASP L 60 54.64 22.75 -40.26
C ASP L 60 55.39 23.71 -41.19
N GLY L 61 56.60 23.36 -41.61
CA GLY L 61 57.40 24.22 -42.45
C GLY L 61 58.52 24.95 -41.72
N GLN L 62 58.55 24.88 -40.39
CA GLN L 62 59.66 25.41 -39.63
C GLN L 62 60.13 24.44 -38.56
N ASP L 63 59.18 23.82 -37.85
CA ASP L 63 59.50 22.99 -36.70
C ASP L 63 58.74 21.68 -36.74
N GLN L 64 59.35 20.64 -36.18
CA GLN L 64 58.67 19.36 -36.00
C GLN L 64 57.78 19.43 -34.77
N LEU L 65 56.58 18.86 -34.89
CA LEU L 65 55.52 19.01 -33.92
C LEU L 65 55.49 17.83 -32.94
N ASN L 66 55.14 18.14 -31.70
CA ASN L 66 54.85 17.12 -30.71
C ASN L 66 53.39 17.14 -30.26
N SER L 67 52.61 18.13 -30.68
CA SER L 67 51.22 18.26 -30.26
C SER L 67 50.34 17.24 -30.97
N VAL L 68 49.19 16.96 -30.35
CA VAL L 68 48.22 16.00 -30.88
C VAL L 68 46.84 16.62 -30.74
N GLU L 69 46.08 16.65 -31.83
CA GLU L 69 44.70 17.11 -31.77
C GLU L 69 43.79 16.06 -32.42
N ARG L 70 42.57 15.94 -31.89
CA ARG L 70 41.62 14.94 -32.36
C ARG L 70 40.32 15.61 -32.82
N TYR L 71 39.69 15.00 -33.81
CA TYR L 71 38.50 15.55 -34.45
C TYR L 71 37.30 14.73 -34.00
N ASP L 72 36.39 15.37 -33.28
CA ASP L 72 35.14 14.73 -32.85
C ASP L 72 34.14 14.85 -33.99
N VAL L 73 33.77 13.71 -34.58
CA VAL L 73 32.89 13.73 -35.75
C VAL L 73 31.51 14.28 -35.40
N GLU L 74 31.09 14.11 -34.14
CA GLU L 74 29.77 14.60 -33.75
C GLU L 74 29.74 16.12 -33.61
N THR L 75 30.76 16.69 -32.98
CA THR L 75 30.82 18.12 -32.80
C THR L 75 31.54 18.85 -33.93
N GLU L 76 32.28 18.13 -34.78
CA GLU L 76 32.99 18.71 -35.92
C GLU L 76 34.01 19.76 -35.48
N THR L 77 34.61 19.57 -34.30
CA THR L 77 35.68 20.44 -33.83
C THR L 77 36.92 19.61 -33.52
N TRP L 78 38.08 20.22 -33.71
CA TRP L 78 39.36 19.65 -33.33
C TRP L 78 39.76 20.15 -31.95
N THR L 79 40.24 19.25 -31.11
CA THR L 79 40.65 19.59 -29.75
C THR L 79 42.03 19.02 -29.48
N PHE L 80 42.91 19.83 -28.89
CA PHE L 80 44.22 19.35 -28.48
C PHE L 80 44.08 18.38 -27.31
N VAL L 81 44.81 17.27 -27.38
CA VAL L 81 44.93 16.35 -26.26
C VAL L 81 46.34 16.45 -25.72
N ALA L 82 46.77 15.48 -24.93
CA ALA L 82 48.14 15.49 -24.41
C ALA L 82 49.13 15.35 -25.56
N PRO L 83 50.21 16.13 -25.56
CA PRO L 83 51.19 16.03 -26.65
C PRO L 83 52.17 14.89 -26.40
N MET L 84 52.78 14.43 -27.49
CA MET L 84 53.82 13.41 -27.40
C MET L 84 55.05 13.97 -26.70
N LYS L 85 55.86 13.08 -26.13
CA LYS L 85 57.07 13.51 -25.44
C LYS L 85 58.11 14.02 -26.43
N HIS L 86 58.17 13.42 -27.61
CA HIS L 86 59.16 13.74 -28.63
C HIS L 86 58.48 14.29 -29.86
N ARG L 87 58.91 15.48 -30.29
CA ARG L 87 58.49 16.02 -31.58
C ARG L 87 58.97 15.09 -32.70
N ARG L 88 58.09 14.84 -33.67
CA ARG L 88 58.45 13.92 -34.74
C ARG L 88 57.54 14.16 -35.95
N SER L 89 58.14 14.08 -37.14
CA SER L 89 57.39 14.02 -38.39
C SER L 89 57.83 12.78 -39.17
N ALA L 90 56.98 12.38 -40.12
CA ALA L 90 57.16 11.14 -40.88
C ALA L 90 57.22 9.92 -39.96
N LEU L 91 56.28 9.87 -39.03
CA LEU L 91 56.19 8.84 -38.01
C LEU L 91 55.19 7.75 -38.42
N GLY L 92 55.38 6.57 -37.86
CA GLY L 92 54.41 5.51 -38.01
C GLY L 92 53.37 5.56 -36.90
N ILE L 93 52.15 5.16 -37.22
CA ILE L 93 51.03 5.26 -36.30
C ILE L 93 50.13 4.06 -36.47
N THR L 94 49.66 3.51 -35.35
CA THR L 94 48.67 2.44 -35.39
C THR L 94 47.89 2.45 -34.09
N VAL L 95 46.72 1.83 -34.14
CA VAL L 95 45.84 1.73 -32.98
C VAL L 95 45.70 0.26 -32.63
N HIS L 96 45.83 -0.06 -31.33
CA HIS L 96 45.72 -1.43 -30.86
C HIS L 96 45.20 -1.41 -29.43
N GLN L 97 44.11 -2.13 -29.20
CA GLN L 97 43.52 -2.29 -27.87
C GLN L 97 43.26 -0.93 -27.22
N GLY L 98 42.62 -0.05 -27.97
CA GLY L 98 42.22 1.24 -27.44
C GLY L 98 43.37 2.14 -27.09
N ARG L 99 44.49 2.01 -27.79
CA ARG L 99 45.64 2.87 -27.55
C ARG L 99 46.33 3.15 -28.88
N ILE L 100 46.90 4.34 -29.00
CA ILE L 100 47.63 4.77 -30.18
C ILE L 100 49.11 4.52 -29.95
N TYR L 101 49.80 4.03 -30.98
CA TYR L 101 51.23 3.80 -30.94
C TYR L 101 51.90 4.61 -32.04
N VAL L 102 52.91 5.39 -31.68
CA VAL L 102 53.70 6.15 -32.63
C VAL L 102 55.12 5.61 -32.60
N LEU L 103 55.72 5.47 -33.79
CA LEU L 103 56.99 4.75 -33.95
C LEU L 103 57.97 5.62 -34.73
N GLY L 104 59.11 5.92 -34.12
CA GLY L 104 60.21 6.62 -34.77
C GLY L 104 59.82 7.99 -35.29
N GLY L 105 60.40 8.34 -36.44
CA GLY L 105 60.15 9.62 -37.07
C GLY L 105 61.41 10.47 -37.17
N TYR L 106 61.23 11.77 -37.29
CA TYR L 106 62.34 12.70 -37.45
C TYR L 106 62.03 13.94 -36.62
N ASP L 107 62.96 14.31 -35.75
CA ASP L 107 62.75 15.43 -34.85
C ASP L 107 63.46 16.70 -35.31
N GLY L 108 63.92 16.72 -36.55
CA GLY L 108 64.72 17.81 -37.05
C GLY L 108 66.22 17.65 -36.87
N HIS L 109 66.65 16.67 -36.10
CA HIS L 109 68.08 16.46 -35.87
C HIS L 109 68.41 14.98 -35.87
N THR L 110 67.55 14.16 -35.27
CA THR L 110 67.83 12.74 -35.11
C THR L 110 66.64 11.91 -35.62
N PHE L 111 66.96 10.88 -36.39
CA PHE L 111 65.96 9.89 -36.79
C PHE L 111 65.63 9.00 -35.58
N LEU L 112 64.44 9.18 -35.02
CA LEU L 112 64.13 8.62 -33.72
C LEU L 112 63.94 7.12 -33.78
N ASP L 113 64.17 6.48 -32.64
CA ASP L 113 63.84 5.08 -32.41
C ASP L 113 62.79 4.90 -31.32
N SER L 114 62.31 6.00 -30.73
CA SER L 114 61.37 5.94 -29.62
C SER L 114 60.00 5.46 -30.09
N VAL L 115 59.29 4.82 -29.17
CA VAL L 115 57.93 4.35 -29.41
C VAL L 115 57.09 4.78 -28.21
N GLU L 116 56.08 5.63 -28.46
CA GLU L 116 55.19 6.13 -27.42
C GLU L 116 53.81 5.52 -27.59
N CYS L 117 53.08 5.46 -26.48
CA CYS L 117 51.73 4.90 -26.45
C CYS L 117 50.81 5.88 -25.75
N TYR L 118 49.68 6.19 -26.38
CA TYR L 118 48.72 7.15 -25.83
C TYR L 118 47.51 6.42 -25.28
N ASP L 119 47.11 6.77 -24.07
CA ASP L 119 45.92 6.22 -23.42
C ASP L 119 44.85 7.30 -23.40
N PRO L 120 43.73 7.13 -24.13
CA PRO L 120 42.71 8.18 -24.14
C PRO L 120 41.97 8.32 -22.82
N ASP L 121 41.87 7.25 -22.03
CA ASP L 121 41.15 7.32 -20.77
C ASP L 121 41.90 8.15 -19.73
N THR L 122 43.24 8.15 -19.79
CA THR L 122 44.06 8.92 -18.88
C THR L 122 44.68 10.16 -19.51
N ASP L 123 44.67 10.25 -20.85
CA ASP L 123 45.25 11.38 -21.59
C ASP L 123 46.72 11.57 -21.23
N THR L 124 47.46 10.47 -21.23
CA THR L 124 48.91 10.49 -21.00
C THR L 124 49.62 9.70 -22.08
N TRP L 125 50.79 10.19 -22.48
CA TRP L 125 51.69 9.44 -23.34
C TRP L 125 52.77 8.78 -22.49
N SER L 126 53.23 7.61 -22.93
CA SER L 126 54.24 6.89 -22.18
C SER L 126 55.12 6.10 -23.14
N GLU L 127 56.43 6.17 -22.91
CA GLU L 127 57.38 5.39 -23.69
C GLU L 127 57.25 3.91 -23.34
N VAL L 128 57.21 3.06 -24.37
CA VAL L 128 57.06 1.63 -24.17
C VAL L 128 58.34 0.87 -24.48
N THR L 129 59.14 1.33 -25.43
CA THR L 129 60.31 0.60 -25.91
C THR L 129 61.05 1.42 -26.95
N ARG L 130 62.19 0.92 -27.41
CA ARG L 130 62.93 1.54 -28.49
C ARG L 130 63.19 0.52 -29.58
N MET L 131 63.04 0.94 -30.83
CA MET L 131 63.34 0.07 -31.95
C MET L 131 64.84 -0.21 -32.01
N THR L 132 65.22 -1.24 -32.77
CA THR L 132 66.63 -1.60 -32.87
C THR L 132 67.45 -0.55 -33.59
N SER L 133 66.82 0.28 -34.43
CA SER L 133 67.51 1.39 -35.07
C SER L 133 66.53 2.55 -35.23
N GLY L 134 67.05 3.77 -35.12
CA GLY L 134 66.21 4.94 -35.32
C GLY L 134 65.90 5.12 -36.80
N ARG L 135 64.63 5.33 -37.11
CA ARG L 135 64.25 5.51 -38.51
C ARG L 135 62.99 6.34 -38.61
N SER L 136 62.85 7.02 -39.75
CA SER L 136 61.69 7.80 -40.11
C SER L 136 61.04 7.19 -41.33
N GLY L 137 59.79 7.61 -41.59
CA GLY L 137 59.06 7.07 -42.72
C GLY L 137 58.81 5.59 -42.62
N VAL L 138 58.62 5.09 -41.40
CA VAL L 138 58.47 3.65 -41.17
C VAL L 138 56.99 3.30 -41.22
N GLY L 139 56.67 2.27 -42.01
CA GLY L 139 55.31 1.75 -42.01
C GLY L 139 55.07 0.93 -40.76
N VAL L 140 53.86 1.04 -40.21
CA VAL L 140 53.48 0.32 -39.01
C VAL L 140 52.18 -0.42 -39.27
N ALA L 141 52.12 -1.66 -38.80
CA ALA L 141 50.97 -2.51 -39.01
C ALA L 141 50.89 -3.53 -37.88
N VAL L 142 49.67 -4.03 -37.63
CA VAL L 142 49.41 -5.05 -36.63
C VAL L 142 48.57 -6.16 -37.25
N THR L 143 49.05 -7.39 -37.15
CA THR L 143 48.34 -8.55 -37.64
C THR L 143 48.94 -9.82 -37.04
N MET M 4 74.67 -26.88 -47.86
CA MET M 4 73.75 -27.39 -48.89
C MET M 4 73.23 -26.25 -49.78
N LEU M 5 73.11 -25.03 -49.24
CA LEU M 5 72.52 -23.93 -50.04
C LEU M 5 73.44 -22.70 -50.05
N LEU M 6 73.28 -21.83 -51.06
CA LEU M 6 74.14 -20.63 -51.20
C LEU M 6 73.50 -19.44 -50.48
N TYR M 7 74.22 -18.85 -49.53
CA TYR M 7 73.71 -17.72 -48.76
C TYR M 7 74.46 -16.45 -49.16
N ALA M 8 73.70 -15.43 -49.56
CA ALA M 8 74.24 -14.12 -49.88
C ALA M 8 73.83 -13.15 -48.78
N VAL M 9 74.80 -12.69 -48.00
CA VAL M 9 74.55 -11.95 -46.76
C VAL M 9 74.96 -10.50 -46.97
N GLY M 10 74.01 -9.58 -46.77
CA GLY M 10 74.20 -8.14 -46.84
C GLY M 10 74.77 -7.69 -48.18
N GLY M 11 75.32 -6.48 -48.19
CA GLY M 11 75.97 -5.94 -49.36
C GLY M 11 75.69 -4.46 -49.51
N PHE M 12 75.89 -3.95 -50.72
CA PHE M 12 75.68 -2.54 -51.02
C PHE M 12 75.18 -2.44 -52.45
N ASP M 13 73.98 -1.87 -52.63
CA ASP M 13 73.29 -1.91 -53.91
C ASP M 13 73.56 -0.69 -54.78
N GLY M 14 74.53 0.14 -54.41
CA GLY M 14 74.80 1.38 -55.09
C GLY M 14 74.18 2.60 -54.47
N THR M 15 73.15 2.42 -53.64
CA THR M 15 72.49 3.54 -52.99
C THR M 15 72.48 3.33 -51.49
N ASN M 16 71.89 2.22 -51.05
CA ASN M 16 71.79 1.87 -49.65
C ASN M 16 72.69 0.68 -49.32
N ARG M 17 73.17 0.67 -48.08
CA ARG M 17 73.86 -0.50 -47.57
C ARG M 17 72.82 -1.49 -47.04
N LEU M 18 73.16 -2.77 -47.08
CA LEU M 18 72.17 -3.83 -46.92
C LEU M 18 72.45 -4.67 -45.67
N ASN M 19 71.38 -5.00 -44.94
CA ASN M 19 71.41 -5.98 -43.88
C ASN M 19 70.59 -7.22 -44.19
N SER M 20 70.02 -7.30 -45.40
CA SER M 20 69.19 -8.42 -45.80
C SER M 20 70.03 -9.51 -46.44
N ALA M 21 69.59 -10.75 -46.26
CA ALA M 21 70.27 -11.92 -46.81
C ALA M 21 69.25 -12.79 -47.54
N GLU M 22 69.76 -13.55 -48.52
CA GLU M 22 68.92 -14.44 -49.30
C GLU M 22 69.65 -15.76 -49.49
N CYS M 23 68.86 -16.84 -49.60
CA CYS M 23 69.43 -18.19 -49.81
C CYS M 23 68.95 -18.74 -51.15
N TYR M 24 69.82 -19.46 -51.86
CA TYR M 24 69.45 -20.00 -53.19
C TYR M 24 69.40 -21.51 -53.13
N ARG M 28 66.75 -25.25 -56.27
CA ARG M 28 65.49 -25.48 -57.02
C ARG M 28 65.09 -24.16 -57.72
N ASN M 29 66.07 -23.45 -58.27
CA ASN M 29 65.80 -22.16 -58.96
C ASN M 29 64.91 -21.29 -58.08
N GLU M 30 65.30 -21.09 -56.82
CA GLU M 30 64.52 -20.16 -55.95
C GLU M 30 65.46 -19.35 -55.04
N TRP M 31 65.77 -18.11 -55.41
CA TRP M 31 66.55 -17.23 -54.52
C TRP M 31 65.55 -16.66 -53.54
N ARG M 32 65.47 -17.20 -52.33
CA ARG M 32 64.39 -16.71 -51.41
C ARG M 32 65.02 -15.99 -50.22
N MET M 33 64.45 -14.86 -49.83
CA MET M 33 65.04 -14.05 -48.74
C MET M 33 64.86 -14.75 -47.41
N ILE M 34 65.75 -14.48 -46.47
CA ILE M 34 65.68 -15.07 -45.14
C ILE M 34 65.59 -13.96 -44.10
N THR M 35 65.80 -14.32 -42.83
CA THR M 35 65.82 -13.33 -41.76
C THR M 35 67.02 -12.40 -41.94
N ALA M 36 66.76 -11.11 -42.00
CA ALA M 36 67.84 -10.15 -42.17
C ALA M 36 68.67 -10.05 -40.88
N MET M 37 69.88 -9.52 -41.02
CA MET M 37 70.76 -9.28 -39.89
C MET M 37 70.21 -8.14 -39.03
N ASN M 38 70.78 -8.01 -37.83
CA ASN M 38 70.46 -6.90 -36.94
C ASN M 38 71.27 -5.65 -37.22
N THR M 39 72.30 -5.75 -38.06
CA THR M 39 73.19 -4.64 -38.35
C THR M 39 73.41 -4.59 -39.86
N ILE M 40 73.38 -3.39 -40.42
CA ILE M 40 73.68 -3.20 -41.84
C ILE M 40 75.17 -3.40 -42.07
N ARG M 41 75.52 -4.31 -42.98
CA ARG M 41 76.92 -4.68 -43.23
C ARG M 41 77.17 -4.79 -44.72
N SER M 42 78.11 -4.00 -45.23
CA SER M 42 78.63 -4.16 -46.57
C SER M 42 80.13 -4.40 -46.50
N GLY M 43 80.61 -5.34 -47.31
CA GLY M 43 82.03 -5.65 -47.27
C GLY M 43 82.48 -6.21 -45.94
N ALA M 44 81.70 -7.13 -45.39
CA ALA M 44 82.01 -7.76 -44.11
C ALA M 44 82.61 -9.13 -44.32
N GLY M 45 83.39 -9.58 -43.34
CA GLY M 45 83.87 -10.94 -43.32
C GLY M 45 82.77 -11.92 -42.97
N VAL M 46 82.35 -12.72 -43.94
CA VAL M 46 81.29 -13.69 -43.74
C VAL M 46 81.87 -15.08 -43.98
N CYS M 47 81.65 -15.98 -43.02
CA CYS M 47 82.16 -17.35 -43.10
C CYS M 47 81.15 -18.26 -42.41
N VAL M 48 81.41 -19.56 -42.52
CA VAL M 48 80.56 -20.59 -41.91
C VAL M 48 81.39 -21.36 -40.90
N LEU M 49 80.85 -21.51 -39.68
CA LEU M 49 81.48 -22.28 -38.63
C LEU M 49 80.43 -23.17 -37.99
N ILE M 53 76.24 -19.04 -39.72
CA ILE M 53 76.86 -18.18 -40.71
C ILE M 53 77.26 -16.91 -40.00
N TYR M 54 78.57 -16.71 -39.83
CA TYR M 54 79.04 -15.52 -39.13
C TYR M 54 79.13 -14.33 -40.06
N ALA M 55 78.99 -13.14 -39.49
CA ALA M 55 79.15 -11.88 -40.21
C ALA M 55 79.90 -10.92 -39.30
N ALA M 56 81.18 -10.71 -39.58
CA ALA M 56 82.05 -9.89 -38.77
C ALA M 56 82.42 -8.60 -39.50
N GLY M 57 82.40 -7.49 -38.78
CA GLY M 57 82.79 -6.21 -39.34
C GLY M 57 81.88 -5.76 -40.46
N GLY M 58 82.44 -4.89 -41.30
CA GLY M 58 81.75 -4.32 -42.44
C GLY M 58 81.65 -2.81 -42.33
N TYR M 59 80.84 -2.24 -43.22
CA TYR M 59 80.63 -0.79 -43.28
C TYR M 59 79.16 -0.54 -43.54
N ASP M 60 78.54 0.30 -42.71
CA ASP M 60 77.11 0.59 -42.84
C ASP M 60 76.85 1.96 -43.47
N GLY M 61 77.86 2.55 -44.11
CA GLY M 61 77.71 3.85 -44.73
C GLY M 61 78.07 5.02 -43.85
N GLN M 62 78.38 4.79 -42.58
CA GLN M 62 78.84 5.87 -41.71
C GLN M 62 80.13 5.49 -41.03
N ASP M 63 80.12 4.41 -40.24
CA ASP M 63 81.27 3.99 -39.47
C ASP M 63 81.59 2.53 -39.76
N GLN M 64 82.85 2.17 -39.53
CA GLN M 64 83.28 0.79 -39.63
C GLN M 64 82.86 0.02 -38.38
N LEU M 65 82.52 -1.26 -38.58
CA LEU M 65 81.92 -2.07 -37.53
C LEU M 65 82.91 -3.07 -36.96
N ASN M 66 82.75 -3.37 -35.67
CA ASN M 66 83.46 -4.45 -35.01
C ASN M 66 82.54 -5.53 -34.49
N SER M 67 81.23 -5.31 -34.50
CA SER M 67 80.27 -6.29 -34.03
C SER M 67 80.27 -7.52 -34.92
N VAL M 68 79.98 -8.67 -34.32
CA VAL M 68 79.87 -9.94 -35.02
C VAL M 68 78.55 -10.58 -34.66
N GLU M 69 77.81 -11.04 -35.67
CA GLU M 69 76.58 -11.78 -35.47
C GLU M 69 76.57 -13.03 -36.34
N ARG M 70 75.92 -14.08 -35.85
CA ARG M 70 75.88 -15.36 -36.56
C ARG M 70 74.44 -15.81 -36.71
N TYR M 71 74.18 -16.53 -37.81
CA TYR M 71 72.84 -16.96 -38.20
C TYR M 71 72.71 -18.44 -37.92
N ASP M 72 71.97 -18.78 -36.85
CA ASP M 72 71.58 -20.16 -36.59
C ASP M 72 70.52 -20.56 -37.60
N VAL M 73 70.89 -21.43 -38.55
CA VAL M 73 69.97 -21.80 -39.62
C VAL M 73 68.77 -22.57 -39.07
N GLU M 74 68.94 -23.28 -37.96
CA GLU M 74 67.83 -24.01 -37.37
C GLU M 74 66.84 -23.05 -36.71
N THR M 75 67.31 -22.26 -35.76
CA THR M 75 66.43 -21.32 -35.05
C THR M 75 66.04 -20.12 -35.90
N GLU M 76 66.73 -19.89 -37.03
CA GLU M 76 66.40 -18.80 -37.96
C GLU M 76 66.52 -17.43 -37.29
N THR M 77 67.55 -17.27 -36.46
CA THR M 77 67.81 -16.00 -35.81
C THR M 77 69.25 -15.58 -36.03
N TRP M 78 69.50 -14.28 -35.86
CA TRP M 78 70.85 -13.72 -35.90
C TRP M 78 71.25 -13.34 -34.49
N THR M 79 72.27 -14.01 -33.96
CA THR M 79 72.70 -13.84 -32.58
C THR M 79 74.04 -13.12 -32.54
N PHE M 80 74.14 -12.11 -31.67
CA PHE M 80 75.38 -11.39 -31.49
C PHE M 80 76.35 -12.18 -30.62
N VAL M 81 77.64 -12.08 -30.94
CA VAL M 81 78.69 -12.69 -30.13
C VAL M 81 79.65 -11.61 -29.68
N ALA M 82 80.84 -12.01 -29.24
CA ALA M 82 81.82 -11.05 -28.78
C ALA M 82 82.36 -10.26 -29.97
N PRO M 83 82.41 -8.94 -29.90
CA PRO M 83 82.94 -8.15 -31.01
C PRO M 83 84.46 -8.16 -31.04
N MET M 84 84.99 -7.90 -32.22
CA MET M 84 86.44 -7.85 -32.40
C MET M 84 87.03 -6.64 -31.69
N LYS M 85 88.33 -6.72 -31.41
CA LYS M 85 89.05 -5.63 -30.78
C LYS M 85 89.38 -4.50 -31.74
N HIS M 86 89.05 -4.64 -33.02
CA HIS M 86 89.33 -3.61 -34.01
C HIS M 86 88.17 -3.56 -35.00
N ARG M 87 87.59 -2.37 -35.17
CA ARG M 87 86.63 -2.16 -36.24
C ARG M 87 87.33 -2.32 -37.60
N ARG M 88 86.68 -3.01 -38.52
CA ARG M 88 87.32 -3.23 -39.81
C ARG M 88 86.27 -3.52 -40.87
N SER M 89 86.42 -2.86 -42.01
CA SER M 89 85.72 -3.16 -43.25
C SER M 89 86.73 -3.60 -44.30
N ALA M 90 86.25 -4.33 -45.30
CA ALA M 90 87.10 -4.87 -46.37
C ALA M 90 88.19 -5.77 -45.78
N LEU M 91 87.78 -6.63 -44.86
CA LEU M 91 88.66 -7.57 -44.17
C LEU M 91 88.61 -8.94 -44.83
N GLY M 92 89.70 -9.70 -44.65
CA GLY M 92 89.74 -11.08 -45.12
C GLY M 92 89.26 -12.03 -44.05
N ILE M 93 88.49 -13.05 -44.49
CA ILE M 93 87.84 -13.99 -43.58
C ILE M 93 88.21 -15.41 -43.97
N THR M 94 88.35 -16.27 -42.96
CA THR M 94 88.61 -17.69 -43.18
C THR M 94 88.40 -18.45 -41.88
N VAL M 95 88.07 -19.73 -42.02
CA VAL M 95 87.90 -20.63 -40.89
C VAL M 95 88.95 -21.74 -41.01
N HIS M 96 89.68 -21.99 -39.92
CA HIS M 96 90.72 -23.00 -39.91
C HIS M 96 90.74 -23.68 -38.54
N GLN M 97 90.59 -25.01 -38.55
CA GLN M 97 90.62 -25.82 -37.34
C GLN M 97 89.57 -25.35 -36.32
N GLY M 98 88.36 -25.05 -36.80
CA GLY M 98 87.29 -24.64 -35.93
C GLY M 98 87.40 -23.25 -35.36
N ARG M 99 88.33 -22.43 -35.87
CA ARG M 99 88.49 -21.06 -35.44
C ARG M 99 88.41 -20.13 -36.64
N ILE M 100 87.88 -18.93 -36.41
CA ILE M 100 87.78 -17.92 -37.45
C ILE M 100 89.00 -17.01 -37.38
N TYR M 101 89.46 -16.56 -38.55
CA TYR M 101 90.60 -15.65 -38.65
C TYR M 101 90.21 -14.45 -39.49
N VAL M 102 90.35 -13.26 -38.92
CA VAL M 102 90.17 -11.99 -39.64
C VAL M 102 91.55 -11.40 -39.89
N LEU M 103 91.75 -10.83 -41.07
CA LEU M 103 93.06 -10.29 -41.46
C LEU M 103 92.89 -8.88 -41.99
N GLY M 104 93.49 -7.91 -41.30
CA GLY M 104 93.57 -6.55 -41.81
C GLY M 104 92.20 -5.88 -41.90
N GLY M 105 92.10 -4.96 -42.85
CA GLY M 105 90.91 -4.16 -43.06
C GLY M 105 91.18 -2.69 -42.83
N TYR M 106 90.11 -1.91 -42.85
CA TYR M 106 90.14 -0.48 -42.63
C TYR M 106 89.19 -0.12 -41.49
N ASP M 107 89.70 0.61 -40.50
CA ASP M 107 88.92 1.03 -39.34
C ASP M 107 88.38 2.45 -39.47
N GLY M 108 88.52 3.07 -40.63
CA GLY M 108 88.14 4.45 -40.83
C GLY M 108 89.26 5.45 -40.63
N HIS M 109 90.33 5.05 -39.94
CA HIS M 109 91.51 5.89 -39.76
C HIS M 109 92.76 5.29 -40.38
N THR M 110 93.01 4.00 -40.16
CA THR M 110 94.23 3.35 -40.60
C THR M 110 93.92 2.02 -41.25
N PHE M 111 94.81 1.61 -42.15
CA PHE M 111 94.75 0.27 -42.75
C PHE M 111 95.49 -0.68 -41.83
N LEU M 112 94.76 -1.69 -41.32
CA LEU M 112 95.26 -2.49 -40.22
C LEU M 112 96.19 -3.61 -40.71
N ASP M 113 97.11 -4.00 -39.82
CA ASP M 113 97.89 -5.21 -40.01
C ASP M 113 97.52 -6.27 -38.98
N SER M 114 96.53 -6.01 -38.13
CA SER M 114 96.19 -6.91 -37.04
C SER M 114 95.45 -8.13 -37.56
N VAL M 115 95.70 -9.27 -36.93
CA VAL M 115 95.03 -10.53 -37.25
C VAL M 115 94.46 -11.08 -35.95
N GLU M 116 93.15 -11.26 -35.90
CA GLU M 116 92.47 -11.77 -34.72
C GLU M 116 91.90 -13.15 -34.98
N CYS M 117 91.78 -13.94 -33.91
CA CYS M 117 91.27 -15.30 -33.98
C CYS M 117 90.10 -15.46 -33.02
N TYR M 118 89.04 -16.08 -33.50
CA TYR M 118 87.83 -16.29 -32.70
C TYR M 118 87.74 -17.76 -32.30
N ASP M 119 87.66 -18.01 -31.00
CA ASP M 119 87.41 -19.35 -30.49
C ASP M 119 85.95 -19.45 -30.11
N PRO M 120 85.14 -20.28 -30.79
CA PRO M 120 83.70 -20.31 -30.48
C PRO M 120 83.38 -20.90 -29.13
N ASP M 121 84.23 -21.82 -28.62
CA ASP M 121 83.96 -22.43 -27.33
C ASP M 121 84.16 -21.45 -26.17
N THR M 122 84.89 -20.35 -26.41
CA THR M 122 85.11 -19.35 -25.38
C THR M 122 84.55 -17.99 -25.73
N ASP M 123 84.12 -17.77 -26.99
CA ASP M 123 83.57 -16.49 -27.42
C ASP M 123 84.58 -15.36 -27.17
N THR M 124 85.78 -15.53 -27.72
CA THR M 124 86.88 -14.61 -27.46
C THR M 124 87.63 -14.32 -28.75
N TRP M 125 88.10 -13.08 -28.86
CA TRP M 125 88.99 -12.66 -29.94
C TRP M 125 90.36 -12.38 -29.36
N SER M 126 91.40 -12.83 -30.05
CA SER M 126 92.77 -12.61 -29.61
C SER M 126 93.63 -12.25 -30.81
N GLU M 127 94.47 -11.24 -30.65
CA GLU M 127 95.40 -10.84 -31.71
C GLU M 127 96.52 -11.87 -31.78
N VAL M 128 96.46 -12.74 -32.79
CA VAL M 128 97.40 -13.86 -32.86
C VAL M 128 98.70 -13.46 -33.54
N THR M 129 98.63 -12.68 -34.62
CA THR M 129 99.83 -12.27 -35.35
C THR M 129 99.58 -10.91 -35.98
N ARG M 130 100.49 -10.51 -36.86
CA ARG M 130 100.40 -9.23 -37.55
C ARG M 130 101.02 -9.39 -38.93
N MET M 131 100.36 -8.82 -39.94
CA MET M 131 100.87 -8.88 -41.30
C MET M 131 102.06 -7.95 -41.45
N THR M 132 102.86 -8.19 -42.50
CA THR M 132 104.09 -7.42 -42.67
C THR M 132 103.82 -5.94 -42.87
N SER M 133 102.63 -5.60 -43.39
CA SER M 133 102.25 -4.22 -43.63
C SER M 133 100.73 -4.13 -43.54
N GLY M 134 100.23 -3.03 -42.98
CA GLY M 134 98.81 -2.83 -42.92
C GLY M 134 98.21 -2.76 -44.32
N ARG M 135 97.03 -3.37 -44.48
CA ARG M 135 96.35 -3.36 -45.76
C ARG M 135 94.90 -3.80 -45.58
N SER M 136 94.11 -3.60 -46.64
CA SER M 136 92.70 -3.93 -46.66
C SER M 136 92.36 -4.66 -47.95
N GLY M 137 91.15 -5.20 -48.01
CA GLY M 137 90.69 -5.89 -49.20
C GLY M 137 91.58 -7.04 -49.62
N VAL M 138 92.12 -7.78 -48.67
CA VAL M 138 93.03 -8.87 -48.98
C VAL M 138 92.25 -10.16 -49.15
N GLY M 139 92.76 -11.03 -50.00
CA GLY M 139 92.19 -12.36 -50.18
C GLY M 139 92.87 -13.33 -49.24
N VAL M 140 92.09 -14.21 -48.65
CA VAL M 140 92.59 -15.13 -47.64
C VAL M 140 92.13 -16.53 -48.00
N ALA M 141 93.04 -17.49 -47.94
CA ALA M 141 92.69 -18.88 -48.17
C ALA M 141 93.73 -19.75 -47.48
N VAL M 142 93.30 -20.95 -47.09
CA VAL M 142 94.14 -21.89 -46.35
C VAL M 142 94.27 -23.16 -47.19
N THR M 143 95.51 -23.60 -47.41
CA THR M 143 95.78 -24.79 -48.21
C THR M 143 97.18 -25.34 -47.90
N MET N 4 97.44 -26.18 -44.59
CA MET N 4 98.23 -26.15 -43.34
C MET N 4 98.78 -24.74 -43.11
N LEU N 5 98.84 -23.92 -44.16
CA LEU N 5 99.46 -22.56 -44.03
C LEU N 5 98.45 -21.45 -44.39
N LEU N 6 98.54 -20.30 -43.72
CA LEU N 6 97.65 -19.14 -44.00
C LEU N 6 98.29 -18.23 -45.05
N TYR N 7 97.52 -17.84 -46.06
CA TYR N 7 98.02 -16.97 -47.13
C TYR N 7 97.26 -15.66 -47.14
N ALA N 8 97.98 -14.56 -47.36
CA ALA N 8 97.42 -13.24 -47.51
C ALA N 8 97.72 -12.76 -48.93
N VAL N 9 96.69 -12.62 -49.75
CA VAL N 9 96.83 -12.43 -51.20
C VAL N 9 96.33 -11.04 -51.57
N GLY N 10 97.23 -10.21 -52.12
CA GLY N 10 96.84 -8.92 -52.68
C GLY N 10 96.44 -7.89 -51.64
N GLY N 11 95.54 -6.99 -52.03
CA GLY N 11 95.03 -5.99 -51.13
C GLY N 11 95.35 -4.56 -51.49
N PHE N 12 95.18 -3.66 -50.51
CA PHE N 12 95.33 -2.22 -50.71
C PHE N 12 95.90 -1.63 -49.43
N ASP N 13 97.06 -0.99 -49.52
CA ASP N 13 97.74 -0.46 -48.33
C ASP N 13 97.42 1.02 -48.08
N GLY N 14 96.41 1.56 -48.75
CA GLY N 14 96.07 2.96 -48.65
C GLY N 14 96.68 3.83 -49.73
N THR N 15 97.76 3.37 -50.37
CA THR N 15 98.41 4.11 -51.44
C THR N 15 98.53 3.30 -52.71
N ASN N 16 98.96 2.05 -52.61
CA ASN N 16 99.07 1.15 -53.75
C ASN N 16 98.22 -0.08 -53.50
N ARG N 17 97.60 -0.59 -54.55
CA ARG N 17 97.01 -1.92 -54.49
C ARG N 17 98.10 -2.93 -54.83
N LEU N 18 97.96 -4.14 -54.30
CA LEU N 18 99.05 -5.09 -54.26
C LEU N 18 98.79 -6.28 -55.16
N ASN N 19 99.83 -6.70 -55.88
CA ASN N 19 99.86 -8.01 -56.51
C ASN N 19 100.68 -9.01 -55.71
N SER N 20 101.33 -8.57 -54.64
CA SER N 20 102.14 -9.46 -53.82
C SER N 20 101.27 -10.30 -52.91
N ALA N 21 101.83 -11.42 -52.46
CA ALA N 21 101.18 -12.33 -51.53
C ALA N 21 102.21 -12.85 -50.55
N GLU N 22 101.76 -13.14 -49.34
CA GLU N 22 102.68 -13.63 -48.29
C GLU N 22 102.04 -14.82 -47.55
N CYS N 23 102.87 -15.71 -47.02
CA CYS N 23 102.36 -16.88 -46.26
C CYS N 23 102.88 -16.80 -44.82
N TYR N 24 102.07 -17.24 -43.86
CA TYR N 24 102.48 -17.23 -42.43
C TYR N 24 102.97 -18.61 -42.06
N TYR N 25 104.17 -18.68 -41.48
CA TYR N 25 104.74 -19.98 -41.08
C TYR N 25 104.75 -20.01 -39.57
N PRO N 26 103.71 -20.58 -38.94
CA PRO N 26 103.62 -20.53 -37.47
C PRO N 26 104.93 -20.98 -36.83
N GLU N 27 105.54 -22.04 -37.34
CA GLU N 27 106.86 -22.48 -36.82
C GLU N 27 107.68 -21.26 -36.41
N ARG N 28 107.87 -20.32 -37.32
CA ARG N 28 108.76 -19.17 -37.02
C ARG N 28 107.92 -17.91 -36.78
N ASN N 29 106.61 -18.07 -36.57
CA ASN N 29 105.76 -16.89 -36.24
C ASN N 29 106.28 -15.73 -37.09
N GLU N 30 106.41 -15.96 -38.38
CA GLU N 30 106.80 -14.85 -39.29
C GLU N 30 106.04 -14.98 -40.61
N TRP N 31 105.68 -13.85 -41.21
CA TRP N 31 105.04 -13.90 -42.54
C TRP N 31 106.15 -13.84 -43.57
N ARG N 32 106.11 -14.74 -44.55
CA ARG N 32 107.18 -14.78 -45.58
C ARG N 32 106.57 -14.52 -46.96
N MET N 33 107.19 -13.64 -47.73
CA MET N 33 106.68 -13.31 -49.05
C MET N 33 106.81 -14.50 -49.99
N ILE N 34 105.79 -14.70 -50.84
CA ILE N 34 105.85 -15.73 -51.86
C ILE N 34 105.84 -15.07 -53.23
N THR N 35 105.73 -15.87 -54.29
CA THR N 35 105.64 -15.33 -55.63
C THR N 35 104.41 -14.43 -55.76
N ALA N 36 104.62 -13.24 -56.30
CA ALA N 36 103.48 -12.33 -56.52
C ALA N 36 102.65 -12.83 -57.70
N MET N 37 101.41 -12.36 -57.80
CA MET N 37 100.59 -12.74 -58.97
C MET N 37 100.84 -11.77 -60.12
N ASN N 38 100.35 -12.10 -61.31
CA ASN N 38 100.68 -11.27 -62.49
C ASN N 38 99.92 -9.95 -62.45
N THR N 39 98.72 -9.94 -61.90
CA THR N 39 97.90 -8.73 -61.94
C THR N 39 97.64 -8.23 -60.52
N ILE N 40 97.75 -6.90 -60.35
CA ILE N 40 97.42 -6.29 -59.07
C ILE N 40 95.93 -6.44 -58.80
N ARG N 41 95.60 -6.99 -57.63
CA ARG N 41 94.20 -7.24 -57.26
C ARG N 41 93.95 -6.76 -55.84
N SER N 42 92.94 -5.90 -55.70
CA SER N 42 92.41 -5.54 -54.40
C SER N 42 90.95 -5.97 -54.35
N GLY N 43 90.53 -6.50 -53.20
CA GLY N 43 89.15 -6.93 -53.04
C GLY N 43 88.73 -7.99 -54.02
N ALA N 44 89.60 -8.96 -54.29
CA ALA N 44 89.27 -10.02 -55.22
C ALA N 44 88.69 -11.22 -54.48
N GLY N 45 88.04 -12.10 -55.24
CA GLY N 45 87.57 -13.35 -54.70
C GLY N 45 88.71 -14.34 -54.59
N VAL N 46 88.98 -14.81 -53.37
CA VAL N 46 90.07 -15.74 -53.13
C VAL N 46 89.53 -16.92 -52.35
N CYS N 47 89.80 -18.12 -52.85
CA CYS N 47 89.35 -19.35 -52.21
C CYS N 47 90.35 -20.44 -52.53
N VAL N 48 90.08 -21.64 -52.02
CA VAL N 48 90.94 -22.80 -52.21
C VAL N 48 90.12 -23.92 -52.85
N LEU N 49 90.62 -24.44 -53.97
CA LEU N 49 89.97 -25.52 -54.71
C LEU N 49 91.03 -26.56 -55.01
N HIS N 50 90.82 -27.77 -54.48
CA HIS N 50 91.83 -28.86 -54.60
C HIS N 50 92.93 -28.44 -53.63
N ASN N 51 94.08 -28.00 -54.16
CA ASN N 51 95.11 -27.46 -53.25
C ASN N 51 95.69 -26.24 -53.95
N CYS N 52 94.90 -25.62 -54.83
CA CYS N 52 95.34 -24.41 -55.55
C CYS N 52 94.67 -23.18 -54.93
N ILE N 53 95.32 -22.02 -55.01
CA ILE N 53 94.75 -20.78 -54.48
C ILE N 53 94.21 -20.01 -55.68
N TYR N 54 92.91 -19.75 -55.69
CA TYR N 54 92.30 -19.01 -56.77
C TYR N 54 92.15 -17.54 -56.41
N ALA N 55 92.26 -16.67 -57.42
CA ALA N 55 92.11 -15.24 -57.25
C ALA N 55 91.27 -14.72 -58.41
N ALA N 56 90.02 -14.36 -58.14
CA ALA N 56 89.07 -13.98 -59.17
C ALA N 56 88.72 -12.51 -59.06
N GLY N 57 88.85 -11.79 -60.18
CA GLY N 57 88.41 -10.42 -60.26
C GLY N 57 89.23 -9.50 -59.38
N GLY N 58 88.56 -8.47 -58.85
CA GLY N 58 89.19 -7.48 -58.01
C GLY N 58 89.30 -6.14 -58.72
N TYR N 59 90.06 -5.24 -58.09
CA TYR N 59 90.27 -3.90 -58.59
C TYR N 59 91.77 -3.59 -58.55
N ASP N 60 92.32 -3.08 -59.65
CA ASP N 60 93.75 -2.79 -59.74
C ASP N 60 94.07 -1.31 -59.56
N GLY N 61 93.08 -0.48 -59.25
CA GLY N 61 93.29 0.95 -59.13
C GLY N 61 92.80 1.77 -60.30
N GLN N 62 92.46 1.13 -61.43
CA GLN N 62 91.94 1.86 -62.58
C GLN N 62 90.80 1.09 -63.24
N ASP N 63 90.95 -0.22 -63.35
CA ASP N 63 89.97 -1.04 -64.05
C ASP N 63 89.52 -2.19 -63.16
N GLN N 64 88.24 -2.55 -63.30
CA GLN N 64 87.70 -3.75 -62.67
C GLN N 64 88.13 -4.97 -63.47
N LEU N 65 88.47 -6.05 -62.76
CA LEU N 65 89.10 -7.22 -63.38
C LEU N 65 88.10 -8.35 -63.57
N ASN N 66 88.26 -9.07 -64.68
CA ASN N 66 87.55 -10.32 -64.91
C ASN N 66 88.49 -11.50 -65.04
N SER N 67 89.80 -11.26 -65.03
CA SER N 67 90.77 -12.34 -65.14
C SER N 67 90.86 -13.12 -63.83
N VAL N 68 91.20 -14.40 -63.95
CA VAL N 68 91.30 -15.29 -62.81
C VAL N 68 92.60 -16.07 -62.96
N GLU N 69 93.38 -16.15 -61.88
CA GLU N 69 94.62 -16.91 -61.87
C GLU N 69 94.64 -17.80 -60.63
N ARG N 70 95.42 -18.87 -60.71
CA ARG N 70 95.56 -19.79 -59.59
C ARG N 70 97.03 -20.09 -59.30
N TYR N 71 97.29 -20.38 -58.03
CA TYR N 71 98.63 -20.60 -57.52
C TYR N 71 98.79 -22.07 -57.18
N ASP N 72 99.73 -22.73 -57.86
CA ASP N 72 100.12 -24.11 -57.54
C ASP N 72 101.17 -24.04 -56.43
N VAL N 73 100.81 -24.53 -55.24
CA VAL N 73 101.73 -24.45 -54.11
C VAL N 73 102.95 -25.34 -54.36
N GLU N 74 102.79 -26.40 -55.17
CA GLU N 74 103.94 -27.26 -55.46
C GLU N 74 104.91 -26.58 -56.43
N THR N 75 104.40 -25.88 -57.44
CA THR N 75 105.23 -25.18 -58.41
C THR N 75 105.49 -23.72 -58.05
N GLU N 76 104.74 -23.16 -57.10
CA GLU N 76 104.93 -21.77 -56.67
C GLU N 76 104.79 -20.80 -57.83
N THR N 77 103.81 -21.07 -58.70
CA THR N 77 103.57 -20.27 -59.90
C THR N 77 102.10 -19.86 -59.96
N TRP N 78 101.86 -18.66 -60.49
CA TRP N 78 100.52 -18.16 -60.74
C TRP N 78 100.22 -18.31 -62.22
N THR N 79 99.17 -19.06 -62.55
CA THR N 79 98.77 -19.30 -63.92
C THR N 79 97.36 -18.77 -64.13
N PHE N 80 97.17 -18.03 -65.23
CA PHE N 80 95.85 -17.53 -65.58
C PHE N 80 94.93 -18.66 -66.05
N VAL N 81 93.62 -18.45 -65.88
CA VAL N 81 92.64 -19.41 -66.38
C VAL N 81 91.61 -18.65 -67.21
N ALA N 82 90.54 -19.33 -67.61
CA ALA N 82 89.43 -18.68 -68.30
C ALA N 82 88.92 -17.50 -67.49
N PRO N 83 88.92 -16.29 -68.04
CA PRO N 83 88.37 -15.15 -67.32
C PRO N 83 86.86 -15.23 -67.19
N MET N 84 86.32 -14.35 -66.35
CA MET N 84 84.87 -14.31 -66.16
C MET N 84 84.21 -13.62 -67.33
N LYS N 85 82.88 -13.74 -67.39
CA LYS N 85 82.11 -13.00 -68.39
C LYS N 85 81.91 -11.55 -67.97
N HIS N 86 82.01 -11.24 -66.68
CA HIS N 86 81.80 -9.89 -66.18
C HIS N 86 82.99 -9.50 -65.31
N ARG N 87 83.51 -8.28 -65.54
CA ARG N 87 84.46 -7.71 -64.58
C ARG N 87 83.73 -7.43 -63.27
N ARG N 88 84.43 -7.65 -62.16
CA ARG N 88 83.79 -7.41 -60.87
C ARG N 88 84.85 -7.22 -59.79
N SER N 89 84.62 -6.23 -58.93
CA SER N 89 85.39 -6.01 -57.72
C SER N 89 84.45 -6.07 -56.52
N ALA N 90 85.04 -6.30 -55.34
CA ALA N 90 84.28 -6.45 -54.10
C ALA N 90 83.22 -7.55 -54.24
N LEU N 91 83.61 -8.64 -54.87
CA LEU N 91 82.73 -9.76 -55.11
C LEU N 91 82.82 -10.79 -53.98
N GLY N 92 81.79 -11.63 -53.89
CA GLY N 92 81.76 -12.72 -52.95
C GLY N 92 82.13 -14.02 -53.65
N ILE N 93 82.86 -14.87 -52.95
CA ILE N 93 83.35 -16.12 -53.52
C ILE N 93 83.10 -17.26 -52.53
N THR N 94 82.82 -18.43 -53.10
CA THR N 94 82.63 -19.66 -52.29
C THR N 94 82.89 -20.85 -53.21
N VAL N 95 83.26 -22.01 -52.64
CA VAL N 95 83.44 -23.22 -53.47
C VAL N 95 82.43 -24.29 -53.03
N HIS N 96 81.73 -24.88 -54.00
CA HIS N 96 80.72 -25.93 -53.69
C HIS N 96 80.75 -26.97 -54.82
N GLN N 97 80.47 -28.23 -54.51
CA GLN N 97 80.56 -29.32 -55.52
C GLN N 97 81.85 -29.14 -56.31
N GLY N 98 82.97 -28.92 -55.61
CA GLY N 98 84.25 -28.70 -56.29
C GLY N 98 84.08 -27.77 -57.46
N ARG N 99 83.13 -26.84 -57.36
CA ARG N 99 82.94 -25.82 -58.42
C ARG N 99 83.11 -24.44 -57.77
N ILE N 100 83.31 -23.38 -58.56
CA ILE N 100 83.59 -22.06 -57.94
C ILE N 100 82.37 -21.17 -58.13
N TYR N 101 81.98 -20.46 -57.07
CA TYR N 101 80.75 -19.62 -57.16
C TYR N 101 81.07 -18.19 -56.79
N VAL N 102 80.80 -17.26 -57.72
CA VAL N 102 81.02 -15.84 -57.45
C VAL N 102 79.69 -15.09 -57.59
N LEU N 103 79.46 -14.15 -56.68
CA LEU N 103 78.17 -13.46 -56.56
C LEU N 103 78.36 -11.96 -56.73
N GLY N 104 77.69 -11.39 -57.72
CA GLY N 104 77.56 -9.94 -57.81
C GLY N 104 78.89 -9.24 -57.97
N GLY N 105 78.99 -8.07 -57.35
CA GLY N 105 80.16 -7.22 -57.45
C GLY N 105 79.85 -5.93 -58.18
N TYR N 106 80.91 -5.15 -58.42
CA TYR N 106 80.84 -3.90 -59.13
C TYR N 106 81.73 -3.97 -60.37
N ASP N 107 81.15 -3.72 -61.54
CA ASP N 107 81.83 -3.84 -62.82
C ASP N 107 82.42 -2.52 -63.31
N GLY N 108 82.06 -1.40 -62.69
CA GLY N 108 82.45 -0.09 -63.15
C GLY N 108 81.31 0.79 -63.58
N HIS N 109 80.08 0.26 -63.59
CA HIS N 109 78.92 1.05 -63.98
C HIS N 109 77.67 0.50 -63.31
N THR N 110 77.52 -0.83 -63.28
CA THR N 110 76.35 -1.48 -62.69
C THR N 110 76.78 -2.39 -61.55
N PHE N 111 75.97 -2.43 -60.50
CA PHE N 111 76.16 -3.38 -59.40
C PHE N 111 75.51 -4.69 -59.81
N LEU N 112 76.34 -5.72 -60.02
CA LEU N 112 75.90 -6.90 -60.73
C LEU N 112 74.98 -7.76 -59.88
N ASP N 113 73.97 -8.34 -60.54
CA ASP N 113 73.14 -9.39 -59.95
C ASP N 113 73.52 -10.76 -60.51
N SER N 114 74.61 -10.84 -61.24
CA SER N 114 75.00 -12.08 -61.92
C SER N 114 75.75 -13.00 -60.96
N VAL N 115 75.60 -14.30 -61.20
CA VAL N 115 76.33 -15.33 -60.46
C VAL N 115 76.94 -16.27 -61.47
N GLU N 116 78.26 -16.46 -61.39
CA GLU N 116 78.98 -17.33 -62.30
C GLU N 116 79.48 -18.56 -61.56
N CYS N 117 79.63 -19.66 -62.30
CA CYS N 117 80.15 -20.91 -61.76
C CYS N 117 81.33 -21.37 -62.61
N TYR N 118 82.41 -21.76 -61.95
CA TYR N 118 83.63 -22.22 -62.61
C TYR N 118 83.79 -23.72 -62.42
N ASP N 119 83.96 -24.43 -63.53
CA ASP N 119 84.31 -25.84 -63.49
C ASP N 119 85.81 -25.97 -63.72
N PRO N 120 86.58 -26.48 -62.75
CA PRO N 120 88.03 -26.63 -62.98
C PRO N 120 88.39 -27.69 -64.01
N ASP N 121 87.49 -28.62 -64.31
CA ASP N 121 87.81 -29.69 -65.26
C ASP N 121 87.67 -29.23 -66.71
N THR N 122 86.77 -28.30 -66.99
CA THR N 122 86.56 -27.79 -68.33
C THR N 122 87.08 -26.36 -68.52
N ASP N 123 87.51 -25.69 -67.46
CA ASP N 123 87.99 -24.30 -67.51
C ASP N 123 86.98 -23.40 -68.21
N THR N 124 85.78 -23.37 -67.66
CA THR N 124 84.68 -22.61 -68.25
C THR N 124 83.85 -21.96 -67.15
N TRP N 125 83.46 -20.72 -67.38
CA TRP N 125 82.55 -20.00 -66.49
C TRP N 125 81.15 -20.02 -67.10
N SER N 126 80.14 -20.11 -66.23
CA SER N 126 78.77 -20.16 -66.70
C SER N 126 77.86 -19.43 -65.72
N GLU N 127 77.03 -18.53 -66.25
CA GLU N 127 76.02 -17.86 -65.43
C GLU N 127 74.97 -18.87 -65.02
N VAL N 128 74.73 -19.00 -63.72
CA VAL N 128 73.82 -20.01 -63.19
C VAL N 128 72.53 -19.39 -62.68
N THR N 129 72.61 -18.28 -61.96
CA THR N 129 71.41 -17.65 -61.42
C THR N 129 71.67 -16.15 -61.30
N ARG N 130 70.58 -15.39 -61.26
CA ARG N 130 70.72 -13.94 -61.04
C ARG N 130 70.09 -13.65 -59.68
N MET N 131 70.83 -13.01 -58.78
CA MET N 131 70.30 -12.75 -57.41
C MET N 131 69.14 -11.76 -57.50
N THR N 132 68.33 -11.67 -56.45
CA THR N 132 67.15 -10.78 -56.48
C THR N 132 67.59 -9.36 -56.79
N SER N 133 68.36 -8.76 -55.88
CA SER N 133 68.84 -7.40 -56.05
C SER N 133 70.36 -7.45 -56.18
N GLY N 134 70.86 -6.96 -57.31
CA GLY N 134 72.30 -6.90 -57.49
C GLY N 134 72.94 -6.02 -56.44
N ARG N 135 74.15 -6.40 -56.01
CA ARG N 135 74.84 -5.65 -54.98
C ARG N 135 76.29 -6.11 -54.91
N SER N 136 77.11 -5.26 -54.29
CA SER N 136 78.53 -5.52 -54.07
C SER N 136 78.80 -5.62 -52.59
N GLY N 137 80.01 -6.08 -52.24
CA GLY N 137 80.36 -6.27 -50.85
C GLY N 137 79.60 -7.39 -50.17
N VAL N 138 79.13 -8.37 -50.95
CA VAL N 138 78.36 -9.49 -50.40
C VAL N 138 79.21 -10.33 -49.45
N GLY N 139 78.51 -11.07 -48.59
CA GLY N 139 79.12 -12.10 -47.78
C GLY N 139 78.53 -13.43 -48.17
N VAL N 140 79.36 -14.44 -48.35
CA VAL N 140 78.92 -15.72 -48.88
C VAL N 140 79.29 -16.82 -47.90
N ALA N 141 78.38 -17.78 -47.75
CA ALA N 141 78.59 -18.93 -46.88
C ALA N 141 77.76 -20.08 -47.38
N VAL N 142 78.31 -21.29 -47.32
CA VAL N 142 77.60 -22.50 -47.72
C VAL N 142 77.45 -23.38 -46.49
N THR N 143 76.21 -23.71 -46.16
CA THR N 143 75.91 -24.62 -45.05
C THR N 143 74.44 -25.05 -45.11
#